data_7KRJ
#
_entry.id   7KRJ
#
_cell.length_a   1.00
_cell.length_b   1.00
_cell.length_c   1.00
_cell.angle_alpha   90.00
_cell.angle_beta   90.00
_cell.angle_gamma   90.00
#
_symmetry.space_group_name_H-M   'P 1'
#
loop_
_entity.id
_entity.type
_entity.pdbx_description
1 polymer 'Heat shock protein HSP 90-alpha'
2 polymer 'Prostaglandin E synthase 3'
3 polymer 'Glucocorticoid receptor'
4 non-polymer "ADENOSINE-5'-TRIPHOSPHATE"
5 non-polymer 'MAGNESIUM ION'
6 non-polymer DEXAMETHASONE
#
loop_
_entity_poly.entity_id
_entity_poly.type
_entity_poly.pdbx_seq_one_letter_code
_entity_poly.pdbx_strand_id
1 'polypeptide(L)'
;MPEETQTQDQPMEEEEVETFAFQAEIAQLMSLIINTFYSNKEIFLRELISNSSDALDKIRYESLTDPSKLDSGKELHINL
IPNKQDRTLTIVDTGIGMTKADLINNLGTIAKSGTKAFMEALQAGADISMIGQFGVGFYSAYLVAEKVTVITKHNDDEQY
AWESSAGGSFTVRTDTGEPMGRGTKVILHLKEDQTEYLEERRIKEIVKKHSQFIGYPITLFVEKERDKEVSDDEAEEKED
KEEEKEKEEKESEDKPEIEDVGSDEEEEKKDGDKKKKKKIKEKYIDQEELNKTKPIWTRNPDDITNEEYGEFYKSLTNDW
EDHLAVKHFSVEGQLEFRALLFVPRRAPFDLFENRKKKNNIKLYVRRVFIMDNCEELIPEYLNFIRGVVDSEDLPLNISR
EMLQQSKILKVIRKNLVKKCLELFTELAEDKENYKKFYEQFSKNIKLGIHEDSQNRKKLSELLRYYTSASGDEMVSLKDY
CTRMKENQKHIYYITGETKDQVANSAFVERLRKHGLEVIYMIEPIDEYCVQQLKEFEGKTLVSVTKEGLELPEDEEEKKK
QEEKKTKFENLCKIMKDILEKKVEKVVVSNRLVTSPCCIVTSTYGWTANMERIMKAQALRDNSTMGYMAAKKHLEINPDH
SIIETLRQKAEADKNDKSVKDLVILLYETALLSSGFSLEDPQTHANRIYRMIKLGLGIDEDDPTADDTSAAVTEEMPPLE
GDDDTSRMEEVD
;
A,B
2 'polypeptide(L)'
;MQPASAKWYDRRDYVFIEFCVEDSKDVNVNFEKSKLTFSCLGGSDNFKHLNEIDLFHCIDPNDSKHKRTDRSILCCLRKG
ESGQSWPRLTKERAKLNWLSVDFNNWKDWEDDSDEDMSNFDRFSEMMNNMGGDEDVDLPEVDGADDDSQDSDDEKMPDLE
;
C
3 'polypeptide(L)'
;IVPATLPQLTPTLVSLLEVIEPEVLYAGYDSSVPDSTWRIMTTLNMLGGRQVIAAVKWAKAIPGFRNLHLDDQMTLLQYS
WMSLMAFALGWRSYRQSSANLLCFAPDLIINEQRMTLPCMYDQCKHMLYVSSELHRLQVSYEEYLCMKTLLLLSSVPKDG
LKSQELFDEIRMTYIKELGKAIVKREGNSSQNWQRFYQLTKLLDSMHEVVENLLNYCFQTFLDKTMSIEFPEMLAEIITN
QIPKYSNGNIKKLLFHQK
;
D
#
# COMPACT_ATOMS: atom_id res chain seq x y z
N GLU A 15 63.15 19.84 -0.89
CA GLU A 15 63.02 19.13 -2.15
C GLU A 15 62.18 20.00 -3.10
N GLU A 16 61.96 19.51 -4.34
CA GLU A 16 61.14 20.18 -5.35
C GLU A 16 59.74 19.60 -5.36
N VAL A 17 58.77 20.46 -5.15
CA VAL A 17 57.39 20.04 -5.12
C VAL A 17 56.61 20.83 -6.13
N GLU A 18 55.91 20.15 -7.01
CA GLU A 18 55.15 20.84 -8.02
C GLU A 18 53.74 21.07 -7.58
N THR A 19 53.17 22.21 -7.92
CA THR A 19 51.80 22.50 -7.55
C THR A 19 50.92 22.62 -8.76
N PHE A 20 49.79 21.95 -8.69
CA PHE A 20 48.83 21.88 -9.75
C PHE A 20 47.44 22.29 -9.33
N ALA A 21 46.65 22.75 -10.28
CA ALA A 21 45.25 23.07 -10.03
C ALA A 21 44.34 21.96 -10.52
N PHE A 22 43.16 21.85 -9.95
CA PHE A 22 42.20 20.86 -10.41
C PHE A 22 41.52 21.25 -11.71
N GLN A 23 41.25 20.25 -12.54
CA GLN A 23 40.64 20.41 -13.87
C GLN A 23 39.34 19.62 -14.09
N ALA A 24 38.79 19.74 -15.30
CA ALA A 24 37.64 19.00 -15.85
C ALA A 24 38.01 18.95 -17.34
N GLU A 25 37.58 18.03 -18.24
CA GLU A 25 36.54 16.99 -18.33
C GLU A 25 35.15 17.48 -18.27
N ILE A 26 34.95 18.53 -19.04
CA ILE A 26 33.68 19.13 -19.22
C ILE A 26 32.77 18.17 -19.91
N ALA A 27 33.28 17.45 -20.88
CA ALA A 27 32.40 16.54 -21.58
C ALA A 27 31.81 15.50 -20.66
N GLN A 28 32.58 15.03 -19.70
CA GLN A 28 32.04 14.00 -18.85
C GLN A 28 31.17 14.60 -17.82
N LEU A 29 31.50 15.79 -17.41
CA LEU A 29 30.74 16.44 -16.41
C LEU A 29 29.37 16.74 -16.95
N MET A 30 29.30 17.18 -18.19
CA MET A 30 28.03 17.49 -18.78
C MET A 30 27.20 16.24 -18.85
N SER A 31 27.83 15.13 -19.21
CA SER A 31 27.08 13.90 -19.29
C SER A 31 26.59 13.42 -17.96
N LEU A 32 27.33 13.63 -16.88
CA LEU A 32 26.82 13.20 -15.59
C LEU A 32 25.61 14.01 -15.19
N ILE A 33 25.65 15.29 -15.47
CA ILE A 33 24.54 16.09 -15.04
C ILE A 33 23.30 15.64 -15.75
N ILE A 34 23.42 15.41 -17.04
CA ILE A 34 22.28 15.00 -17.82
C ILE A 34 21.82 13.58 -17.55
N ASN A 35 22.73 12.63 -17.47
CA ASN A 35 22.32 11.24 -17.35
C ASN A 35 22.29 10.61 -15.98
N THR A 36 23.00 11.18 -15.00
CA THR A 36 23.14 10.56 -13.70
C THR A 36 22.50 11.33 -12.55
N PHE A 37 22.45 12.64 -12.63
CA PHE A 37 21.94 13.38 -11.48
C PHE A 37 20.46 13.33 -11.25
N TYR A 38 19.67 13.24 -12.28
CA TYR A 38 18.24 13.31 -12.05
C TYR A 38 17.52 12.06 -12.41
N SER A 39 16.70 11.57 -11.48
CA SER A 39 15.96 10.36 -11.73
C SER A 39 14.66 10.58 -12.47
N ASN A 40 14.10 11.78 -12.36
CA ASN A 40 12.87 12.02 -13.05
C ASN A 40 13.15 13.00 -14.15
N LYS A 41 12.16 13.33 -14.94
CA LYS A 41 12.33 14.30 -15.98
C LYS A 41 11.45 15.48 -15.77
N GLU A 42 10.37 15.32 -15.05
CA GLU A 42 9.39 16.38 -14.94
C GLU A 42 9.98 17.62 -14.30
N ILE A 43 11.01 17.39 -13.56
CA ILE A 43 11.71 18.41 -12.87
C ILE A 43 12.33 19.43 -13.79
N PHE A 44 12.45 19.16 -15.08
CA PHE A 44 13.03 20.19 -15.89
C PHE A 44 12.16 21.42 -15.81
N LEU A 45 10.86 21.24 -15.62
CA LEU A 45 9.98 22.37 -15.56
C LEU A 45 10.13 22.99 -14.23
N ARG A 46 10.28 22.15 -13.22
CA ARG A 46 10.44 22.65 -11.86
C ARG A 46 11.61 23.60 -11.81
N GLU A 47 12.70 23.21 -12.45
CA GLU A 47 13.89 24.00 -12.42
C GLU A 47 13.79 25.27 -13.21
N LEU A 48 13.15 25.23 -14.36
CA LEU A 48 13.09 26.43 -15.14
C LEU A 48 12.17 27.44 -14.49
N ILE A 49 11.11 26.98 -13.86
CA ILE A 49 10.23 27.90 -13.18
C ILE A 49 10.94 28.52 -12.02
N SER A 50 11.70 27.73 -11.28
CA SER A 50 12.41 28.27 -10.15
C SER A 50 13.39 29.33 -10.61
N ASN A 51 14.01 29.15 -11.75
CA ASN A 51 14.95 30.16 -12.20
C ASN A 51 14.24 31.45 -12.50
N SER A 52 13.04 31.36 -13.07
CA SER A 52 12.31 32.57 -13.38
C SER A 52 11.92 33.25 -12.10
N SER A 53 11.55 32.49 -11.10
CA SER A 53 11.18 33.08 -9.86
C SER A 53 12.34 33.90 -9.32
N ASP A 54 13.55 33.36 -9.38
CA ASP A 54 14.66 34.15 -8.88
C ASP A 54 14.86 35.39 -9.70
N ALA A 55 14.69 35.29 -11.00
CA ALA A 55 14.89 36.46 -11.84
C ALA A 55 13.92 37.55 -11.49
N LEU A 56 12.70 37.17 -11.16
CA LEU A 56 11.68 38.11 -10.80
C LEU A 56 11.99 38.71 -9.45
N ASP A 57 12.48 37.92 -8.51
CA ASP A 57 12.77 38.53 -7.24
C ASP A 57 13.90 39.50 -7.37
N LYS A 58 14.89 39.21 -8.20
CA LYS A 58 15.97 40.14 -8.31
C LYS A 58 15.55 41.47 -8.86
N ILE A 59 14.69 41.49 -9.87
CA ILE A 59 14.31 42.79 -10.36
C ILE A 59 13.43 43.48 -9.36
N ARG A 60 12.56 42.75 -8.69
CA ARG A 60 11.70 43.36 -7.74
C ARG A 60 12.51 44.00 -6.66
N TYR A 61 13.51 43.30 -6.19
CA TYR A 61 14.34 43.82 -5.15
C TYR A 61 15.04 45.08 -5.56
N GLU A 62 15.64 45.08 -6.72
CA GLU A 62 16.37 46.27 -7.08
C GLU A 62 15.47 47.48 -7.24
N SER A 63 14.25 47.27 -7.71
CA SER A 63 13.32 48.36 -7.96
C SER A 63 12.92 49.08 -6.70
N LEU A 64 13.21 48.48 -5.54
CA LEU A 64 12.85 49.05 -4.27
C LEU A 64 13.64 50.30 -3.99
N THR A 65 14.86 50.39 -4.52
CA THR A 65 15.64 51.57 -4.26
C THR A 65 15.72 52.41 -5.51
N ASP A 66 15.45 51.79 -6.66
CA ASP A 66 15.49 52.51 -7.92
C ASP A 66 14.35 52.09 -8.82
N PRO A 67 13.20 52.76 -8.72
CA PRO A 67 11.97 52.49 -9.42
C PRO A 67 12.07 52.59 -10.92
N SER A 68 13.12 53.21 -11.45
CA SER A 68 13.21 53.36 -12.90
C SER A 68 13.51 52.02 -13.54
N LYS A 69 13.92 51.07 -12.73
CA LYS A 69 14.27 49.77 -13.25
C LYS A 69 13.06 49.06 -13.81
N LEU A 70 11.87 49.48 -13.42
CA LEU A 70 10.69 48.84 -13.93
C LEU A 70 10.08 49.64 -15.06
N ASP A 71 10.76 50.66 -15.55
CA ASP A 71 10.20 51.42 -16.65
C ASP A 71 10.01 50.54 -17.87
N SER A 72 10.85 49.54 -18.02
CA SER A 72 10.82 48.58 -19.12
C SER A 72 9.65 47.60 -19.04
N GLY A 73 8.92 47.59 -17.92
CA GLY A 73 7.77 46.72 -17.72
C GLY A 73 7.44 46.61 -16.24
N LYS A 74 6.15 46.60 -15.92
CA LYS A 74 5.75 46.56 -14.51
C LYS A 74 5.26 45.22 -14.04
N GLU A 75 4.76 44.42 -14.93
CA GLU A 75 4.23 43.15 -14.54
C GLU A 75 5.34 42.20 -14.23
N LEU A 76 5.20 41.45 -13.16
CA LEU A 76 6.15 40.42 -12.85
C LEU A 76 5.44 39.10 -12.92
N HIS A 77 5.71 38.32 -13.95
CA HIS A 77 4.97 37.08 -14.11
C HIS A 77 5.67 36.07 -14.99
N ILE A 78 5.18 34.84 -14.97
CA ILE A 78 5.71 33.75 -15.76
C ILE A 78 4.71 33.17 -16.73
N ASN A 79 5.08 33.01 -17.99
CA ASN A 79 4.17 32.40 -18.96
C ASN A 79 4.68 31.09 -19.51
N LEU A 80 3.79 30.14 -19.71
CA LEU A 80 4.15 28.87 -20.31
C LEU A 80 3.42 28.72 -21.62
N ILE A 81 4.16 28.54 -22.70
CA ILE A 81 3.55 28.45 -24.00
C ILE A 81 4.00 27.26 -24.82
N PRO A 82 3.32 26.13 -24.79
CA PRO A 82 3.61 24.96 -25.59
C PRO A 82 3.24 25.26 -27.01
N ASN A 83 3.94 24.65 -27.95
CA ASN A 83 3.62 24.78 -29.37
C ASN A 83 3.77 23.45 -30.08
N LYS A 84 2.65 22.85 -30.42
CA LYS A 84 2.69 21.52 -30.99
C LYS A 84 3.05 21.47 -32.45
N GLN A 85 3.15 22.62 -33.09
CA GLN A 85 3.48 22.59 -34.49
C GLN A 85 4.97 22.63 -34.60
N ASP A 86 5.58 23.35 -33.69
CA ASP A 86 7.02 23.49 -33.68
C ASP A 86 7.66 22.39 -32.85
N ARG A 87 6.86 21.77 -32.00
CA ARG A 87 7.28 20.76 -31.07
C ARG A 87 8.30 21.37 -30.13
N THR A 88 7.93 22.55 -29.62
CA THR A 88 8.73 23.30 -28.68
C THR A 88 7.91 23.74 -27.50
N LEU A 89 8.59 24.09 -26.44
CA LEU A 89 7.96 24.66 -25.27
C LEU A 89 8.67 25.90 -24.84
N THR A 90 7.95 26.99 -24.69
CA THR A 90 8.61 28.21 -24.30
C THR A 90 8.20 28.74 -22.95
N ILE A 91 9.19 29.11 -22.17
CA ILE A 91 8.95 29.70 -20.87
C ILE A 91 9.35 31.15 -20.89
N VAL A 92 8.41 32.01 -20.55
CA VAL A 92 8.71 33.43 -20.62
C VAL A 92 8.65 34.13 -19.30
N ASP A 93 9.73 34.77 -18.99
CA ASP A 93 9.93 35.52 -17.79
C ASP A 93 9.97 37.00 -18.05
N THR A 94 9.68 37.78 -17.04
CA THR A 94 9.74 39.23 -17.06
C THR A 94 10.71 39.73 -16.00
N GLY A 95 11.60 38.87 -15.57
CA GLY A 95 12.52 39.19 -14.53
C GLY A 95 13.68 39.99 -15.04
N ILE A 96 14.71 40.05 -14.24
CA ILE A 96 15.85 40.90 -14.50
C ILE A 96 16.63 40.72 -15.80
N GLY A 97 16.66 39.53 -16.37
CA GLY A 97 17.37 39.34 -17.64
C GLY A 97 18.85 39.10 -17.44
N MET A 98 19.60 39.07 -18.53
CA MET A 98 21.03 38.79 -18.47
C MET A 98 21.76 39.66 -19.48
N THR A 99 22.98 40.07 -19.18
CA THR A 99 23.75 40.84 -20.16
C THR A 99 24.57 39.86 -20.97
N LYS A 100 25.21 40.30 -22.05
CA LYS A 100 25.98 39.34 -22.84
C LYS A 100 26.97 38.60 -21.97
N ALA A 101 27.59 39.34 -21.08
CA ALA A 101 28.59 38.79 -20.17
C ALA A 101 28.01 37.74 -19.28
N ASP A 102 26.75 37.85 -18.92
CA ASP A 102 26.17 36.91 -18.02
C ASP A 102 25.73 35.70 -18.79
N LEU A 103 25.31 35.88 -20.02
CA LEU A 103 24.93 34.67 -20.71
C LEU A 103 26.12 33.78 -20.80
N ILE A 104 27.25 34.38 -21.08
CA ILE A 104 28.42 33.59 -21.19
C ILE A 104 28.87 33.06 -19.85
N ASN A 105 28.97 33.88 -18.84
CA ASN A 105 29.48 33.37 -17.60
C ASN A 105 28.54 32.47 -16.83
N ASN A 106 27.26 32.72 -16.86
CA ASN A 106 26.35 31.93 -16.08
C ASN A 106 25.84 30.70 -16.77
N LEU A 107 25.67 30.73 -18.09
CA LEU A 107 25.16 29.53 -18.70
C LEU A 107 26.30 28.72 -19.25
N GLY A 108 27.44 29.36 -19.49
CA GLY A 108 28.54 28.65 -20.08
C GLY A 108 29.44 28.01 -19.07
N THR A 109 29.18 28.23 -17.79
CA THR A 109 30.04 27.66 -16.78
C THR A 109 29.26 26.78 -15.87
N ILE A 110 29.70 25.55 -15.78
CA ILE A 110 29.04 24.60 -14.95
C ILE A 110 29.34 24.87 -13.51
N ALA A 111 28.29 24.91 -12.70
CA ALA A 111 28.33 25.17 -11.29
C ALA A 111 28.64 26.60 -10.95
N LYS A 112 28.49 27.49 -11.91
CA LYS A 112 28.57 28.89 -11.60
C LYS A 112 27.18 29.29 -11.17
N SER A 113 27.03 30.11 -10.15
CA SER A 113 25.68 30.53 -9.80
C SER A 113 25.55 31.99 -9.52
N GLY A 114 24.78 32.64 -10.37
CA GLY A 114 24.55 34.05 -10.28
C GLY A 114 23.65 34.34 -9.11
N THR A 115 22.71 33.44 -8.86
CA THR A 115 21.79 33.63 -7.77
C THR A 115 22.56 33.63 -6.48
N LYS A 116 23.48 32.69 -6.36
CA LYS A 116 24.26 32.64 -5.16
C LYS A 116 25.07 33.89 -4.98
N ALA A 117 25.72 34.35 -6.04
CA ALA A 117 26.53 35.53 -5.91
C ALA A 117 25.71 36.74 -5.53
N PHE A 118 24.53 36.83 -6.08
CA PHE A 118 23.67 37.95 -5.81
C PHE A 118 23.42 37.97 -4.34
N MET A 119 23.05 36.82 -3.77
CA MET A 119 22.74 36.80 -2.35
C MET A 119 23.92 37.17 -1.51
N GLU A 120 25.11 36.74 -1.89
CA GLU A 120 26.28 37.04 -1.09
C GLU A 120 26.54 38.52 -1.06
N ALA A 121 26.24 39.20 -2.15
CA ALA A 121 26.47 40.61 -2.27
C ALA A 121 25.42 41.47 -1.58
N LEU A 122 24.38 40.87 -1.04
CA LEU A 122 23.35 41.66 -0.40
C LEU A 122 23.67 42.01 1.00
N GLN A 123 23.14 43.12 1.41
CA GLN A 123 23.25 43.52 2.79
C GLN A 123 22.15 42.88 3.59
N ALA A 124 22.53 42.16 4.62
CA ALA A 124 21.56 41.55 5.51
C ALA A 124 20.90 42.64 6.34
N GLY A 125 19.63 42.48 6.75
CA GLY A 125 18.73 41.37 6.47
C GLY A 125 17.79 41.58 5.31
N ALA A 126 18.28 41.85 4.10
CA ALA A 126 17.36 42.03 2.98
C ALA A 126 16.42 40.85 2.95
N ASP A 127 15.13 41.12 2.79
CA ASP A 127 14.13 40.07 2.80
C ASP A 127 13.88 39.42 1.47
N ILE A 128 14.92 38.84 0.98
CA ILE A 128 14.91 38.13 -0.27
C ILE A 128 15.49 36.77 -0.06
N SER A 129 14.80 35.77 -0.51
CA SER A 129 15.28 34.43 -0.37
C SER A 129 15.08 33.70 -1.66
N MET A 130 16.17 33.42 -2.32
CA MET A 130 16.12 32.82 -3.64
C MET A 130 16.39 31.36 -3.66
N ILE A 131 15.98 30.70 -4.72
CA ILE A 131 16.13 29.29 -4.80
C ILE A 131 17.23 28.92 -5.75
N GLY A 132 18.38 28.56 -5.25
CA GLY A 132 19.45 28.26 -6.17
C GLY A 132 20.80 28.53 -5.59
N GLN A 133 21.66 27.53 -5.70
CA GLN A 133 22.99 27.59 -5.18
C GLN A 133 23.98 26.87 -6.04
N PHE A 134 23.53 25.77 -6.62
CA PHE A 134 24.45 24.81 -7.20
C PHE A 134 25.01 25.19 -8.55
N GLY A 135 24.22 25.80 -9.39
CA GLY A 135 24.66 26.18 -10.73
C GLY A 135 24.55 25.10 -11.80
N VAL A 136 23.76 24.05 -11.58
CA VAL A 136 23.66 23.03 -12.60
C VAL A 136 22.24 22.73 -13.12
N GLY A 137 21.23 23.25 -12.48
CA GLY A 137 19.84 22.93 -12.80
C GLY A 137 19.43 23.27 -14.22
N PHE A 138 19.99 24.29 -14.79
CA PHE A 138 19.67 24.68 -16.13
C PHE A 138 19.84 23.57 -17.09
N TYR A 139 20.85 22.74 -16.89
CA TYR A 139 21.18 21.74 -17.84
C TYR A 139 20.24 20.57 -17.79
N SER A 140 19.28 20.61 -16.87
CA SER A 140 18.27 19.57 -16.78
C SER A 140 17.36 19.74 -17.99
N ALA A 141 17.48 20.87 -18.67
CA ALA A 141 16.73 21.14 -19.86
C ALA A 141 16.99 20.09 -20.91
N TYR A 142 18.19 19.51 -20.88
CA TYR A 142 18.57 18.58 -21.90
C TYR A 142 18.10 17.19 -21.60
N LEU A 143 17.28 17.06 -20.58
CA LEU A 143 16.69 15.80 -20.34
C LEU A 143 15.58 15.61 -21.37
N VAL A 144 14.97 16.71 -21.84
CA VAL A 144 13.89 16.61 -22.81
C VAL A 144 14.19 17.25 -24.17
N ALA A 145 15.22 18.09 -24.24
CA ALA A 145 15.70 18.76 -25.46
C ALA A 145 16.97 17.99 -25.89
N GLU A 146 17.58 18.05 -27.11
CA GLU A 146 17.44 18.89 -28.30
C GLU A 146 17.94 20.25 -28.00
N LYS A 147 17.83 21.14 -28.93
CA LYS A 147 18.36 22.44 -28.74
C LYS A 147 17.64 23.24 -27.71
N VAL A 148 18.39 24.09 -27.03
CA VAL A 148 17.83 25.05 -26.13
C VAL A 148 18.27 26.43 -26.55
N THR A 149 17.31 27.32 -26.71
CA THR A 149 17.60 28.69 -27.11
C THR A 149 17.15 29.66 -26.05
N VAL A 150 18.01 30.55 -25.66
CA VAL A 150 17.64 31.50 -24.63
C VAL A 150 17.75 32.93 -25.11
N ILE A 151 16.67 33.67 -24.99
CA ILE A 151 16.71 35.04 -25.43
C ILE A 151 16.66 35.93 -24.23
N THR A 152 17.57 36.85 -24.09
CA THR A 152 17.48 37.74 -22.93
C THR A 152 17.58 39.18 -23.26
N LYS A 153 16.98 39.95 -22.40
CA LYS A 153 17.07 41.37 -22.46
C LYS A 153 17.22 41.93 -21.06
N HIS A 154 18.32 42.60 -20.85
CA HIS A 154 18.63 43.19 -19.57
C HIS A 154 18.52 44.68 -19.71
N ASN A 155 18.20 45.41 -18.67
CA ASN A 155 18.07 46.84 -18.84
C ASN A 155 19.33 47.52 -19.33
N ASP A 156 20.49 46.98 -19.03
CA ASP A 156 21.73 47.61 -19.41
C ASP A 156 22.34 47.08 -20.69
N ASP A 157 21.63 46.24 -21.45
CA ASP A 157 22.25 45.71 -22.66
C ASP A 157 21.24 45.42 -23.78
N GLU A 158 21.77 44.97 -24.89
CA GLU A 158 21.06 44.58 -26.10
C GLU A 158 20.41 43.22 -25.96
N GLN A 159 19.41 42.95 -26.76
CA GLN A 159 18.81 41.65 -26.70
C GLN A 159 19.71 40.64 -27.40
N TYR A 160 20.01 39.54 -26.72
CA TYR A 160 20.89 38.49 -27.25
C TYR A 160 20.29 37.12 -27.22
N ALA A 161 20.72 36.29 -28.13
CA ALA A 161 20.30 34.91 -28.19
C ALA A 161 21.44 33.94 -27.95
N TRP A 162 21.25 33.07 -26.98
CA TRP A 162 22.19 32.03 -26.62
C TRP A 162 21.68 30.74 -27.18
N GLU A 163 22.53 29.91 -27.72
CA GLU A 163 22.04 28.65 -28.23
C GLU A 163 22.98 27.48 -28.04
N SER A 164 22.44 26.35 -27.60
CA SER A 164 23.26 25.16 -27.45
C SER A 164 22.49 23.89 -27.47
N SER A 165 23.13 22.84 -27.95
CA SER A 165 22.59 21.50 -27.95
C SER A 165 23.42 20.58 -27.07
N ALA A 166 24.21 21.20 -26.21
CA ALA A 166 25.12 20.55 -25.26
C ALA A 166 26.15 19.66 -25.93
N GLY A 167 26.72 20.15 -27.02
CA GLY A 167 27.75 19.45 -27.78
C GLY A 167 29.17 19.86 -27.42
N GLY A 168 29.36 20.49 -26.27
CA GLY A 168 30.67 20.94 -25.83
C GLY A 168 30.91 22.42 -26.04
N SER A 169 30.04 23.05 -26.80
CA SER A 169 30.15 24.46 -27.08
C SER A 169 28.78 25.07 -27.21
N PHE A 170 28.74 26.39 -27.21
CA PHE A 170 27.51 27.12 -27.35
C PHE A 170 27.77 28.40 -28.08
N THR A 171 26.73 29.00 -28.64
CA THR A 171 26.95 30.25 -29.31
C THR A 171 26.14 31.40 -28.81
N VAL A 172 26.64 32.59 -29.09
CA VAL A 172 25.93 33.80 -28.75
C VAL A 172 25.87 34.75 -29.93
N ARG A 173 24.70 35.24 -30.23
CA ARG A 173 24.56 36.21 -31.29
C ARG A 173 23.63 37.31 -30.84
N THR A 174 23.75 38.48 -31.41
CA THR A 174 22.81 39.55 -31.09
C THR A 174 21.50 39.15 -31.70
N ASP A 175 20.41 39.29 -30.96
CA ASP A 175 19.13 38.90 -31.52
C ASP A 175 18.67 39.94 -32.51
N THR A 176 17.82 39.50 -33.42
CA THR A 176 17.23 40.33 -34.44
C THR A 176 15.71 40.35 -34.42
N GLY A 177 15.10 39.53 -33.59
CA GLY A 177 13.65 39.41 -33.61
C GLY A 177 12.92 40.38 -32.69
N GLU A 178 11.66 40.04 -32.40
CA GLU A 178 10.80 40.87 -31.60
C GLU A 178 11.45 41.20 -30.25
N PRO A 179 11.49 42.47 -29.82
CA PRO A 179 12.06 42.89 -28.56
C PRO A 179 11.22 42.43 -27.42
N MET A 180 11.85 42.10 -26.31
CA MET A 180 11.10 41.74 -25.12
C MET A 180 10.95 42.84 -24.09
N GLY A 181 11.57 43.97 -24.30
CA GLY A 181 11.50 45.01 -23.29
C GLY A 181 12.50 44.70 -22.19
N ARG A 182 12.10 43.79 -21.33
CA ARG A 182 12.91 43.23 -20.25
C ARG A 182 12.50 41.79 -20.07
N GLY A 183 13.44 40.88 -19.87
CA GLY A 183 13.01 39.52 -19.58
C GLY A 183 13.88 38.42 -20.14
N THR A 184 13.40 37.20 -19.99
CA THR A 184 14.09 36.01 -20.46
C THR A 184 13.13 35.05 -21.13
N LYS A 185 13.51 34.54 -22.26
CA LYS A 185 12.70 33.54 -22.91
C LYS A 185 13.47 32.27 -23.13
N VAL A 186 13.00 31.18 -22.59
CA VAL A 186 13.70 29.92 -22.77
C VAL A 186 12.92 29.01 -23.64
N ILE A 187 13.51 28.63 -24.74
CA ILE A 187 12.84 27.78 -25.69
C ILE A 187 13.44 26.42 -25.73
N LEU A 188 12.65 25.44 -25.42
CA LEU A 188 13.13 24.10 -25.46
C LEU A 188 12.64 23.44 -26.68
N HIS A 189 13.51 22.93 -27.49
CA HIS A 189 13.05 22.19 -28.61
C HIS A 189 12.88 20.86 -27.99
N LEU A 190 11.89 20.10 -28.37
CA LEU A 190 11.79 18.81 -27.72
C LEU A 190 12.18 17.69 -28.60
N LYS A 191 12.64 16.63 -27.96
CA LYS A 191 12.95 15.39 -28.60
C LYS A 191 11.66 14.83 -29.13
N GLU A 192 11.77 14.00 -30.14
CA GLU A 192 10.59 13.45 -30.80
C GLU A 192 9.66 12.69 -29.90
N ASP A 193 10.16 12.02 -28.89
CA ASP A 193 9.30 11.23 -28.03
C ASP A 193 8.98 11.88 -26.70
N GLN A 194 9.20 13.18 -26.58
CA GLN A 194 8.93 13.89 -25.33
C GLN A 194 7.77 14.83 -25.46
N THR A 195 6.90 14.58 -26.40
CA THR A 195 5.80 15.47 -26.73
C THR A 195 4.72 15.49 -25.70
N GLU A 196 4.76 14.61 -24.73
CA GLU A 196 3.80 14.62 -23.66
C GLU A 196 3.93 15.90 -22.86
N TYR A 197 5.07 16.56 -22.95
CA TYR A 197 5.23 17.73 -22.15
C TYR A 197 4.63 18.94 -22.79
N LEU A 198 4.00 18.77 -23.95
CA LEU A 198 3.31 19.84 -24.60
C LEU A 198 1.83 19.76 -24.32
N GLU A 199 1.40 18.81 -23.49
CA GLU A 199 -0.01 18.67 -23.23
C GLU A 199 -0.45 19.57 -22.11
N GLU A 200 -1.66 20.09 -22.22
CA GLU A 200 -2.21 20.93 -21.17
C GLU A 200 -2.31 20.20 -19.86
N ARG A 201 -2.80 18.99 -19.93
CA ARG A 201 -2.98 18.23 -18.72
C ARG A 201 -1.69 17.95 -18.03
N ARG A 202 -0.69 17.58 -18.79
CA ARG A 202 0.54 17.19 -18.17
C ARG A 202 1.22 18.39 -17.55
N ILE A 203 1.16 19.52 -18.20
CA ILE A 203 1.80 20.67 -17.62
C ILE A 203 1.12 21.01 -16.34
N LYS A 204 -0.19 21.02 -16.32
CA LYS A 204 -0.83 21.38 -15.08
C LYS A 204 -0.48 20.46 -13.95
N GLU A 205 -0.37 19.16 -14.21
CA GLU A 205 -0.05 18.25 -13.14
C GLU A 205 1.30 18.54 -12.54
N ILE A 206 2.27 18.85 -13.39
CA ILE A 206 3.60 19.09 -12.91
C ILE A 206 3.69 20.37 -12.16
N VAL A 207 3.09 21.42 -12.67
CA VAL A 207 3.23 22.66 -11.97
C VAL A 207 2.57 22.55 -10.64
N LYS A 208 1.37 22.00 -10.59
CA LYS A 208 0.74 21.92 -9.31
C LYS A 208 1.54 21.12 -8.32
N LYS A 209 2.10 20.01 -8.74
CA LYS A 209 2.86 19.21 -7.82
C LYS A 209 4.06 19.90 -7.23
N HIS A 210 4.83 20.58 -8.06
CA HIS A 210 6.06 21.15 -7.57
C HIS A 210 6.12 22.63 -7.26
N SER A 211 5.43 23.43 -8.03
CA SER A 211 5.56 24.86 -7.97
C SER A 211 4.31 25.65 -7.68
N GLN A 212 3.32 25.07 -7.04
CA GLN A 212 2.10 25.83 -6.83
C GLN A 212 2.25 27.01 -5.89
N PHE A 213 3.32 27.08 -5.13
CA PHE A 213 3.46 28.20 -4.22
C PHE A 213 4.52 29.20 -4.63
N ILE A 214 4.85 29.23 -5.89
CA ILE A 214 5.76 30.25 -6.37
C ILE A 214 5.00 31.57 -6.30
N GLY A 215 5.66 32.58 -5.78
CA GLY A 215 5.06 33.89 -5.54
C GLY A 215 4.62 34.73 -6.74
N TYR A 216 5.02 34.37 -7.93
CA TYR A 216 4.61 35.13 -9.09
C TYR A 216 3.60 34.32 -9.83
N PRO A 217 2.59 34.91 -10.45
CA PRO A 217 1.58 34.19 -11.18
C PRO A 217 2.12 33.52 -12.40
N ILE A 218 1.67 32.31 -12.64
CA ILE A 218 2.04 31.51 -13.78
C ILE A 218 0.85 31.29 -14.69
N THR A 219 0.97 31.69 -15.94
CA THR A 219 -0.14 31.53 -16.87
C THR A 219 0.18 30.60 -18.01
N LEU A 220 -0.69 29.64 -18.22
CA LEU A 220 -0.56 28.67 -19.29
C LEU A 220 -1.43 29.04 -20.49
N PHE A 221 -0.80 29.12 -21.66
CA PHE A 221 -1.41 29.53 -22.91
C PHE A 221 -1.71 28.40 -23.87
N VAL A 222 -2.95 27.99 -23.98
CA VAL A 222 -3.29 26.83 -24.81
C VAL A 222 -4.30 27.10 -25.90
N GLU A 223 -3.98 26.71 -27.13
CA GLU A 223 -4.92 26.92 -28.21
C GLU A 223 -6.10 25.98 -28.13
N LYS A 224 -7.30 26.55 -28.28
CA LYS A 224 -8.56 25.83 -28.25
C LYS A 224 -9.51 26.36 -29.32
N GLU A 225 -10.51 25.53 -29.76
CA GLU A 225 -11.56 25.91 -30.71
C GLU A 225 -12.50 26.97 -30.09
N LYS A 283 -10.92 29.09 -31.90
CA LYS A 283 -9.63 29.25 -32.56
C LYS A 283 -8.90 30.44 -31.87
N TYR A 284 -8.59 30.27 -30.57
CA TYR A 284 -8.04 31.29 -29.66
C TYR A 284 -7.14 30.69 -28.63
N ILE A 285 -6.38 31.53 -27.94
CA ILE A 285 -5.54 31.01 -26.89
C ILE A 285 -6.14 31.24 -25.53
N ASP A 286 -6.35 30.16 -24.82
CA ASP A 286 -6.95 30.15 -23.51
C ASP A 286 -5.88 30.44 -22.47
N GLN A 287 -5.99 31.54 -21.74
CA GLN A 287 -4.96 31.93 -20.78
C GLN A 287 -5.38 31.63 -19.35
N GLU A 288 -4.80 30.59 -18.77
CA GLU A 288 -5.20 30.17 -17.43
C GLU A 288 -4.13 30.28 -16.37
N GLU A 289 -4.44 30.98 -15.27
CA GLU A 289 -3.50 31.10 -14.16
C GLU A 289 -3.52 29.82 -13.36
N LEU A 290 -2.37 29.31 -13.00
CA LEU A 290 -2.35 28.06 -12.26
C LEU A 290 -2.18 28.21 -10.76
N ASN A 291 -1.26 29.03 -10.33
CA ASN A 291 -0.95 29.21 -8.93
C ASN A 291 -1.76 30.30 -8.30
N LYS A 292 -3.05 30.03 -8.16
CA LYS A 292 -3.96 31.04 -7.63
C LYS A 292 -3.96 31.17 -6.12
N THR A 293 -3.60 30.12 -5.40
CA THR A 293 -3.61 30.13 -3.94
C THR A 293 -2.27 30.54 -3.40
N LYS A 294 -2.28 31.52 -2.51
CA LYS A 294 -1.04 32.00 -1.93
C LYS A 294 -0.70 31.11 -0.76
N PRO A 295 0.57 30.93 -0.41
CA PRO A 295 0.95 30.27 0.79
C PRO A 295 0.54 31.24 1.85
N ILE A 296 0.02 30.78 2.97
CA ILE A 296 -0.33 31.74 4.00
C ILE A 296 0.42 31.46 5.23
N TRP A 297 1.26 30.47 5.20
CA TRP A 297 1.92 30.08 6.42
C TRP A 297 3.04 31.00 6.77
N THR A 298 3.32 31.90 5.85
CA THR A 298 4.37 32.86 5.92
C THR A 298 3.89 34.11 6.63
N ARG A 299 2.59 34.20 6.85
CA ARG A 299 2.00 35.34 7.49
C ARG A 299 2.04 35.17 8.99
N ASN A 300 2.00 36.27 9.72
CA ASN A 300 1.93 36.19 11.15
C ASN A 300 0.60 35.57 11.52
N PRO A 301 0.54 34.52 12.33
CA PRO A 301 -0.66 33.83 12.72
C PRO A 301 -1.76 34.72 13.27
N ASP A 302 -1.41 35.82 13.88
CA ASP A 302 -2.43 36.65 14.49
C ASP A 302 -3.20 37.46 13.50
N ASP A 303 -2.73 37.52 12.28
CA ASP A 303 -3.38 38.29 11.27
C ASP A 303 -4.22 37.44 10.36
N ILE A 304 -4.35 36.16 10.65
CA ILE A 304 -5.09 35.31 9.74
C ILE A 304 -6.42 34.96 10.37
N THR A 305 -7.49 35.19 9.65
CA THR A 305 -8.80 34.92 10.17
C THR A 305 -9.12 33.46 9.98
N ASN A 306 -10.17 32.97 10.63
CA ASN A 306 -10.47 31.57 10.43
C ASN A 306 -10.96 31.32 9.03
N GLU A 307 -11.60 32.30 8.43
CA GLU A 307 -12.10 32.13 7.09
C GLU A 307 -10.96 31.98 6.13
N GLU A 308 -9.90 32.73 6.34
CA GLU A 308 -8.75 32.62 5.48
C GLU A 308 -8.11 31.26 5.61
N TYR A 309 -8.05 30.73 6.82
CA TYR A 309 -7.48 29.41 6.97
C TYR A 309 -8.36 28.43 6.27
N GLY A 310 -9.66 28.64 6.35
CA GLY A 310 -10.63 27.77 5.74
C GLY A 310 -10.44 27.70 4.25
N GLU A 311 -10.31 28.84 3.60
CA GLU A 311 -10.17 28.77 2.16
C GLU A 311 -8.87 28.15 1.76
N PHE A 312 -7.80 28.43 2.50
CA PHE A 312 -6.54 27.84 2.16
C PHE A 312 -6.65 26.35 2.26
N TYR A 313 -7.22 25.88 3.36
CA TYR A 313 -7.39 24.50 3.62
C TYR A 313 -8.14 23.80 2.54
N LYS A 314 -9.27 24.35 2.14
CA LYS A 314 -10.06 23.71 1.12
C LYS A 314 -9.31 23.64 -0.18
N SER A 315 -8.58 24.69 -0.51
CA SER A 315 -7.84 24.66 -1.74
C SER A 315 -6.81 23.55 -1.72
N LEU A 316 -6.13 23.41 -0.60
CA LEU A 316 -5.11 22.42 -0.42
C LEU A 316 -5.60 20.98 -0.42
N THR A 317 -6.74 20.72 0.23
CA THR A 317 -7.21 19.35 0.36
C THR A 317 -8.36 18.95 -0.55
N ASN A 318 -9.03 19.90 -1.17
CA ASN A 318 -10.22 19.71 -1.97
C ASN A 318 -11.42 19.27 -1.18
N ASP A 319 -11.42 19.58 0.10
CA ASP A 319 -12.58 19.33 0.91
C ASP A 319 -13.65 20.31 0.54
N TRP A 320 -14.88 19.93 0.78
CA TRP A 320 -15.98 20.83 0.53
C TRP A 320 -16.36 21.61 1.76
N GLU A 321 -15.65 21.36 2.85
CA GLU A 321 -15.91 22.03 4.10
C GLU A 321 -14.63 22.35 4.82
N ASP A 322 -14.71 23.32 5.71
CA ASP A 322 -13.62 23.84 6.52
C ASP A 322 -13.08 22.86 7.52
N HIS A 323 -11.88 23.11 7.96
CA HIS A 323 -11.21 22.32 8.95
C HIS A 323 -11.88 22.43 10.29
N LEU A 324 -11.70 21.41 11.11
CA LEU A 324 -12.21 21.41 12.44
C LEU A 324 -11.33 22.24 13.34
N ALA A 325 -10.03 22.10 13.16
CA ALA A 325 -9.10 22.84 13.98
C ALA A 325 -7.80 23.10 13.27
N VAL A 326 -7.13 24.19 13.62
CA VAL A 326 -5.84 24.50 13.03
C VAL A 326 -4.82 25.01 14.02
N LYS A 327 -3.58 24.57 13.85
CA LYS A 327 -2.47 25.08 14.62
C LYS A 327 -1.38 25.62 13.71
N HIS A 328 -1.04 26.88 13.90
CA HIS A 328 -0.05 27.57 13.08
C HIS A 328 1.08 28.01 13.97
N PHE A 329 2.27 27.53 13.71
CA PHE A 329 3.38 27.86 14.59
C PHE A 329 4.70 27.88 13.89
N SER A 330 5.71 28.38 14.59
CA SER A 330 7.03 28.37 14.02
C SER A 330 8.07 28.00 15.06
N VAL A 331 9.19 27.53 14.56
CA VAL A 331 10.33 27.12 15.33
C VAL A 331 11.54 27.91 14.92
N GLU A 332 12.20 28.51 15.88
CA GLU A 332 13.40 29.30 15.64
C GLU A 332 14.59 28.60 16.27
N GLY A 333 15.79 28.85 15.76
CA GLY A 333 16.97 28.18 16.32
C GLY A 333 17.93 27.76 15.23
N GLN A 334 18.76 26.75 15.51
CA GLN A 334 19.70 26.30 14.50
C GLN A 334 18.95 25.61 13.36
N LEU A 335 17.72 25.23 13.66
CA LEU A 335 16.82 24.63 12.73
C LEU A 335 15.58 25.46 12.75
N GLU A 336 15.17 25.97 11.61
CA GLU A 336 13.99 26.79 11.63
C GLU A 336 12.99 26.35 10.63
N PHE A 337 11.74 26.49 10.99
CA PHE A 337 10.67 26.18 10.08
C PHE A 337 9.36 26.78 10.52
N ARG A 338 8.42 26.79 9.62
CA ARG A 338 7.08 27.21 9.94
C ARG A 338 6.16 26.10 9.55
N ALA A 339 5.03 25.96 10.23
CA ALA A 339 4.12 24.91 9.81
C ALA A 339 2.66 25.16 10.11
N LEU A 340 1.82 24.55 9.28
CA LEU A 340 0.37 24.55 9.45
C LEU A 340 -0.15 23.17 9.52
N LEU A 341 -0.85 22.91 10.60
CA LEU A 341 -1.43 21.61 10.79
C LEU A 341 -2.92 21.72 10.91
N PHE A 342 -3.63 20.98 10.09
CA PHE A 342 -5.06 21.01 10.12
C PHE A 342 -5.69 19.69 10.47
N VAL A 343 -6.75 19.78 11.24
CA VAL A 343 -7.56 18.65 11.59
C VAL A 343 -8.84 18.72 10.79
N PRO A 344 -9.14 17.73 9.94
CA PRO A 344 -10.29 17.65 9.10
C PRO A 344 -11.51 17.35 9.91
N ARG A 345 -12.68 17.65 9.39
CA ARG A 345 -13.90 17.35 10.11
C ARG A 345 -14.35 15.92 10.02
N ARG A 346 -13.84 15.20 9.07
CA ARG A 346 -14.23 13.83 8.90
C ARG A 346 -13.01 12.99 8.70
N ALA A 347 -12.99 11.82 9.28
CA ALA A 347 -11.89 10.95 9.00
C ALA A 347 -12.08 10.52 7.58
N PRO A 348 -11.03 10.40 6.78
CA PRO A 348 -11.16 9.94 5.43
C PRO A 348 -11.47 8.49 5.46
N PHE A 349 -12.16 8.02 4.47
CA PHE A 349 -12.35 6.62 4.41
C PHE A 349 -10.99 6.14 3.97
N ASP A 350 -10.66 4.93 4.31
CA ASP A 350 -9.36 4.33 4.03
C ASP A 350 -8.22 4.99 4.81
N LEU A 351 -8.53 5.71 5.90
CA LEU A 351 -7.49 6.29 6.74
C LEU A 351 -6.46 5.28 7.16
N PHE A 352 -6.90 4.07 7.49
CA PHE A 352 -5.99 3.03 7.90
C PHE A 352 -5.66 2.05 6.79
N GLU A 353 -6.47 2.17 5.74
CA GLU A 353 -6.57 0.98 4.92
C GLU A 353 -5.69 1.21 3.71
N ASN A 354 -5.47 2.47 3.42
CA ASN A 354 -4.62 2.81 2.29
C ASN A 354 -3.20 2.66 2.77
N ARG A 355 -2.51 1.65 2.30
CA ARG A 355 -1.20 1.34 2.82
C ARG A 355 -0.09 2.02 2.06
N LYS A 356 -0.44 2.84 1.09
CA LYS A 356 0.57 3.51 0.32
C LYS A 356 0.73 4.93 0.74
N LYS A 357 -0.38 5.58 1.06
CA LYS A 357 -0.35 6.96 1.48
C LYS A 357 -0.52 7.12 2.97
N LYS A 358 0.48 7.66 3.58
CA LYS A 358 0.52 7.89 5.00
C LYS A 358 1.07 9.27 5.27
N ASN A 359 0.75 9.87 6.40
CA ASN A 359 1.34 11.14 6.73
C ASN A 359 1.13 12.21 5.70
N ASN A 360 0.00 12.90 5.74
CA ASN A 360 -0.27 13.92 4.74
C ASN A 360 0.38 15.26 5.03
N ILE A 361 1.65 15.21 5.32
CA ILE A 361 2.42 16.39 5.63
C ILE A 361 3.41 16.59 4.54
N LYS A 362 3.35 17.71 3.88
CA LYS A 362 4.27 17.98 2.80
C LYS A 362 5.41 18.81 3.28
N LEU A 363 6.59 18.55 2.79
CA LEU A 363 7.74 19.35 3.13
C LEU A 363 8.21 20.18 1.99
N TYR A 364 8.30 21.46 2.24
CA TYR A 364 8.75 22.43 1.29
C TYR A 364 9.99 23.11 1.78
N VAL A 365 10.84 23.43 0.85
CA VAL A 365 11.98 24.23 1.17
C VAL A 365 11.98 25.33 0.21
N ARG A 366 11.93 26.53 0.68
CA ARG A 366 11.92 27.90 0.41
C ARG A 366 10.78 28.02 -0.59
N ARG A 367 9.64 27.43 -0.21
CA ARG A 367 8.39 27.29 -0.97
C ARG A 367 8.38 26.36 -2.18
N VAL A 368 9.35 25.49 -2.32
CA VAL A 368 9.37 24.52 -3.40
C VAL A 368 9.16 23.14 -2.85
N PHE A 369 8.30 22.36 -3.47
CA PHE A 369 8.07 21.07 -2.88
C PHE A 369 9.25 20.14 -2.91
N ILE A 370 9.56 19.50 -1.77
CA ILE A 370 10.65 18.56 -1.74
C ILE A 370 10.16 17.15 -1.62
N MET A 371 9.38 16.88 -0.60
CA MET A 371 8.94 15.51 -0.41
C MET A 371 7.63 15.40 0.29
N ASP A 372 7.04 14.22 0.18
CA ASP A 372 5.82 13.90 0.87
C ASP A 372 5.85 12.44 1.19
N ASN A 373 4.83 11.99 1.89
CA ASN A 373 4.60 10.61 2.21
C ASN A 373 5.82 10.00 2.86
N CYS A 374 6.48 10.75 3.74
CA CYS A 374 7.66 10.25 4.41
C CYS A 374 7.34 9.88 5.82
N GLU A 375 7.68 8.66 6.15
CA GLU A 375 7.42 8.00 7.42
C GLU A 375 8.14 8.64 8.58
N GLU A 376 9.12 9.44 8.26
CA GLU A 376 9.92 10.12 9.23
C GLU A 376 9.29 11.34 9.82
N LEU A 377 8.40 12.02 9.12
CA LEU A 377 7.94 13.28 9.70
C LEU A 377 7.00 13.19 10.86
N ILE A 378 6.14 12.22 10.90
CA ILE A 378 5.18 12.20 11.98
C ILE A 378 4.78 10.73 12.25
N PRO A 379 4.43 10.34 13.48
CA PRO A 379 3.96 9.02 13.83
C PRO A 379 2.73 8.67 13.09
N GLU A 380 2.51 7.40 12.93
CA GLU A 380 1.39 6.85 12.17
C GLU A 380 0.04 7.17 12.71
N TYR A 381 0.05 7.55 13.97
CA TYR A 381 -1.22 7.52 14.60
C TYR A 381 -1.77 8.91 14.41
N LEU A 382 -0.94 9.81 13.87
CA LEU A 382 -1.33 11.18 13.59
C LEU A 382 -1.44 11.42 12.10
N ASN A 383 -1.64 10.37 11.34
CA ASN A 383 -1.71 10.44 9.90
C ASN A 383 -2.95 11.06 9.34
N PHE A 384 -3.84 11.52 10.17
CA PHE A 384 -5.03 12.16 9.69
C PHE A 384 -4.82 13.63 9.58
N ILE A 385 -3.70 14.13 10.08
CA ILE A 385 -3.44 15.54 10.05
C ILE A 385 -2.91 15.96 8.71
N ARG A 386 -3.49 17.01 8.17
CA ARG A 386 -3.06 17.49 6.88
C ARG A 386 -2.16 18.66 7.13
N GLY A 387 -1.13 18.84 6.34
CA GLY A 387 -0.36 20.03 6.64
C GLY A 387 0.88 20.26 5.81
N VAL A 388 1.51 21.36 6.16
CA VAL A 388 2.70 21.87 5.51
C VAL A 388 3.79 22.26 6.45
N VAL A 389 5.00 21.85 6.12
CA VAL A 389 6.18 22.29 6.83
C VAL A 389 7.04 22.99 5.81
N ASP A 390 7.48 24.19 6.10
CA ASP A 390 8.27 24.97 5.16
C ASP A 390 9.47 25.59 5.81
N SER A 391 10.63 25.19 5.34
CA SER A 391 11.87 25.63 5.95
C SER A 391 12.78 26.38 5.04
N GLU A 392 13.25 27.52 5.48
CA GLU A 392 14.12 28.33 4.66
C GLU A 392 15.49 27.79 4.29
N ASP A 393 16.15 27.05 5.16
CA ASP A 393 17.51 26.63 4.87
C ASP A 393 17.93 25.18 5.08
N LEU A 394 17.08 24.21 4.83
CA LEU A 394 17.55 22.86 5.00
C LEU A 394 18.58 22.48 3.94
N PRO A 395 19.56 21.64 4.25
CA PRO A 395 20.58 21.14 3.37
C PRO A 395 20.07 20.08 2.42
N LEU A 396 19.84 20.42 1.18
CA LEU A 396 19.31 19.46 0.23
C LEU A 396 20.34 18.82 -0.64
N ASN A 397 19.95 17.68 -1.14
CA ASN A 397 20.65 16.85 -2.09
C ASN A 397 20.77 17.51 -3.43
N ILE A 398 21.78 17.15 -4.22
CA ILE A 398 21.94 17.75 -5.52
C ILE A 398 20.70 17.66 -6.42
N SER A 399 19.90 16.61 -6.28
CA SER A 399 18.71 16.46 -7.10
C SER A 399 17.56 17.30 -6.64
N ARG A 400 17.69 17.81 -5.43
CA ARG A 400 16.74 18.58 -4.67
C ARG A 400 15.47 17.80 -4.42
N GLU A 401 15.57 16.48 -4.38
CA GLU A 401 14.46 15.60 -4.07
C GLU A 401 14.49 15.04 -2.67
N MET A 402 15.62 15.12 -2.03
CA MET A 402 15.73 14.56 -0.70
C MET A 402 16.62 15.43 0.11
N LEU A 403 16.49 15.27 1.39
CA LEU A 403 17.24 16.01 2.37
C LEU A 403 18.52 15.30 2.78
N GLN A 404 19.62 16.06 2.94
CA GLN A 404 20.87 15.50 3.43
C GLN A 404 20.73 15.52 4.94
N GLN A 405 21.50 14.74 5.66
CA GLN A 405 21.41 14.81 7.12
C GLN A 405 20.00 14.51 7.60
N SER A 406 19.53 13.31 7.33
CA SER A 406 18.18 12.86 7.63
C SER A 406 17.82 12.88 9.11
N LYS A 407 18.82 13.02 9.96
CA LYS A 407 18.62 13.11 11.40
C LYS A 407 17.80 14.34 11.75
N ILE A 408 17.76 15.30 10.84
CA ILE A 408 17.01 16.52 11.02
C ILE A 408 15.55 16.21 11.16
N LEU A 409 15.08 15.21 10.44
CA LEU A 409 13.68 14.88 10.44
C LEU A 409 13.21 14.44 11.81
N LYS A 410 14.12 14.01 12.69
CA LYS A 410 13.69 13.59 13.99
C LYS A 410 13.36 14.80 14.83
N VAL A 411 13.98 15.92 14.53
CA VAL A 411 13.75 17.10 15.30
C VAL A 411 12.44 17.65 14.88
N ILE A 412 12.21 17.63 13.59
CA ILE A 412 10.99 18.17 13.09
C ILE A 412 9.87 17.36 13.67
N ARG A 413 10.01 16.04 13.66
CA ARG A 413 8.99 15.19 14.22
C ARG A 413 8.71 15.46 15.66
N LYS A 414 9.74 15.63 16.46
CA LYS A 414 9.49 15.92 17.85
C LYS A 414 8.62 17.15 18.01
N ASN A 415 8.93 18.18 17.23
CA ASN A 415 8.15 19.38 17.35
C ASN A 415 6.75 19.24 16.81
N LEU A 416 6.57 18.50 15.73
CA LEU A 416 5.22 18.44 15.22
C LEU A 416 4.32 17.71 16.18
N VAL A 417 4.85 16.69 16.83
CA VAL A 417 4.00 15.94 17.71
C VAL A 417 3.60 16.72 18.91
N LYS A 418 4.52 17.43 19.54
CA LYS A 418 4.05 18.09 20.72
C LYS A 418 3.07 19.18 20.39
N LYS A 419 3.18 19.78 19.21
CA LYS A 419 2.24 20.82 18.90
C LYS A 419 0.89 20.23 18.56
N CYS A 420 0.86 19.03 17.98
CA CYS A 420 -0.42 18.42 17.70
C CYS A 420 -1.14 18.15 19.00
N LEU A 421 -0.41 17.66 19.99
CA LEU A 421 -1.04 17.34 21.24
C LEU A 421 -1.54 18.59 21.90
N GLU A 422 -0.79 19.67 21.76
CA GLU A 422 -1.23 20.92 22.31
C GLU A 422 -2.56 21.29 21.71
N LEU A 423 -2.72 21.13 20.41
CA LEU A 423 -3.96 21.47 19.77
C LEU A 423 -5.10 20.63 20.25
N PHE A 424 -4.87 19.35 20.41
CA PHE A 424 -5.96 18.48 20.83
C PHE A 424 -6.39 18.86 22.21
N THR A 425 -5.43 19.20 23.05
CA THR A 425 -5.77 19.59 24.39
C THR A 425 -6.62 20.83 24.35
N GLU A 426 -6.25 21.81 23.55
CA GLU A 426 -7.02 23.03 23.52
C GLU A 426 -8.44 22.77 23.07
N LEU A 427 -8.61 21.90 22.10
CA LEU A 427 -9.94 21.62 21.63
C LEU A 427 -10.75 20.98 22.75
N ALA A 428 -10.12 20.04 23.43
CA ALA A 428 -10.73 19.34 24.53
C ALA A 428 -11.08 20.23 25.69
N GLU A 429 -10.32 21.28 25.93
CA GLU A 429 -10.58 22.11 27.08
C GLU A 429 -11.94 22.71 27.12
N ASP A 430 -12.48 23.13 26.00
CA ASP A 430 -13.78 23.73 26.11
C ASP A 430 -14.79 23.55 25.00
N LYS A 431 -14.61 22.64 24.07
CA LYS A 431 -15.63 22.58 23.03
C LYS A 431 -16.39 21.29 22.94
N GLU A 432 -17.63 21.39 22.46
CA GLU A 432 -18.41 20.20 22.11
C GLU A 432 -17.84 19.66 20.81
N ASN A 433 -17.00 20.47 20.19
CA ASN A 433 -16.31 20.12 18.98
C ASN A 433 -15.36 19.01 19.31
N TYR A 434 -15.02 18.86 20.58
CA TYR A 434 -14.16 17.79 20.94
C TYR A 434 -14.92 16.51 20.73
N LYS A 435 -16.24 16.51 20.95
CA LYS A 435 -16.97 15.29 20.77
C LYS A 435 -16.92 14.91 19.34
N LYS A 436 -17.01 15.91 18.48
CA LYS A 436 -16.98 15.64 17.05
C LYS A 436 -15.64 15.04 16.68
N PHE A 437 -14.59 15.62 17.24
CA PHE A 437 -13.26 15.16 16.98
C PHE A 437 -13.08 13.75 17.39
N TYR A 438 -13.49 13.47 18.61
CA TYR A 438 -13.32 12.18 19.20
C TYR A 438 -14.10 11.16 18.42
N GLU A 439 -15.30 11.50 18.03
CA GLU A 439 -16.10 10.57 17.29
C GLU A 439 -15.38 10.08 16.06
N GLN A 440 -14.66 10.97 15.40
CA GLN A 440 -13.94 10.55 14.20
C GLN A 440 -12.56 9.97 14.48
N PHE A 441 -11.84 10.51 15.46
CA PHE A 441 -10.47 10.10 15.70
C PHE A 441 -10.10 9.44 17.03
N SER A 442 -11.05 8.92 17.78
CA SER A 442 -10.70 8.27 19.04
C SER A 442 -9.78 7.09 18.84
N LYS A 443 -9.86 6.44 17.70
CA LYS A 443 -9.01 5.31 17.42
C LYS A 443 -7.58 5.73 17.34
N ASN A 444 -7.34 6.94 16.89
CA ASN A 444 -6.00 7.39 16.71
C ASN A 444 -5.40 7.71 18.05
N ILE A 445 -6.22 8.16 18.97
CA ILE A 445 -5.69 8.46 20.28
C ILE A 445 -5.29 7.19 20.95
N LYS A 446 -6.17 6.22 20.91
CA LYS A 446 -5.92 4.97 21.57
C LYS A 446 -4.73 4.27 20.98
N LEU A 447 -4.56 4.38 19.68
CA LEU A 447 -3.41 3.78 19.06
C LEU A 447 -2.19 4.48 19.54
N GLY A 448 -2.24 5.80 19.64
CA GLY A 448 -1.11 6.53 20.13
C GLY A 448 -0.74 6.08 21.53
N ILE A 449 -1.70 5.78 22.38
CA ILE A 449 -1.34 5.32 23.70
C ILE A 449 -0.59 4.04 23.62
N HIS A 450 -1.06 3.14 22.79
CA HIS A 450 -0.40 1.88 22.62
C HIS A 450 1.06 2.04 22.19
N GLU A 451 1.32 2.89 21.20
CA GLU A 451 2.70 2.99 20.70
C GLU A 451 3.62 4.09 21.22
N ASP A 452 3.10 5.24 21.58
CA ASP A 452 3.89 6.40 21.99
C ASP A 452 4.06 6.49 23.50
N SER A 453 5.21 6.06 24.01
CA SER A 453 5.35 6.06 25.45
C SER A 453 5.67 7.42 26.03
N GLN A 454 6.31 8.28 25.26
CA GLN A 454 6.72 9.54 25.83
C GLN A 454 5.57 10.45 26.10
N ASN A 455 4.57 10.39 25.27
CA ASN A 455 3.42 11.24 25.43
C ASN A 455 2.25 10.50 25.99
N ARG A 456 2.48 9.34 26.59
CA ARG A 456 1.37 8.57 27.08
C ARG A 456 0.55 9.28 28.12
N LYS A 457 1.17 10.06 28.98
CA LYS A 457 0.35 10.68 30.00
C LYS A 457 -0.55 11.71 29.38
N LYS A 458 -0.05 12.47 28.43
CA LYS A 458 -0.88 13.48 27.82
C LYS A 458 -2.02 12.87 27.06
N LEU A 459 -1.74 11.80 26.37
CA LEU A 459 -2.75 11.16 25.58
C LEU A 459 -3.84 10.61 26.42
N SER A 460 -3.53 10.14 27.61
CA SER A 460 -4.56 9.54 28.40
C SER A 460 -5.64 10.52 28.78
N GLU A 461 -5.36 11.81 28.80
CA GLU A 461 -6.37 12.73 29.23
C GLU A 461 -7.32 13.09 28.14
N LEU A 462 -7.04 12.63 26.94
CA LEU A 462 -7.88 12.91 25.82
C LEU A 462 -8.88 11.80 25.61
N LEU A 463 -8.82 10.77 26.44
CA LEU A 463 -9.72 9.66 26.28
C LEU A 463 -11.07 9.93 26.86
N ARG A 464 -12.08 9.39 26.23
CA ARG A 464 -13.42 9.48 26.74
C ARG A 464 -14.06 8.11 26.67
N TYR A 465 -14.79 7.74 27.73
CA TYR A 465 -15.48 6.47 27.81
C TYR A 465 -16.89 6.54 28.32
N TYR A 466 -17.72 5.59 27.95
CA TYR A 466 -19.02 5.49 28.58
C TYR A 466 -18.82 4.81 29.89
N THR A 467 -19.59 5.16 30.89
CA THR A 467 -19.48 4.46 32.14
C THR A 467 -20.84 4.10 32.62
N SER A 468 -20.89 3.31 33.65
CA SER A 468 -22.12 2.86 34.25
C SER A 468 -22.91 3.98 34.89
N ALA A 469 -22.30 5.14 35.07
CA ALA A 469 -22.98 6.26 35.66
C ALA A 469 -23.07 7.45 34.72
N SER A 470 -22.75 7.28 33.44
CA SER A 470 -22.77 8.43 32.55
C SER A 470 -23.97 8.47 31.64
N GLY A 471 -24.82 7.47 31.70
CA GLY A 471 -25.90 7.48 30.74
C GLY A 471 -25.31 7.34 29.36
N ASP A 472 -25.58 8.30 28.49
CA ASP A 472 -25.06 8.25 27.14
C ASP A 472 -23.93 9.23 26.87
N GLU A 473 -23.36 9.78 27.92
CA GLU A 473 -22.25 10.68 27.72
C GLU A 473 -20.95 9.97 27.86
N MET A 474 -19.95 10.46 27.19
CA MET A 474 -18.67 9.86 27.42
C MET A 474 -17.93 10.79 28.32
N VAL A 475 -17.21 10.27 29.26
CA VAL A 475 -16.54 11.11 30.22
C VAL A 475 -15.07 10.84 30.31
N SER A 476 -14.36 11.79 30.90
CA SER A 476 -12.92 11.66 31.06
C SER A 476 -12.56 10.89 32.29
N LEU A 477 -11.29 10.53 32.39
CA LEU A 477 -10.82 9.85 33.56
C LEU A 477 -10.83 10.79 34.75
N LYS A 478 -10.65 12.07 34.49
CA LYS A 478 -10.73 13.03 35.56
C LYS A 478 -12.12 13.11 36.13
N ASP A 479 -13.14 12.88 35.31
CA ASP A 479 -14.48 12.96 35.81
C ASP A 479 -14.75 11.75 36.66
N TYR A 480 -14.22 10.62 36.24
CA TYR A 480 -14.38 9.41 37.00
C TYR A 480 -13.79 9.65 38.36
N CYS A 481 -12.59 10.21 38.39
CA CYS A 481 -11.90 10.43 39.65
C CYS A 481 -12.66 11.34 40.56
N THR A 482 -13.26 12.36 40.00
CA THR A 482 -14.02 13.31 40.75
C THR A 482 -15.11 12.64 41.53
N ARG A 483 -15.76 11.67 40.92
CA ARG A 483 -16.86 10.98 41.55
C ARG A 483 -16.50 9.77 42.39
N MET A 484 -15.22 9.46 42.56
CA MET A 484 -14.86 8.27 43.32
C MET A 484 -15.24 8.37 44.77
N LYS A 485 -15.58 7.23 45.34
CA LYS A 485 -15.90 7.16 46.75
C LYS A 485 -14.61 7.26 47.50
N GLU A 486 -14.68 7.69 48.74
CA GLU A 486 -13.50 7.88 49.57
C GLU A 486 -12.71 6.62 49.86
N ASN A 487 -13.34 5.48 49.68
CA ASN A 487 -12.70 4.23 49.92
C ASN A 487 -12.22 3.57 48.64
N GLN A 488 -12.36 4.24 47.50
CA GLN A 488 -11.90 3.61 46.29
C GLN A 488 -10.47 3.92 46.06
N LYS A 489 -9.69 2.89 45.88
CA LYS A 489 -8.29 3.11 45.64
C LYS A 489 -7.99 2.67 44.23
N HIS A 490 -9.04 2.25 43.54
CA HIS A 490 -8.94 1.71 42.21
C HIS A 490 -10.02 2.22 41.31
N ILE A 491 -9.71 2.25 40.04
CA ILE A 491 -10.63 2.60 38.97
C ILE A 491 -11.12 1.32 38.33
N TYR A 492 -12.41 1.09 38.40
CA TYR A 492 -12.89 -0.18 37.91
C TYR A 492 -13.31 -0.11 36.46
N TYR A 493 -12.97 -1.11 35.68
CA TYR A 493 -13.40 -1.14 34.30
C TYR A 493 -13.69 -2.55 33.83
N ILE A 494 -14.45 -2.63 32.78
CA ILE A 494 -14.79 -3.88 32.15
C ILE A 494 -14.64 -3.79 30.68
N THR A 495 -14.16 -4.83 30.03
CA THR A 495 -14.10 -4.77 28.58
C THR A 495 -15.09 -5.76 28.03
N GLY A 496 -15.48 -5.57 26.80
CA GLY A 496 -16.41 -6.51 26.20
C GLY A 496 -16.77 -6.19 24.78
N GLU A 497 -17.80 -6.84 24.28
CA GLU A 497 -18.21 -6.69 22.90
C GLU A 497 -19.19 -5.53 22.68
N THR A 498 -20.22 -5.41 23.53
CA THR A 498 -21.20 -4.34 23.30
C THR A 498 -21.52 -3.59 24.57
N LYS A 499 -22.17 -2.44 24.44
CA LYS A 499 -22.48 -1.67 25.62
C LYS A 499 -23.41 -2.39 26.55
N ASP A 500 -24.38 -3.10 26.01
CA ASP A 500 -25.36 -3.76 26.84
C ASP A 500 -24.85 -5.08 27.30
N GLN A 501 -24.05 -5.72 26.49
CA GLN A 501 -23.51 -6.98 26.89
C GLN A 501 -22.65 -6.79 28.11
N VAL A 502 -21.96 -5.67 28.16
CA VAL A 502 -21.15 -5.31 29.28
C VAL A 502 -21.94 -4.78 30.45
N ALA A 503 -22.84 -3.86 30.21
CA ALA A 503 -23.57 -3.24 31.28
C ALA A 503 -24.37 -4.21 32.10
N ASN A 504 -24.90 -5.24 31.47
CA ASN A 504 -25.73 -6.18 32.19
C ASN A 504 -24.99 -7.40 32.66
N SER A 505 -23.68 -7.36 32.58
CA SER A 505 -22.84 -8.46 32.97
C SER A 505 -22.87 -8.79 34.43
N ALA A 506 -22.74 -10.06 34.71
CA ALA A 506 -22.69 -10.58 36.05
C ALA A 506 -21.53 -9.99 36.85
N PHE A 507 -20.46 -9.64 36.18
CA PHE A 507 -19.26 -9.19 36.85
C PHE A 507 -19.41 -7.90 37.58
N VAL A 508 -20.43 -7.13 37.28
CA VAL A 508 -20.57 -5.85 37.94
C VAL A 508 -21.77 -5.79 38.84
N GLU A 509 -22.38 -6.93 39.15
CA GLU A 509 -23.58 -6.86 39.97
C GLU A 509 -23.37 -6.28 41.34
N ARG A 510 -22.28 -6.65 42.00
CA ARG A 510 -22.11 -6.13 43.32
C ARG A 510 -21.53 -4.74 43.28
N LEU A 511 -20.71 -4.43 42.29
CA LEU A 511 -20.16 -3.10 42.26
C LEU A 511 -21.29 -2.13 42.11
N ARG A 512 -22.29 -2.47 41.30
CA ARG A 512 -23.41 -1.59 41.15
C ARG A 512 -24.17 -1.46 42.44
N LYS A 513 -24.34 -2.56 43.16
CA LYS A 513 -25.04 -2.52 44.44
C LYS A 513 -24.40 -1.52 45.39
N HIS A 514 -23.08 -1.41 45.36
CA HIS A 514 -22.39 -0.51 46.26
C HIS A 514 -22.27 0.91 45.74
N GLY A 515 -22.79 1.19 44.56
CA GLY A 515 -22.69 2.51 44.01
C GLY A 515 -21.35 2.84 43.41
N LEU A 516 -20.60 1.85 42.96
CA LEU A 516 -19.31 2.12 42.39
C LEU A 516 -19.44 2.21 40.89
N GLU A 517 -18.75 3.17 40.31
CA GLU A 517 -18.79 3.39 38.88
C GLU A 517 -17.83 2.52 38.10
N VAL A 518 -18.30 1.95 37.02
CA VAL A 518 -17.44 1.12 36.19
C VAL A 518 -17.35 1.64 34.77
N ILE A 519 -16.13 1.70 34.25
CA ILE A 519 -15.90 2.16 32.89
C ILE A 519 -16.15 1.07 31.87
N TYR A 520 -16.92 1.37 30.84
CA TYR A 520 -17.23 0.38 29.83
C TYR A 520 -16.38 0.55 28.58
N MET A 521 -15.57 -0.44 28.29
CA MET A 521 -14.70 -0.38 27.14
C MET A 521 -15.12 -1.39 26.11
N ILE A 522 -15.65 -0.92 24.99
CA ILE A 522 -16.21 -1.84 24.03
C ILE A 522 -15.63 -1.82 22.62
N GLU A 523 -14.46 -1.24 22.42
CA GLU A 523 -13.89 -1.31 21.08
C GLU A 523 -12.73 -2.27 21.15
N PRO A 524 -12.43 -3.09 20.14
CA PRO A 524 -11.31 -4.00 20.20
C PRO A 524 -10.00 -3.30 20.45
N ILE A 525 -9.88 -2.06 20.02
CA ILE A 525 -8.65 -1.33 20.23
C ILE A 525 -8.40 -1.07 21.71
N ASP A 526 -9.47 -1.02 22.49
CA ASP A 526 -9.36 -0.76 23.89
C ASP A 526 -8.57 -1.81 24.58
N GLU A 527 -8.62 -3.03 24.07
CA GLU A 527 -7.96 -4.09 24.75
C GLU A 527 -6.46 -3.92 24.63
N TYR A 528 -6.00 -3.18 23.61
CA TYR A 528 -4.58 -2.93 23.46
C TYR A 528 -4.21 -1.75 24.32
N CYS A 529 -5.09 -0.77 24.36
CA CYS A 529 -4.83 0.44 25.11
C CYS A 529 -4.60 0.17 26.58
N VAL A 530 -5.44 -0.66 27.16
CA VAL A 530 -5.34 -0.96 28.57
C VAL A 530 -4.12 -1.75 28.94
N GLN A 531 -3.34 -2.22 28.00
CA GLN A 531 -2.16 -2.95 28.38
C GLN A 531 -1.05 -1.99 28.71
N GLN A 532 -1.24 -0.73 28.38
CA GLN A 532 -0.23 0.26 28.65
C GLN A 532 -0.65 1.18 29.77
N LEU A 533 -1.94 1.32 29.96
CA LEU A 533 -2.39 2.19 31.02
C LEU A 533 -2.48 1.40 32.28
N LYS A 534 -1.72 1.79 33.28
CA LYS A 534 -1.73 1.05 34.51
C LYS A 534 -2.40 1.81 35.60
N GLU A 535 -2.29 3.12 35.51
CA GLU A 535 -2.82 4.02 36.50
C GLU A 535 -3.14 5.35 35.92
N PHE A 536 -4.05 6.02 36.56
CA PHE A 536 -4.35 7.38 36.21
C PHE A 536 -4.25 8.20 37.46
N GLU A 537 -3.33 9.13 37.47
CA GLU A 537 -3.11 9.96 38.64
C GLU A 537 -2.88 9.14 39.90
N GLY A 538 -2.14 8.05 39.76
CA GLY A 538 -1.77 7.21 40.88
C GLY A 538 -2.78 6.16 41.24
N LYS A 539 -3.95 6.19 40.63
CA LYS A 539 -4.96 5.21 40.94
C LYS A 539 -4.90 4.13 39.92
N THR A 540 -4.72 2.91 40.34
CA THR A 540 -4.55 1.89 39.34
C THR A 540 -5.84 1.50 38.72
N LEU A 541 -5.74 0.86 37.59
CA LEU A 541 -6.91 0.39 36.90
C LEU A 541 -7.06 -1.07 37.18
N VAL A 542 -8.28 -1.48 37.47
CA VAL A 542 -8.53 -2.88 37.74
C VAL A 542 -9.68 -3.41 36.90
N SER A 543 -9.47 -4.57 36.32
CA SER A 543 -10.52 -5.19 35.56
C SER A 543 -11.42 -6.00 36.43
N VAL A 544 -12.69 -5.83 36.23
CA VAL A 544 -13.68 -6.51 37.05
C VAL A 544 -13.83 -7.98 36.68
N THR A 545 -13.12 -8.41 35.65
CA THR A 545 -13.19 -9.79 35.19
C THR A 545 -11.96 -10.58 35.64
N LYS A 546 -11.11 -9.96 36.44
CA LYS A 546 -9.92 -10.63 36.95
C LYS A 546 -10.18 -11.41 38.21
N GLU A 547 -9.22 -12.27 38.49
CA GLU A 547 -9.12 -13.20 39.58
C GLU A 547 -9.56 -12.72 40.94
N GLY A 548 -9.26 -11.49 41.34
CA GLY A 548 -9.72 -11.10 42.67
C GLY A 548 -9.89 -9.61 42.83
N LEU A 549 -11.03 -9.21 43.39
CA LEU A 549 -11.27 -7.80 43.59
C LEU A 549 -11.29 -7.37 45.01
N GLU A 550 -10.74 -6.20 45.18
CA GLU A 550 -10.81 -5.52 46.43
C GLU A 550 -11.99 -4.57 46.37
N LEU A 551 -12.89 -4.75 47.29
CA LEU A 551 -14.05 -3.92 47.37
C LEU A 551 -13.99 -3.26 48.74
N PRO A 552 -14.53 -2.07 48.90
CA PRO A 552 -14.58 -1.33 50.15
C PRO A 552 -15.65 -1.88 51.07
N GLU A 553 -15.43 -3.09 51.53
CA GLU A 553 -16.36 -3.80 52.39
C GLU A 553 -16.24 -3.41 53.86
N ASP A 554 -17.33 -3.60 54.59
CA ASP A 554 -17.40 -3.41 56.03
C ASP A 554 -16.77 -4.61 56.74
N GLU A 555 -16.37 -4.44 57.98
CA GLU A 555 -15.72 -5.51 58.70
C GLU A 555 -16.65 -6.68 58.96
N GLU A 556 -17.93 -6.37 59.17
CA GLU A 556 -18.90 -7.41 59.41
C GLU A 556 -19.09 -8.21 58.15
N GLU A 557 -19.02 -7.53 57.01
CA GLU A 557 -19.19 -8.21 55.76
C GLU A 557 -18.03 -9.15 55.53
N LYS A 558 -16.84 -8.73 55.93
CA LYS A 558 -15.67 -9.55 55.73
C LYS A 558 -15.75 -10.83 56.54
N LYS A 559 -16.23 -10.78 57.78
CA LYS A 559 -16.28 -12.04 58.50
C LYS A 559 -17.36 -12.94 57.91
N LYS A 560 -18.42 -12.36 57.36
CA LYS A 560 -19.46 -13.17 56.76
C LYS A 560 -18.92 -13.88 55.55
N GLN A 561 -18.06 -13.21 54.80
CA GLN A 561 -17.50 -13.82 53.61
C GLN A 561 -16.66 -15.02 54.03
N GLU A 562 -15.97 -14.91 55.16
CA GLU A 562 -15.18 -16.03 55.63
C GLU A 562 -16.04 -17.20 56.04
N GLU A 563 -17.19 -16.92 56.65
CA GLU A 563 -18.08 -17.98 57.06
C GLU A 563 -18.59 -18.73 55.85
N LYS A 564 -18.90 -17.99 54.80
CA LYS A 564 -19.40 -18.58 53.59
C LYS A 564 -18.32 -19.42 52.94
N LYS A 565 -17.09 -18.94 52.94
CA LYS A 565 -16.05 -19.76 52.34
C LYS A 565 -15.95 -21.07 53.05
N THR A 566 -16.08 -21.04 54.35
CA THR A 566 -15.98 -22.27 55.07
C THR A 566 -17.10 -23.24 54.75
N LYS A 567 -18.35 -22.79 54.73
CA LYS A 567 -19.40 -23.79 54.54
C LYS A 567 -19.42 -24.34 53.13
N PHE A 568 -18.90 -23.60 52.17
CA PHE A 568 -18.90 -24.08 50.80
C PHE A 568 -17.60 -24.71 50.37
N GLU A 569 -16.73 -24.98 51.32
CA GLU A 569 -15.46 -25.57 50.93
C GLU A 569 -15.65 -26.96 50.36
N ASN A 570 -16.59 -27.73 50.91
CA ASN A 570 -16.74 -29.07 50.39
C ASN A 570 -17.30 -29.03 49.00
N LEU A 571 -18.19 -28.10 48.75
CA LEU A 571 -18.74 -28.05 47.43
C LEU A 571 -17.68 -27.70 46.44
N CYS A 572 -16.82 -26.76 46.80
CA CYS A 572 -15.81 -26.35 45.87
C CYS A 572 -14.88 -27.49 45.49
N LYS A 573 -14.46 -28.31 46.45
CA LYS A 573 -13.56 -29.39 46.04
C LYS A 573 -14.28 -30.42 45.20
N ILE A 574 -15.57 -30.62 45.43
CA ILE A 574 -16.31 -31.57 44.64
C ILE A 574 -16.40 -31.10 43.22
N MET A 575 -16.73 -29.82 43.03
CA MET A 575 -16.86 -29.28 41.71
C MET A 575 -15.55 -29.29 40.98
N LYS A 576 -14.46 -29.06 41.68
CA LYS A 576 -13.17 -29.09 41.05
C LYS A 576 -12.88 -30.44 40.45
N ASP A 577 -13.22 -31.51 41.15
CA ASP A 577 -12.96 -32.83 40.59
C ASP A 577 -13.83 -33.09 39.38
N ILE A 578 -15.07 -32.65 39.42
CA ILE A 578 -15.98 -32.87 38.31
C ILE A 578 -15.45 -32.17 37.08
N LEU A 579 -14.93 -30.98 37.28
CA LEU A 579 -14.39 -30.13 36.25
C LEU A 579 -12.90 -30.24 36.07
N GLU A 580 -12.32 -31.40 36.34
CA GLU A 580 -10.90 -31.57 36.14
C GLU A 580 -10.45 -31.06 34.77
N LYS A 581 -9.43 -30.19 34.80
CA LYS A 581 -8.78 -29.50 33.69
C LYS A 581 -9.63 -28.51 32.92
N LYS A 582 -10.75 -28.11 33.48
CA LYS A 582 -11.57 -27.10 32.89
C LYS A 582 -11.43 -25.78 33.65
N VAL A 583 -11.04 -25.88 34.91
CA VAL A 583 -10.83 -24.75 35.81
C VAL A 583 -9.53 -24.94 36.57
N GLU A 584 -8.98 -23.87 37.10
CA GLU A 584 -7.83 -23.99 38.00
C GLU A 584 -8.29 -24.32 39.39
N LYS A 585 -9.41 -23.75 39.75
CA LYS A 585 -10.00 -23.90 41.04
C LYS A 585 -11.40 -23.39 41.02
N VAL A 586 -12.13 -23.74 42.05
CA VAL A 586 -13.46 -23.27 42.26
C VAL A 586 -13.46 -22.57 43.61
N VAL A 587 -13.88 -21.32 43.62
CA VAL A 587 -13.87 -20.53 44.83
C VAL A 587 -15.19 -19.83 45.08
N VAL A 588 -15.38 -19.32 46.28
CA VAL A 588 -16.58 -18.54 46.57
C VAL A 588 -16.38 -17.08 46.20
N SER A 589 -17.34 -16.55 45.46
CA SER A 589 -17.41 -15.20 44.92
C SER A 589 -17.67 -14.08 45.88
N ASN A 590 -17.05 -12.92 45.65
CA ASN A 590 -17.37 -11.72 46.39
C ASN A 590 -17.79 -10.62 45.44
N ARG A 591 -18.23 -10.97 44.23
CA ARG A 591 -18.61 -9.93 43.28
C ARG A 591 -20.01 -10.10 42.67
N LEU A 592 -20.66 -11.21 42.96
CA LEU A 592 -21.96 -11.53 42.39
C LEU A 592 -23.06 -11.27 43.36
N VAL A 593 -24.24 -10.93 42.84
CA VAL A 593 -25.39 -10.77 43.71
C VAL A 593 -26.51 -11.73 43.35
N THR A 594 -26.98 -11.68 42.09
CA THR A 594 -28.13 -12.47 41.69
C THR A 594 -27.78 -13.58 40.73
N SER A 595 -26.64 -13.48 40.12
CA SER A 595 -26.24 -14.50 39.18
C SER A 595 -25.58 -15.64 39.94
N PRO A 596 -25.77 -16.89 39.54
CA PRO A 596 -25.07 -18.01 40.05
C PRO A 596 -23.70 -17.85 39.46
N CYS A 597 -22.86 -18.83 39.60
CA CYS A 597 -21.48 -18.69 39.22
C CYS A 597 -21.11 -18.06 37.88
N CYS A 598 -19.86 -17.59 37.82
CA CYS A 598 -19.28 -16.97 36.63
C CYS A 598 -17.79 -17.27 36.54
N ILE A 599 -17.19 -16.97 35.39
CA ILE A 599 -15.76 -17.24 35.20
C ILE A 599 -14.87 -16.04 34.99
N VAL A 600 -13.81 -15.99 35.78
CA VAL A 600 -12.83 -14.91 35.77
C VAL A 600 -11.49 -15.46 35.43
N THR A 601 -10.55 -14.60 35.10
CA THR A 601 -9.25 -15.14 34.75
C THR A 601 -8.15 -14.72 35.66
N SER A 602 -7.08 -15.47 35.56
CA SER A 602 -5.89 -15.23 36.34
C SER A 602 -5.32 -13.89 36.05
N THR A 603 -4.61 -13.37 37.04
CA THR A 603 -3.97 -12.08 36.95
C THR A 603 -3.21 -11.94 35.65
N TYR A 604 -2.50 -12.98 35.26
CA TYR A 604 -1.79 -13.00 34.01
C TYR A 604 -2.28 -14.27 33.32
N GLY A 605 -2.34 -14.34 31.99
CA GLY A 605 -2.01 -13.34 30.98
C GLY A 605 -3.24 -12.68 30.39
N TRP A 606 -3.75 -13.22 29.28
CA TRP A 606 -4.88 -12.64 28.59
C TRP A 606 -6.22 -12.78 29.28
N THR A 607 -7.03 -11.75 29.08
CA THR A 607 -8.40 -11.70 29.51
C THR A 607 -9.22 -12.41 28.50
N ALA A 608 -10.47 -12.70 28.82
CA ALA A 608 -11.32 -13.38 27.86
C ALA A 608 -11.48 -12.58 26.59
N ASN A 609 -11.54 -11.26 26.72
CA ASN A 609 -11.75 -10.47 25.54
C ASN A 609 -10.49 -10.40 24.74
N MET A 610 -9.33 -10.34 25.39
CA MET A 610 -8.12 -10.28 24.62
C MET A 610 -7.95 -11.55 23.84
N GLU A 611 -8.29 -12.68 24.42
CA GLU A 611 -8.14 -13.90 23.69
C GLU A 611 -9.03 -13.90 22.48
N ARG A 612 -10.27 -13.45 22.64
CA ARG A 612 -11.20 -13.44 21.56
C ARG A 612 -10.67 -12.65 20.39
N ILE A 613 -10.08 -11.52 20.69
CA ILE A 613 -9.54 -10.67 19.67
C ILE A 613 -8.33 -11.26 19.00
N MET A 614 -7.40 -11.76 19.79
CA MET A 614 -6.18 -12.25 19.21
C MET A 614 -6.36 -13.38 18.26
N LYS A 615 -7.31 -14.24 18.53
CA LYS A 615 -7.55 -15.35 17.66
C LYS A 615 -8.00 -14.98 16.26
N ALA A 616 -8.50 -13.79 16.09
CA ALA A 616 -9.02 -13.36 14.82
C ALA A 616 -8.08 -12.45 14.04
N GLN A 617 -6.82 -12.34 14.42
CA GLN A 617 -6.02 -11.37 13.69
C GLN A 617 -5.46 -11.82 12.35
N ALA A 618 -5.66 -13.07 11.99
CA ALA A 618 -5.25 -13.67 10.70
C ALA A 618 -3.76 -13.76 10.51
N LEU A 619 -3.08 -12.64 10.44
CA LEU A 619 -1.65 -12.67 10.28
C LEU A 619 -1.04 -12.76 11.64
N ARG A 620 -1.23 -13.90 12.26
CA ARG A 620 -0.81 -14.14 13.60
C ARG A 620 -0.07 -15.44 13.74
N ASP A 621 0.78 -15.51 14.73
CA ASP A 621 1.51 -16.71 15.05
C ASP A 621 0.76 -17.57 16.03
N ASN A 622 0.22 -18.68 15.53
CA ASN A 622 -0.63 -19.57 16.28
C ASN A 622 0.09 -20.29 17.40
N SER A 623 1.41 -20.34 17.35
CA SER A 623 2.14 -21.09 18.34
C SER A 623 2.07 -20.48 19.72
N THR A 624 1.64 -19.23 19.83
CA THR A 624 1.59 -18.61 21.14
C THR A 624 0.20 -18.70 21.76
N MET A 625 -0.75 -19.32 21.05
CA MET A 625 -2.09 -19.40 21.58
C MET A 625 -2.18 -20.27 22.81
N GLY A 626 -1.28 -21.24 22.95
CA GLY A 626 -1.31 -22.11 24.11
C GLY A 626 -0.44 -21.55 25.23
N TYR A 627 0.11 -20.37 25.00
CA TYR A 627 1.00 -19.73 25.95
C TYR A 627 0.33 -18.59 26.68
N MET A 628 -0.28 -17.69 25.94
CA MET A 628 -0.91 -16.52 26.56
C MET A 628 -2.35 -16.71 26.94
N ALA A 629 -2.84 -17.93 26.76
CA ALA A 629 -4.23 -18.28 26.97
C ALA A 629 -4.76 -17.93 28.33
N ALA A 630 -3.90 -17.98 29.35
CA ALA A 630 -4.31 -17.70 30.71
C ALA A 630 -5.22 -18.77 31.21
N LYS A 631 -5.57 -18.67 32.47
CA LYS A 631 -6.29 -19.72 33.10
C LYS A 631 -7.61 -19.25 33.69
N LYS A 632 -8.57 -20.14 33.73
CA LYS A 632 -9.90 -19.83 34.24
C LYS A 632 -10.19 -20.26 35.66
N HIS A 633 -10.91 -19.41 36.38
CA HIS A 633 -11.33 -19.71 37.74
C HIS A 633 -12.82 -19.59 37.83
N LEU A 634 -13.45 -20.55 38.46
CA LEU A 634 -14.89 -20.49 38.58
C LEU A 634 -15.29 -19.94 39.92
N GLU A 635 -16.17 -18.95 39.93
CA GLU A 635 -16.59 -18.37 41.19
C GLU A 635 -18.06 -18.63 41.46
N ILE A 636 -18.34 -19.06 42.67
CA ILE A 636 -19.67 -19.40 43.16
C ILE A 636 -20.40 -18.36 43.98
N ASN A 637 -21.66 -18.12 43.66
CA ASN A 637 -22.47 -17.21 44.46
C ASN A 637 -23.05 -18.02 45.61
N PRO A 638 -22.59 -17.86 46.84
CA PRO A 638 -22.95 -18.67 47.99
C PRO A 638 -24.38 -18.51 48.41
N ASP A 639 -25.01 -17.45 47.94
CA ASP A 639 -26.37 -17.17 48.33
C ASP A 639 -27.36 -17.49 47.24
N HIS A 640 -26.89 -18.09 46.17
CA HIS A 640 -27.82 -18.41 45.12
C HIS A 640 -28.57 -19.66 45.48
N SER A 641 -29.84 -19.74 45.16
CA SER A 641 -30.60 -20.93 45.48
C SER A 641 -30.15 -22.18 44.76
N ILE A 642 -29.57 -22.05 43.56
CA ILE A 642 -29.11 -23.24 42.87
C ILE A 642 -27.92 -23.76 43.61
N ILE A 643 -27.04 -22.87 43.99
CA ILE A 643 -25.84 -23.25 44.69
C ILE A 643 -26.14 -23.88 46.00
N GLU A 644 -27.08 -23.37 46.76
CA GLU A 644 -27.36 -24.03 48.02
C GLU A 644 -27.93 -25.42 47.78
N THR A 645 -28.80 -25.57 46.80
CA THR A 645 -29.35 -26.90 46.57
C THR A 645 -28.23 -27.84 46.20
N LEU A 646 -27.34 -27.37 45.37
CA LEU A 646 -26.21 -28.12 44.93
C LEU A 646 -25.31 -28.50 46.08
N ARG A 647 -25.02 -27.59 46.99
CA ARG A 647 -24.17 -27.93 48.11
C ARG A 647 -24.78 -29.06 48.88
N GLN A 648 -26.08 -28.99 49.12
CA GLN A 648 -26.70 -30.01 49.93
C GLN A 648 -26.62 -31.38 49.28
N LYS A 649 -26.89 -31.42 47.99
CA LYS A 649 -26.85 -32.70 47.32
C LYS A 649 -25.46 -33.24 47.21
N ALA A 650 -24.52 -32.37 46.89
CA ALA A 650 -23.16 -32.77 46.68
C ALA A 650 -22.55 -33.32 47.94
N GLU A 651 -22.88 -32.73 49.08
CA GLU A 651 -22.33 -33.26 50.29
C GLU A 651 -23.00 -34.57 50.63
N ALA A 652 -24.31 -34.69 50.38
CA ALA A 652 -24.99 -35.93 50.71
C ALA A 652 -24.42 -37.11 49.92
N ASP A 653 -24.09 -36.90 48.65
CA ASP A 653 -23.49 -37.95 47.83
C ASP A 653 -22.57 -37.40 46.77
N LYS A 654 -21.29 -37.51 47.00
CA LYS A 654 -20.32 -36.94 46.10
C LYS A 654 -20.46 -37.44 44.67
N ASN A 655 -20.87 -38.68 44.49
CA ASN A 655 -20.90 -39.24 43.15
C ASN A 655 -22.27 -39.30 42.50
N ASP A 656 -23.21 -38.53 43.04
CA ASP A 656 -24.53 -38.50 42.46
C ASP A 656 -24.46 -37.95 41.05
N LYS A 657 -24.89 -38.74 40.09
CA LYS A 657 -24.81 -38.35 38.70
C LYS A 657 -25.46 -37.02 38.43
N SER A 658 -26.57 -36.73 39.08
CA SER A 658 -27.26 -35.49 38.77
C SER A 658 -26.43 -34.28 39.16
N VAL A 659 -25.49 -34.46 40.08
CA VAL A 659 -24.62 -33.40 40.49
C VAL A 659 -23.63 -33.20 39.39
N LYS A 660 -23.08 -34.30 38.90
CA LYS A 660 -22.11 -34.16 37.85
C LYS A 660 -22.71 -33.45 36.66
N ASP A 661 -23.96 -33.74 36.36
CA ASP A 661 -24.58 -33.11 35.21
C ASP A 661 -24.87 -31.65 35.47
N LEU A 662 -25.31 -31.30 36.66
CA LEU A 662 -25.59 -29.92 36.95
C LEU A 662 -24.33 -29.10 36.94
N VAL A 663 -23.26 -29.62 37.49
CA VAL A 663 -22.04 -28.89 37.53
C VAL A 663 -21.55 -28.59 36.15
N ILE A 664 -21.61 -29.56 35.24
CA ILE A 664 -21.13 -29.23 33.92
C ILE A 664 -22.01 -28.20 33.29
N LEU A 665 -23.32 -28.32 33.42
CA LEU A 665 -24.15 -27.34 32.77
C LEU A 665 -23.85 -25.94 33.27
N LEU A 666 -23.65 -25.79 34.58
CA LEU A 666 -23.35 -24.47 35.08
C LEU A 666 -22.05 -23.96 34.55
N TYR A 667 -21.06 -24.82 34.43
CA TYR A 667 -19.80 -24.40 33.87
C TYR A 667 -19.94 -23.87 32.48
N GLU A 668 -20.61 -24.63 31.64
CA GLU A 668 -20.75 -24.22 30.26
C GLU A 668 -21.54 -22.94 30.17
N THR A 669 -22.53 -22.78 31.00
CA THR A 669 -23.34 -21.58 30.95
C THR A 669 -22.49 -20.40 31.35
N ALA A 670 -21.67 -20.58 32.38
CA ALA A 670 -20.80 -19.53 32.87
C ALA A 670 -19.86 -19.04 31.79
N LEU A 671 -19.44 -19.92 30.88
CA LEU A 671 -18.56 -19.52 29.80
C LEU A 671 -19.26 -18.69 28.76
N LEU A 672 -20.57 -18.68 28.73
CA LEU A 672 -21.26 -17.88 27.75
C LEU A 672 -21.50 -16.53 28.33
N SER A 673 -21.74 -16.48 29.64
CA SER A 673 -21.95 -15.19 30.28
C SER A 673 -20.63 -14.46 30.32
N SER A 674 -19.55 -15.18 30.58
CA SER A 674 -18.24 -14.62 30.57
C SER A 674 -17.82 -14.71 29.12
N GLY A 675 -16.96 -13.86 28.64
CA GLY A 675 -16.69 -13.86 27.19
C GLY A 675 -15.84 -14.98 26.57
N PHE A 676 -16.27 -16.22 26.63
CA PHE A 676 -15.49 -17.29 26.03
C PHE A 676 -16.27 -18.06 24.98
N SER A 677 -15.59 -18.60 23.99
CA SER A 677 -16.33 -19.47 23.10
C SER A 677 -16.37 -20.82 23.76
N LEU A 678 -17.31 -21.66 23.38
CA LEU A 678 -17.30 -22.99 23.93
C LEU A 678 -16.57 -23.85 22.99
N GLU A 679 -15.84 -24.80 23.50
CA GLU A 679 -15.28 -25.75 22.59
C GLU A 679 -16.34 -26.79 22.40
N ASP A 680 -16.48 -27.29 21.19
CA ASP A 680 -17.49 -28.28 20.93
C ASP A 680 -18.85 -27.84 21.46
N PRO A 681 -19.40 -26.73 20.97
CA PRO A 681 -20.64 -26.14 21.39
C PRO A 681 -21.79 -27.07 21.12
N GLN A 682 -21.56 -28.06 20.28
CA GLN A 682 -22.59 -29.01 19.99
C GLN A 682 -22.92 -29.79 21.24
N THR A 683 -21.95 -30.07 22.11
CA THR A 683 -22.31 -30.82 23.30
C THR A 683 -23.25 -30.03 24.15
N HIS A 684 -22.96 -28.75 24.29
CA HIS A 684 -23.80 -27.90 25.08
C HIS A 684 -25.19 -27.93 24.51
N ALA A 685 -25.30 -27.79 23.21
CA ALA A 685 -26.60 -27.78 22.61
C ALA A 685 -27.34 -29.05 22.89
N ASN A 686 -26.64 -30.15 22.89
CA ASN A 686 -27.30 -31.40 23.12
C ASN A 686 -27.83 -31.50 24.53
N ARG A 687 -27.14 -30.88 25.49
CA ARG A 687 -27.61 -30.94 26.87
C ARG A 687 -28.93 -30.24 26.96
N ILE A 688 -29.02 -29.14 26.24
CA ILE A 688 -30.23 -28.38 26.21
C ILE A 688 -31.33 -29.11 25.53
N TYR A 689 -31.03 -29.75 24.42
CA TYR A 689 -32.07 -30.45 23.74
C TYR A 689 -32.64 -31.49 24.66
N ARG A 690 -31.80 -32.16 25.45
CA ARG A 690 -32.37 -33.13 26.36
C ARG A 690 -33.28 -32.45 27.37
N MET A 691 -32.91 -31.29 27.89
CA MET A 691 -33.79 -30.64 28.84
C MET A 691 -35.12 -30.29 28.22
N ILE A 692 -35.09 -29.90 26.96
CA ILE A 692 -36.30 -29.57 26.26
C ILE A 692 -37.15 -30.79 26.12
N LYS A 693 -36.57 -31.89 25.70
CA LYS A 693 -37.34 -33.09 25.53
C LYS A 693 -38.00 -33.50 26.81
N LEU A 694 -37.32 -33.33 27.94
CA LEU A 694 -37.97 -33.71 29.17
C LEU A 694 -39.15 -32.82 29.44
N GLY A 695 -38.99 -31.54 29.21
CA GLY A 695 -40.06 -30.58 29.45
C GLY A 695 -41.28 -30.85 28.60
N LEU A 696 -41.05 -31.33 27.39
CA LEU A 696 -42.11 -31.61 26.45
C LEU A 696 -42.67 -33.01 26.57
N GLY A 697 -42.13 -33.82 27.46
CA GLY A 697 -42.60 -35.20 27.59
C GLY A 697 -42.14 -36.19 26.50
N ILE A 698 -41.00 -35.94 25.82
CA ILE A 698 -40.47 -36.77 24.74
C ILE A 698 -39.57 -37.83 25.40
N GLU B 15 24.74 38.00 -40.13
CA GLU B 15 24.92 38.08 -38.69
C GLU B 15 26.37 37.66 -38.37
N GLU B 16 26.74 37.70 -37.07
CA GLU B 16 28.01 37.25 -36.54
C GLU B 16 27.68 36.44 -35.33
N VAL B 17 28.23 35.26 -35.26
CA VAL B 17 27.92 34.39 -34.15
C VAL B 17 29.20 33.97 -33.48
N GLU B 18 29.30 34.18 -32.19
CA GLU B 18 30.50 33.80 -31.47
C GLU B 18 30.34 32.42 -30.92
N THR B 19 31.41 31.65 -30.88
CA THR B 19 31.32 30.31 -30.34
C THR B 19 32.22 30.15 -29.15
N PHE B 20 31.68 29.56 -28.11
CA PHE B 20 32.40 29.37 -26.88
C PHE B 20 32.38 27.94 -26.41
N ALA B 21 33.42 27.53 -25.73
CA ALA B 21 33.43 26.22 -25.11
C ALA B 21 32.80 26.29 -23.75
N PHE B 22 32.24 25.19 -23.29
CA PHE B 22 31.75 25.18 -21.92
C PHE B 22 32.89 25.08 -20.94
N GLN B 23 32.75 25.77 -19.84
CA GLN B 23 33.71 25.81 -18.74
C GLN B 23 33.09 25.26 -17.48
N ALA B 24 33.87 25.22 -16.41
CA ALA B 24 33.34 24.80 -15.12
C ALA B 24 34.05 25.57 -14.04
N GLU B 25 33.34 25.83 -12.94
CA GLU B 25 33.99 26.46 -11.83
C GLU B 25 34.41 25.40 -10.88
N ILE B 26 35.71 25.22 -10.79
CA ILE B 26 36.26 24.14 -10.00
C ILE B 26 35.96 24.28 -8.55
N ALA B 27 36.02 25.47 -8.02
CA ALA B 27 35.78 25.61 -6.61
C ALA B 27 34.40 25.17 -6.20
N GLN B 28 33.40 25.45 -7.02
CA GLN B 28 32.07 25.09 -6.59
C GLN B 28 31.84 23.67 -6.89
N LEU B 29 32.50 23.18 -7.92
CA LEU B 29 32.31 21.82 -8.29
C LEU B 29 32.84 20.94 -7.19
N MET B 30 33.99 21.29 -6.64
CA MET B 30 34.55 20.49 -5.58
C MET B 30 33.60 20.49 -4.41
N SER B 31 33.02 21.64 -4.10
CA SER B 31 32.10 21.72 -2.98
C SER B 31 30.90 20.85 -3.20
N LEU B 32 30.32 20.85 -4.39
CA LEU B 32 29.14 20.04 -4.58
C LEU B 32 29.44 18.59 -4.42
N ILE B 33 30.58 18.15 -4.87
CA ILE B 33 30.86 16.76 -4.73
C ILE B 33 30.88 16.38 -3.28
N ILE B 34 31.55 17.17 -2.49
CA ILE B 34 31.65 16.89 -1.08
C ILE B 34 30.36 17.04 -0.31
N ASN B 35 29.59 18.09 -0.55
CA ASN B 35 28.42 18.35 0.24
C ASN B 35 27.06 17.89 -0.25
N THR B 36 26.85 17.72 -1.55
CA THR B 36 25.53 17.39 -2.06
C THR B 36 25.40 16.03 -2.70
N PHE B 37 26.49 15.32 -2.91
CA PHE B 37 26.36 14.04 -3.60
C PHE B 37 26.12 12.88 -2.69
N TYR B 38 26.66 12.93 -1.50
CA TYR B 38 26.56 11.77 -0.65
C TYR B 38 25.92 12.07 0.66
N SER B 39 24.99 11.24 1.06
CA SER B 39 24.30 11.41 2.33
C SER B 39 24.88 10.63 3.50
N ASN B 40 25.63 9.59 3.24
CA ASN B 40 26.16 8.76 4.29
C ASN B 40 27.65 8.83 4.30
N LYS B 41 28.22 9.43 5.31
CA LYS B 41 29.65 9.62 5.26
C LYS B 41 30.47 8.37 5.15
N GLU B 42 30.02 7.27 5.73
CA GLU B 42 30.81 6.07 5.75
C GLU B 42 31.06 5.44 4.41
N ILE B 43 30.35 5.86 3.39
CA ILE B 43 30.54 5.22 2.11
C ILE B 43 31.90 5.51 1.57
N PHE B 44 32.62 6.47 2.12
CA PHE B 44 33.92 6.76 1.60
C PHE B 44 34.77 5.52 1.64
N LEU B 45 34.50 4.61 2.56
CA LEU B 45 35.32 3.46 2.64
C LEU B 45 35.07 2.56 1.49
N ARG B 46 33.83 2.48 0.99
CA ARG B 46 33.62 1.58 -0.11
C ARG B 46 34.13 2.19 -1.36
N GLU B 47 34.21 3.50 -1.41
CA GLU B 47 34.74 4.06 -2.61
C GLU B 47 36.19 3.76 -2.73
N LEU B 48 36.90 3.85 -1.62
CA LEU B 48 38.31 3.59 -1.68
C LEU B 48 38.58 2.12 -1.90
N ILE B 49 37.78 1.27 -1.31
CA ILE B 49 37.97 -0.15 -1.55
C ILE B 49 37.68 -0.48 -2.99
N SER B 50 36.63 0.08 -3.56
CA SER B 50 36.32 -0.23 -4.93
C SER B 50 37.44 0.21 -5.84
N ASN B 51 38.06 1.35 -5.55
CA ASN B 51 39.14 1.76 -6.42
C ASN B 51 40.24 0.76 -6.36
N SER B 52 40.47 0.21 -5.18
CA SER B 52 41.50 -0.75 -4.98
C SER B 52 41.23 -2.03 -5.73
N SER B 53 39.99 -2.50 -5.73
CA SER B 53 39.77 -3.75 -6.42
C SER B 53 39.97 -3.53 -7.90
N ASP B 54 39.72 -2.34 -8.39
CA ASP B 54 39.97 -2.11 -9.79
C ASP B 54 41.44 -2.11 -10.08
N ALA B 55 42.22 -1.51 -9.20
CA ALA B 55 43.63 -1.47 -9.46
C ALA B 55 44.20 -2.86 -9.51
N LEU B 56 43.69 -3.73 -8.66
CA LEU B 56 44.14 -5.09 -8.62
C LEU B 56 43.70 -5.82 -9.87
N ASP B 57 42.50 -5.56 -10.37
CA ASP B 57 42.12 -6.24 -11.59
C ASP B 57 42.96 -5.80 -12.76
N LYS B 58 43.37 -4.54 -12.78
CA LYS B 58 44.15 -4.10 -13.92
C LYS B 58 45.47 -4.82 -13.97
N ILE B 59 46.12 -4.97 -12.83
CA ILE B 59 47.40 -5.63 -12.90
C ILE B 59 47.22 -7.08 -13.17
N ARG B 60 46.19 -7.69 -12.61
CA ARG B 60 45.97 -9.08 -12.84
C ARG B 60 45.75 -9.32 -14.30
N TYR B 61 44.96 -8.47 -14.93
CA TYR B 61 44.71 -8.63 -16.33
C TYR B 61 45.97 -8.55 -17.14
N GLU B 62 46.80 -7.56 -16.89
CA GLU B 62 47.98 -7.45 -17.70
C GLU B 62 48.89 -8.66 -17.57
N SER B 63 48.96 -9.23 -16.38
CA SER B 63 49.84 -10.34 -16.11
C SER B 63 49.47 -11.58 -16.88
N LEU B 64 48.27 -11.61 -17.46
CA LEU B 64 47.82 -12.74 -18.20
C LEU B 64 48.59 -12.91 -19.47
N THR B 65 49.06 -11.83 -20.06
CA THR B 65 49.80 -11.95 -21.29
C THR B 65 51.26 -11.64 -21.06
N ASP B 66 51.55 -10.97 -19.94
CA ASP B 66 52.92 -10.65 -19.61
C ASP B 66 53.17 -10.85 -18.13
N PRO B 67 53.57 -12.04 -17.71
CA PRO B 67 53.79 -12.45 -16.35
C PRO B 67 54.87 -11.65 -15.64
N SER B 68 55.70 -10.92 -16.38
CA SER B 68 56.78 -10.17 -15.71
C SER B 68 56.19 -8.99 -14.98
N LYS B 69 54.94 -8.68 -15.26
CA LYS B 69 54.28 -7.57 -14.63
C LYS B 69 54.20 -7.79 -13.14
N LEU B 70 54.24 -9.05 -12.71
CA LEU B 70 54.14 -9.32 -11.29
C LEU B 70 55.49 -9.58 -10.67
N ASP B 71 56.58 -9.31 -11.38
CA ASP B 71 57.89 -9.49 -10.79
C ASP B 71 58.07 -8.60 -9.58
N SER B 72 57.39 -7.47 -9.59
CA SER B 72 57.42 -6.49 -8.52
C SER B 72 56.60 -6.90 -7.29
N GLY B 73 55.87 -8.01 -7.38
CA GLY B 73 55.06 -8.52 -6.27
C GLY B 73 53.88 -9.36 -6.78
N LYS B 74 53.75 -10.57 -6.26
CA LYS B 74 52.69 -11.45 -6.75
C LYS B 74 51.43 -11.53 -5.92
N GLU B 75 51.44 -11.02 -4.71
CA GLU B 75 50.25 -11.17 -3.92
C GLU B 75 49.30 -10.02 -4.12
N LEU B 76 48.07 -10.32 -4.51
CA LEU B 76 47.07 -9.31 -4.74
C LEU B 76 46.12 -9.22 -3.58
N HIS B 77 46.19 -8.14 -2.81
CA HIS B 77 45.37 -8.00 -1.62
C HIS B 77 45.19 -6.57 -1.20
N ILE B 78 44.23 -6.34 -0.29
CA ILE B 78 43.95 -5.03 0.28
C ILE B 78 44.15 -4.94 1.79
N ASN B 79 44.90 -3.96 2.26
CA ASN B 79 45.06 -3.82 3.71
C ASN B 79 44.41 -2.57 4.27
N LEU B 80 43.82 -2.69 5.46
CA LEU B 80 43.25 -1.54 6.16
C LEU B 80 43.97 -1.37 7.48
N ILE B 81 44.55 -0.21 7.69
CA ILE B 81 45.32 -0.01 8.90
C ILE B 81 44.98 1.29 9.62
N PRO B 82 44.06 1.31 10.57
CA PRO B 82 43.73 2.47 11.36
C PRO B 82 44.87 2.73 12.31
N ASN B 83 45.06 3.98 12.67
CA ASN B 83 46.07 4.37 13.65
C ASN B 83 45.53 5.43 14.60
N LYS B 84 45.23 5.04 15.81
CA LYS B 84 44.61 5.99 16.72
C LYS B 84 45.61 6.91 17.38
N GLN B 85 46.89 6.67 17.17
CA GLN B 85 47.91 7.45 17.82
C GLN B 85 48.25 8.68 17.00
N ASP B 86 47.73 8.70 15.80
CA ASP B 86 47.93 9.73 14.81
C ASP B 86 46.70 9.55 13.99
N ARG B 87 45.69 10.40 14.11
CA ARG B 87 44.40 10.08 13.50
C ARG B 87 44.41 9.84 12.02
N THR B 88 44.84 8.67 11.61
CA THR B 88 44.84 8.34 10.22
C THR B 88 44.30 6.98 9.95
N LEU B 89 43.87 6.80 8.72
CA LEU B 89 43.49 5.50 8.23
C LEU B 89 44.16 5.24 6.93
N THR B 90 44.90 4.15 6.86
CA THR B 90 45.63 3.86 5.64
C THR B 90 45.09 2.67 4.90
N ILE B 91 44.93 2.82 3.60
CA ILE B 91 44.48 1.74 2.73
C ILE B 91 45.57 1.35 1.76
N VAL B 92 45.94 0.08 1.70
CA VAL B 92 47.03 -0.32 0.83
C VAL B 92 46.73 -1.37 -0.21
N ASP B 93 47.08 -1.04 -1.44
CA ASP B 93 46.92 -1.88 -2.62
C ASP B 93 48.22 -2.39 -3.15
N THR B 94 48.15 -3.50 -3.85
CA THR B 94 49.27 -4.04 -4.58
C THR B 94 48.87 -4.08 -6.05
N GLY B 95 47.95 -3.21 -6.39
CA GLY B 95 47.41 -3.17 -7.74
C GLY B 95 48.35 -2.41 -8.62
N ILE B 96 47.90 -2.10 -9.81
CA ILE B 96 48.78 -1.50 -10.78
C ILE B 96 49.46 -0.17 -10.44
N GLY B 97 48.84 0.68 -9.65
CA GLY B 97 49.46 1.95 -9.29
C GLY B 97 49.31 2.99 -10.40
N MET B 98 49.96 4.13 -10.24
CA MET B 98 49.86 5.20 -11.22
C MET B 98 51.21 5.81 -11.54
N THR B 99 51.42 6.19 -12.79
CA THR B 99 52.65 6.87 -13.19
C THR B 99 52.48 8.30 -12.85
N LYS B 100 53.52 9.09 -12.90
CA LYS B 100 53.31 10.49 -12.55
C LYS B 100 52.23 11.13 -13.39
N ALA B 101 52.24 10.82 -14.67
CA ALA B 101 51.27 11.40 -15.57
C ALA B 101 49.87 11.01 -15.23
N ASP B 102 49.67 9.77 -14.80
CA ASP B 102 48.34 9.31 -14.48
C ASP B 102 47.92 9.88 -13.18
N LEU B 103 48.86 10.06 -12.30
CA LEU B 103 48.53 10.56 -11.00
C LEU B 103 47.97 11.95 -11.16
N ILE B 104 48.64 12.73 -12.00
CA ILE B 104 48.19 14.07 -12.26
C ILE B 104 46.90 14.12 -13.03
N ASN B 105 46.73 13.33 -14.07
CA ASN B 105 45.50 13.43 -14.79
C ASN B 105 44.29 12.83 -14.12
N ASN B 106 44.46 11.75 -13.40
CA ASN B 106 43.32 11.10 -12.82
C ASN B 106 42.90 11.60 -11.47
N LEU B 107 43.82 12.02 -10.61
CA LEU B 107 43.30 12.43 -9.32
C LEU B 107 43.01 13.90 -9.26
N GLY B 108 43.52 14.69 -10.17
CA GLY B 108 43.71 16.02 -10.73
C GLY B 108 42.55 16.50 -11.54
N THR B 109 41.76 15.59 -12.05
CA THR B 109 40.68 15.98 -12.92
C THR B 109 39.40 15.48 -12.33
N ILE B 110 38.45 16.35 -12.17
CA ILE B 110 37.25 16.00 -11.47
C ILE B 110 36.44 14.91 -12.08
N ALA B 111 36.29 14.86 -13.36
CA ALA B 111 35.45 13.79 -13.90
C ALA B 111 36.23 12.86 -14.78
N LYS B 112 37.52 12.70 -14.54
CA LYS B 112 38.25 11.80 -15.40
C LYS B 112 38.23 10.40 -14.86
N SER B 113 37.92 9.44 -15.69
CA SER B 113 37.99 8.07 -15.23
C SER B 113 38.90 7.21 -16.06
N GLY B 114 39.98 6.79 -15.42
CA GLY B 114 40.97 5.97 -16.04
C GLY B 114 40.42 4.59 -16.23
N THR B 115 39.58 4.18 -15.29
CA THR B 115 38.97 2.88 -15.33
C THR B 115 38.08 2.78 -16.52
N LYS B 116 37.31 3.82 -16.77
CA LYS B 116 36.43 3.80 -17.91
C LYS B 116 37.23 3.68 -19.17
N ALA B 117 38.30 4.46 -19.29
CA ALA B 117 39.09 4.41 -20.49
C ALA B 117 39.70 3.05 -20.71
N PHE B 118 40.14 2.44 -19.62
CA PHE B 118 40.75 1.14 -19.68
C PHE B 118 39.78 0.15 -20.24
N MET B 119 38.55 0.16 -19.73
CA MET B 119 37.58 -0.80 -20.21
C MET B 119 37.28 -0.62 -21.66
N GLU B 120 37.25 0.62 -22.12
CA GLU B 120 36.96 0.86 -23.52
C GLU B 120 38.10 0.34 -24.39
N ALA B 121 39.32 0.51 -23.89
CA ALA B 121 40.51 0.04 -24.56
C ALA B 121 40.58 -1.48 -24.64
N LEU B 122 40.01 -2.18 -23.67
CA LEU B 122 40.09 -3.62 -23.66
C LEU B 122 39.40 -4.29 -24.80
N GLN B 123 40.06 -5.34 -25.25
CA GLN B 123 39.55 -6.19 -26.29
C GLN B 123 38.51 -7.15 -25.79
N ALA B 124 37.38 -7.17 -26.45
CA ALA B 124 36.33 -8.11 -26.11
C ALA B 124 36.74 -9.51 -26.54
N GLY B 125 36.33 -10.57 -25.84
CA GLY B 125 35.53 -10.57 -24.62
C GLY B 125 36.37 -10.74 -23.34
N ALA B 126 37.33 -9.87 -23.08
CA ALA B 126 38.10 -10.04 -21.85
C ALA B 126 37.15 -10.13 -20.69
N ASP B 127 37.39 -11.07 -19.78
CA ASP B 127 36.46 -11.23 -18.67
C ASP B 127 36.76 -10.31 -17.51
N ILE B 128 36.55 -9.04 -17.76
CA ILE B 128 36.83 -7.98 -16.83
C ILE B 128 35.59 -7.17 -16.55
N SER B 129 35.34 -6.93 -15.29
CA SER B 129 34.24 -6.10 -14.87
C SER B 129 34.74 -5.23 -13.77
N MET B 130 34.68 -3.93 -13.98
CA MET B 130 35.26 -2.97 -13.08
C MET B 130 34.23 -1.97 -12.67
N ILE B 131 34.46 -1.33 -11.56
CA ILE B 131 33.51 -0.38 -11.02
C ILE B 131 34.02 1.03 -11.19
N GLY B 132 33.36 1.95 -11.89
CA GLY B 132 34.08 3.21 -11.92
C GLY B 132 33.93 4.02 -13.17
N GLN B 133 32.73 4.11 -13.65
CA GLN B 133 32.50 4.90 -14.80
C GLN B 133 32.33 6.40 -14.56
N PHE B 134 32.12 6.87 -13.31
CA PHE B 134 31.82 8.30 -13.19
C PHE B 134 33.01 9.24 -13.15
N GLY B 135 34.09 8.88 -12.50
CA GLY B 135 35.26 9.74 -12.40
C GLY B 135 35.29 10.55 -11.12
N VAL B 136 34.19 10.54 -10.42
CA VAL B 136 34.06 11.24 -9.17
C VAL B 136 33.79 10.29 -8.06
N GLY B 137 34.65 10.25 -7.09
CA GLY B 137 34.44 9.32 -6.00
C GLY B 137 35.63 9.33 -5.08
N PHE B 138 36.81 9.51 -5.62
CA PHE B 138 37.99 9.62 -4.81
C PHE B 138 37.77 10.70 -3.80
N TYR B 139 37.18 11.77 -4.26
CA TYR B 139 36.93 12.97 -3.53
C TYR B 139 36.00 12.77 -2.35
N SER B 140 35.33 11.63 -2.27
CA SER B 140 34.44 11.32 -1.15
C SER B 140 35.29 11.13 0.08
N ALA B 141 36.59 10.98 -0.11
CA ALA B 141 37.50 10.86 0.99
C ALA B 141 37.39 12.06 1.88
N TYR B 142 37.09 13.22 1.29
CA TYR B 142 37.05 14.45 2.04
C TYR B 142 35.79 14.61 2.84
N LEU B 143 34.92 13.61 2.79
CA LEU B 143 33.76 13.62 3.63
C LEU B 143 34.22 13.48 5.06
N VAL B 144 35.30 12.71 5.27
CA VAL B 144 35.80 12.47 6.61
C VAL B 144 37.22 12.96 6.81
N ALA B 145 37.98 13.08 5.73
CA ALA B 145 39.35 13.48 5.86
C ALA B 145 39.53 14.95 5.79
N GLU B 146 40.48 15.43 6.54
CA GLU B 146 40.90 16.80 6.48
C GLU B 146 41.85 16.93 5.32
N LYS B 147 42.72 15.96 5.20
CA LYS B 147 43.73 15.95 4.16
C LYS B 147 43.93 14.55 3.64
N VAL B 148 44.28 14.40 2.38
CA VAL B 148 44.56 13.10 1.84
C VAL B 148 45.93 13.01 1.17
N THR B 149 46.69 11.99 1.54
CA THR B 149 48.01 11.77 0.95
C THR B 149 48.02 10.46 0.19
N VAL B 150 48.50 10.46 -1.04
CA VAL B 150 48.54 9.22 -1.81
C VAL B 150 49.93 8.87 -2.29
N ILE B 151 50.39 7.69 -1.98
CA ILE B 151 51.71 7.28 -2.41
C ILE B 151 51.55 6.23 -3.46
N THR B 152 52.24 6.35 -4.57
CA THR B 152 52.09 5.32 -5.57
C THR B 152 53.37 4.92 -6.27
N LYS B 153 53.40 3.66 -6.67
CA LYS B 153 54.48 3.09 -7.46
C LYS B 153 53.94 2.25 -8.60
N HIS B 154 54.29 2.63 -9.80
CA HIS B 154 53.86 1.92 -10.99
C HIS B 154 55.04 1.18 -11.55
N ASN B 155 54.83 0.07 -12.24
CA ASN B 155 55.99 -0.64 -12.77
C ASN B 155 56.85 0.17 -13.70
N ASP B 156 56.27 1.13 -14.41
CA ASP B 156 57.01 1.90 -15.37
C ASP B 156 57.52 3.24 -14.86
N ASP B 157 57.42 3.50 -13.55
CA ASP B 157 57.87 4.80 -13.07
C ASP B 157 58.41 4.77 -11.63
N GLU B 158 58.85 5.93 -11.18
CA GLU B 158 59.38 6.20 -9.86
C GLU B 158 58.27 6.29 -8.85
N GLN B 159 58.57 6.09 -7.59
CA GLN B 159 57.52 6.22 -6.60
C GLN B 159 57.27 7.70 -6.32
N TYR B 160 56.00 8.10 -6.33
CA TYR B 160 55.58 9.49 -6.12
C TYR B 160 54.54 9.67 -5.07
N ALA B 161 54.55 10.86 -4.50
CA ALA B 161 53.56 11.22 -3.51
C ALA B 161 52.72 12.40 -3.96
N TRP B 162 51.41 12.23 -3.88
CA TRP B 162 50.41 13.22 -4.20
C TRP B 162 49.81 13.74 -2.92
N GLU B 163 49.56 15.01 -2.82
CA GLU B 163 48.91 15.49 -1.60
C GLU B 163 47.94 16.61 -1.81
N SER B 164 46.79 16.54 -1.16
CA SER B 164 45.84 17.64 -1.26
C SER B 164 44.86 17.73 -0.12
N SER B 165 44.44 18.96 0.18
CA SER B 165 43.42 19.26 1.18
C SER B 165 42.11 19.68 0.52
N ALA B 166 42.05 19.48 -0.80
CA ALA B 166 40.91 19.87 -1.65
C ALA B 166 40.66 21.35 -1.61
N GLY B 167 41.73 22.13 -1.61
CA GLY B 167 41.69 23.58 -1.57
C GLY B 167 41.76 24.20 -2.95
N GLY B 168 41.57 23.41 -3.99
CA GLY B 168 41.67 23.89 -5.36
C GLY B 168 42.98 23.54 -6.00
N SER B 169 43.89 23.03 -5.20
CA SER B 169 45.20 22.63 -5.68
C SER B 169 45.67 21.36 -5.01
N PHE B 170 46.71 20.79 -5.60
CA PHE B 170 47.36 19.60 -5.09
C PHE B 170 48.80 19.62 -5.47
N THR B 171 49.60 18.81 -4.80
CA THR B 171 50.99 18.75 -5.18
C THR B 171 51.49 17.38 -5.47
N VAL B 172 52.57 17.34 -6.23
CA VAL B 172 53.25 16.09 -6.51
C VAL B 172 54.74 16.21 -6.27
N ARG B 173 55.29 15.25 -5.54
CA ARG B 173 56.72 15.21 -5.28
C ARG B 173 57.21 13.80 -5.43
N THR B 174 58.49 13.61 -5.65
CA THR B 174 59.05 12.26 -5.72
C THR B 174 59.08 11.72 -4.31
N ASP B 175 58.68 10.48 -4.10
CA ASP B 175 58.70 9.97 -2.74
C ASP B 175 60.10 9.64 -2.30
N THR B 176 60.29 9.68 -0.99
CA THR B 176 61.55 9.33 -0.35
C THR B 176 61.40 8.19 0.65
N GLY B 177 60.19 7.71 0.87
CA GLY B 177 59.94 6.69 1.87
C GLY B 177 60.30 5.31 1.36
N GLU B 178 59.95 4.30 2.14
CA GLU B 178 60.29 2.95 1.79
C GLU B 178 59.64 2.65 0.47
N PRO B 179 60.23 1.81 -0.38
CA PRO B 179 59.68 1.41 -1.62
C PRO B 179 58.50 0.50 -1.39
N MET B 180 57.51 0.60 -2.23
CA MET B 180 56.37 -0.31 -2.12
C MET B 180 56.42 -1.43 -3.11
N GLY B 181 57.39 -1.41 -3.99
CA GLY B 181 57.47 -2.41 -5.04
C GLY B 181 56.52 -2.04 -6.16
N ARG B 182 55.25 -2.23 -5.90
CA ARG B 182 54.15 -1.89 -6.77
C ARG B 182 52.95 -1.59 -5.92
N GLY B 183 52.17 -0.56 -6.28
CA GLY B 183 50.93 -0.36 -5.54
C GLY B 183 50.67 1.04 -5.10
N THR B 184 49.70 1.18 -4.22
CA THR B 184 49.30 2.47 -3.70
C THR B 184 49.07 2.44 -2.21
N LYS B 185 49.20 3.59 -1.62
CA LYS B 185 48.88 3.77 -0.25
C LYS B 185 48.09 5.02 -0.09
N VAL B 186 46.91 4.94 0.48
CA VAL B 186 46.12 6.14 0.64
C VAL B 186 45.96 6.43 2.09
N ILE B 187 46.39 7.60 2.48
CA ILE B 187 46.31 7.98 3.87
C ILE B 187 45.32 9.05 4.09
N LEU B 188 44.36 8.77 4.93
CA LEU B 188 43.39 9.75 5.25
C LEU B 188 43.76 10.35 6.56
N HIS B 189 43.91 11.64 6.60
CA HIS B 189 44.21 12.32 7.83
C HIS B 189 42.85 12.76 8.26
N LEU B 190 42.34 12.18 9.33
CA LEU B 190 40.96 12.42 9.68
C LEU B 190 40.70 13.62 10.49
N LYS B 191 39.50 14.15 10.30
CA LYS B 191 38.98 15.25 11.07
C LYS B 191 38.81 14.76 12.49
N GLU B 192 39.00 15.64 13.46
CA GLU B 192 38.92 15.24 14.84
C GLU B 192 37.55 14.81 15.29
N ASP B 193 36.54 15.18 14.55
CA ASP B 193 35.20 14.83 14.91
C ASP B 193 34.68 13.65 14.13
N GLN B 194 35.55 12.94 13.42
CA GLN B 194 35.20 11.74 12.69
C GLN B 194 36.17 10.65 13.02
N THR B 195 36.19 10.26 14.28
CA THR B 195 37.17 9.33 14.74
C THR B 195 36.62 7.95 15.00
N GLU B 196 35.31 7.75 14.82
CA GLU B 196 34.77 6.42 15.03
C GLU B 196 35.22 5.50 13.93
N TYR B 197 35.75 6.09 12.89
CA TYR B 197 36.19 5.35 11.75
C TYR B 197 37.50 4.65 12.02
N LEU B 198 38.10 4.95 13.16
CA LEU B 198 39.32 4.29 13.54
C LEU B 198 39.03 3.11 14.46
N GLU B 199 37.76 2.85 14.74
CA GLU B 199 37.43 1.76 15.63
C GLU B 199 37.30 0.44 14.91
N GLU B 200 37.83 -0.60 15.50
CA GLU B 200 37.73 -1.90 14.86
C GLU B 200 36.31 -2.28 14.60
N ARG B 201 35.44 -2.05 15.56
CA ARG B 201 34.07 -2.42 15.35
C ARG B 201 33.44 -1.69 14.20
N ARG B 202 33.68 -0.41 14.10
CA ARG B 202 33.01 0.35 13.08
C ARG B 202 33.51 -0.04 11.72
N ILE B 203 34.80 -0.29 11.60
CA ILE B 203 35.31 -0.67 10.31
C ILE B 203 34.69 -1.95 9.90
N LYS B 204 34.63 -2.91 10.79
CA LYS B 204 34.04 -4.16 10.40
C LYS B 204 32.63 -4.02 9.95
N GLU B 205 31.83 -3.18 10.62
CA GLU B 205 30.45 -3.04 10.21
C GLU B 205 30.33 -2.48 8.82
N ILE B 206 31.16 -1.50 8.50
CA ILE B 206 31.08 -0.87 7.22
C ILE B 206 31.48 -1.80 6.12
N VAL B 207 32.56 -2.51 6.31
CA VAL B 207 33.00 -3.39 5.27
C VAL B 207 32.01 -4.49 5.07
N LYS B 208 31.54 -5.08 6.13
CA LYS B 208 30.62 -6.16 5.96
C LYS B 208 29.38 -5.73 5.22
N LYS B 209 28.86 -4.56 5.53
CA LYS B 209 27.67 -4.14 4.83
C LYS B 209 27.86 -3.83 3.37
N HIS B 210 28.90 -3.09 3.03
CA HIS B 210 29.02 -2.65 1.66
C HIS B 210 29.92 -3.40 0.72
N SER B 211 31.00 -3.94 1.21
CA SER B 211 31.99 -4.47 0.33
C SER B 211 32.48 -5.86 0.63
N GLN B 212 31.69 -6.70 1.26
CA GLN B 212 32.26 -8.01 1.51
C GLN B 212 32.46 -8.89 0.30
N PHE B 213 31.74 -8.70 -0.79
CA PHE B 213 31.95 -9.63 -1.89
C PHE B 213 32.97 -9.17 -2.90
N ILE B 214 34.16 -8.99 -2.44
CA ILE B 214 35.26 -8.55 -3.27
C ILE B 214 36.27 -9.65 -3.40
N GLY B 215 36.68 -9.87 -4.64
CA GLY B 215 37.59 -10.95 -5.02
C GLY B 215 38.97 -10.93 -4.40
N TYR B 216 39.38 -9.81 -3.87
CA TYR B 216 40.68 -9.76 -3.26
C TYR B 216 40.46 -9.73 -1.77
N PRO B 217 41.27 -10.42 -0.96
CA PRO B 217 41.14 -10.44 0.46
C PRO B 217 41.46 -9.11 1.07
N ILE B 218 40.71 -8.75 2.08
CA ILE B 218 40.88 -7.51 2.83
C ILE B 218 41.29 -7.82 4.25
N THR B 219 42.44 -7.31 4.67
CA THR B 219 42.91 -7.57 6.03
C THR B 219 42.96 -6.34 6.89
N LEU B 220 42.37 -6.44 8.07
CA LEU B 220 42.36 -5.37 9.03
C LEU B 220 43.42 -5.55 10.12
N PHE B 221 44.28 -4.54 10.24
CA PHE B 221 45.41 -4.51 11.16
C PHE B 221 45.15 -3.73 12.43
N VAL B 222 45.05 -4.43 13.55
CA VAL B 222 44.67 -3.74 14.79
C VAL B 222 45.60 -3.94 15.97
N GLU B 223 46.03 -2.84 16.56
CA GLU B 223 46.91 -2.95 17.72
C GLU B 223 46.16 -3.51 18.93
N LYS B 224 46.74 -4.53 19.54
CA LYS B 224 46.18 -5.20 20.73
C LYS B 224 47.29 -5.62 21.71
N GLU B 225 46.92 -5.86 23.01
CA GLU B 225 47.83 -6.33 24.07
C GLU B 225 47.39 -7.73 24.56
N LYS B 283 52.97 -5.52 23.00
CA LYS B 283 51.78 -5.48 22.16
C LYS B 283 52.12 -6.11 20.80
N TYR B 284 51.09 -6.30 19.96
CA TYR B 284 51.14 -6.92 18.63
C TYR B 284 50.05 -6.38 17.74
N ILE B 285 50.17 -6.59 16.44
CA ILE B 285 49.11 -6.15 15.55
C ILE B 285 48.36 -7.37 15.07
N ASP B 286 47.08 -7.40 15.31
CA ASP B 286 46.27 -8.52 14.89
C ASP B 286 46.00 -8.37 13.42
N GLN B 287 45.72 -9.45 12.74
CA GLN B 287 45.42 -9.41 11.31
C GLN B 287 44.23 -10.23 10.93
N GLU B 288 43.09 -9.57 10.78
CA GLU B 288 41.88 -10.31 10.49
C GLU B 288 41.32 -10.12 9.10
N GLU B 289 41.16 -11.22 8.39
CA GLU B 289 40.56 -11.14 7.06
C GLU B 289 39.09 -10.93 7.25
N LEU B 290 38.51 -10.01 6.51
CA LEU B 290 37.10 -9.77 6.69
C LEU B 290 36.22 -10.47 5.67
N ASN B 291 36.62 -10.47 4.44
CA ASN B 291 35.82 -11.04 3.37
C ASN B 291 36.12 -12.49 3.13
N LYS B 292 35.73 -13.33 4.06
CA LYS B 292 36.05 -14.74 3.95
C LYS B 292 35.10 -15.52 3.05
N THR B 293 33.87 -15.06 2.91
CA THR B 293 32.89 -15.75 2.08
C THR B 293 33.00 -15.28 0.66
N LYS B 294 33.03 -16.20 -0.28
CA LYS B 294 33.08 -15.82 -1.67
C LYS B 294 31.66 -15.69 -2.14
N PRO B 295 31.35 -14.86 -3.13
CA PRO B 295 30.06 -14.84 -3.72
C PRO B 295 30.03 -16.15 -4.43
N ILE B 296 28.92 -16.85 -4.43
CA ILE B 296 28.94 -18.11 -5.16
C ILE B 296 27.94 -18.06 -6.24
N TRP B 297 27.27 -16.96 -6.36
CA TRP B 297 26.20 -16.90 -7.31
C TRP B 297 26.70 -16.67 -8.69
N THR B 298 28.01 -16.47 -8.79
CA THR B 298 28.70 -16.20 -10.01
C THR B 298 29.14 -17.50 -10.64
N ARG B 299 29.00 -18.59 -9.90
CA ARG B 299 29.40 -19.88 -10.37
C ARG B 299 28.27 -20.50 -11.12
N ASN B 300 28.56 -21.42 -12.01
CA ASN B 300 27.53 -22.14 -12.70
C ASN B 300 26.76 -22.97 -11.68
N PRO B 301 25.43 -22.91 -11.62
CA PRO B 301 24.59 -23.63 -10.69
C PRO B 301 24.84 -25.11 -10.62
N ASP B 302 25.27 -25.71 -11.71
CA ASP B 302 25.44 -27.14 -11.71
C ASP B 302 26.68 -27.60 -11.01
N ASP B 303 27.54 -26.68 -10.68
CA ASP B 303 28.77 -27.03 -10.02
C ASP B 303 28.71 -26.76 -8.54
N ILE B 304 27.54 -26.40 -8.02
CA ILE B 304 27.48 -26.08 -6.61
C ILE B 304 26.71 -27.15 -5.86
N THR B 305 27.29 -27.68 -4.81
CA THR B 305 26.66 -28.73 -4.04
C THR B 305 25.80 -28.14 -2.96
N ASN B 306 24.98 -28.96 -2.32
CA ASN B 306 24.15 -28.41 -1.27
C ASN B 306 24.96 -27.97 -0.09
N GLU B 307 26.08 -28.61 0.15
CA GLU B 307 26.85 -28.21 1.29
C GLU B 307 27.39 -26.82 1.06
N GLU B 308 27.80 -26.54 -0.16
CA GLU B 308 28.31 -25.23 -0.47
C GLU B 308 27.23 -24.18 -0.37
N TYR B 309 26.02 -24.52 -0.81
CA TYR B 309 24.97 -23.54 -0.70
C TYR B 309 24.67 -23.30 0.75
N GLY B 310 24.70 -24.35 1.54
CA GLY B 310 24.39 -24.25 2.94
C GLY B 310 25.38 -23.36 3.67
N GLU B 311 26.65 -23.48 3.37
CA GLU B 311 27.59 -22.65 4.07
C GLU B 311 27.43 -21.21 3.68
N PHE B 312 27.16 -20.97 2.40
CA PHE B 312 26.96 -19.62 1.96
C PHE B 312 25.79 -19.04 2.69
N TYR B 313 24.70 -19.80 2.71
CA TYR B 313 23.51 -19.38 3.37
C TYR B 313 23.76 -19.01 4.78
N LYS B 314 24.43 -19.87 5.54
CA LYS B 314 24.61 -19.55 6.92
C LYS B 314 25.38 -18.29 7.16
N SER B 315 26.46 -18.05 6.40
CA SER B 315 27.20 -16.83 6.66
C SER B 315 26.47 -15.61 6.19
N LEU B 316 25.58 -15.78 5.22
CA LEU B 316 24.78 -14.70 4.71
C LEU B 316 23.72 -14.27 5.72
N THR B 317 23.07 -15.26 6.32
CA THR B 317 21.97 -14.97 7.19
C THR B 317 22.24 -15.06 8.69
N ASN B 318 23.45 -15.46 9.08
CA ASN B 318 23.83 -15.63 10.48
C ASN B 318 22.93 -16.64 11.15
N ASP B 319 22.65 -17.66 10.40
CA ASP B 319 21.82 -18.74 10.86
C ASP B 319 22.75 -19.77 11.43
N TRP B 320 22.21 -20.85 11.93
CA TRP B 320 22.99 -21.94 12.44
C TRP B 320 22.38 -23.14 11.82
N GLU B 321 21.17 -22.92 11.38
CA GLU B 321 20.36 -23.93 10.78
C GLU B 321 20.63 -23.87 9.29
N ASP B 322 20.38 -24.95 8.58
CA ASP B 322 20.62 -24.90 7.15
C ASP B 322 19.42 -24.30 6.41
N HIS B 323 19.55 -24.19 5.11
CA HIS B 323 18.47 -23.74 4.26
C HIS B 323 17.57 -24.91 3.97
N LEU B 324 16.33 -24.63 3.58
CA LEU B 324 15.40 -25.68 3.21
C LEU B 324 15.38 -25.90 1.72
N ALA B 325 15.43 -24.82 0.96
CA ALA B 325 15.37 -24.95 -0.50
C ALA B 325 16.06 -23.79 -1.17
N VAL B 326 16.56 -23.99 -2.39
CA VAL B 326 17.20 -22.90 -3.11
C VAL B 326 17.08 -22.90 -4.63
N LYS B 327 16.94 -21.70 -5.22
CA LYS B 327 17.04 -21.51 -6.67
C LYS B 327 18.22 -20.68 -7.01
N HIS B 328 18.80 -20.97 -8.13
CA HIS B 328 19.91 -20.23 -8.66
C HIS B 328 19.63 -20.09 -10.13
N PHE B 329 19.47 -18.88 -10.59
CA PHE B 329 19.11 -18.70 -11.99
C PHE B 329 19.61 -17.41 -12.53
N SER B 330 19.49 -17.26 -13.84
CA SER B 330 19.88 -16.02 -14.47
C SER B 330 18.90 -15.61 -15.52
N VAL B 331 18.89 -14.32 -15.79
CA VAL B 331 18.05 -13.72 -16.78
C VAL B 331 18.89 -12.99 -17.80
N GLU B 332 18.70 -13.33 -19.07
CA GLU B 332 19.42 -12.71 -20.16
C GLU B 332 18.50 -11.80 -20.96
N GLY B 333 19.07 -10.77 -21.60
CA GLY B 333 18.26 -9.84 -22.37
C GLY B 333 18.77 -8.42 -22.24
N GLN B 334 17.96 -7.43 -22.56
CA GLN B 334 18.49 -6.08 -22.45
C GLN B 334 18.82 -5.76 -21.01
N LEU B 335 18.03 -6.29 -20.11
CA LEU B 335 18.24 -6.15 -18.69
C LEU B 335 18.67 -7.50 -18.16
N GLU B 336 19.88 -7.61 -17.61
CA GLU B 336 20.38 -8.91 -17.18
C GLU B 336 20.72 -8.98 -15.73
N PHE B 337 20.55 -10.15 -15.15
CA PHE B 337 20.94 -10.38 -13.77
C PHE B 337 21.05 -11.84 -13.38
N ARG B 338 21.65 -12.09 -12.24
CA ARG B 338 21.73 -13.43 -11.67
C ARG B 338 21.14 -13.40 -10.27
N ALA B 339 20.59 -14.49 -9.79
CA ALA B 339 20.09 -14.45 -8.43
C ALA B 339 20.05 -15.78 -7.68
N LEU B 340 20.14 -15.69 -6.36
CA LEU B 340 19.99 -16.80 -5.41
C LEU B 340 18.91 -16.58 -4.43
N LEU B 341 18.00 -17.50 -4.38
CA LEU B 341 16.89 -17.36 -3.47
C LEU B 341 16.80 -18.54 -2.54
N PHE B 342 16.80 -18.26 -1.25
CA PHE B 342 16.73 -19.30 -0.25
C PHE B 342 15.48 -19.27 0.59
N VAL B 343 14.99 -20.46 0.88
CA VAL B 343 13.89 -20.65 1.78
C VAL B 343 14.46 -21.18 3.06
N PRO B 344 14.29 -20.52 4.20
CA PRO B 344 14.76 -20.90 5.51
C PRO B 344 13.95 -22.03 6.07
N ARG B 345 14.50 -22.76 7.04
CA ARG B 345 13.76 -23.85 7.68
C ARG B 345 12.71 -23.45 8.70
N ARG B 346 12.80 -22.27 9.26
CA ARG B 346 11.79 -21.85 10.21
C ARG B 346 11.37 -20.46 9.90
N ALA B 347 10.09 -20.20 9.97
CA ALA B 347 9.67 -18.86 9.75
C ALA B 347 10.19 -18.05 10.89
N PRO B 348 10.67 -16.84 10.67
CA PRO B 348 11.10 -15.96 11.69
C PRO B 348 9.84 -15.53 12.34
N PHE B 349 10.04 -14.72 13.34
CA PHE B 349 8.97 -14.77 14.32
C PHE B 349 8.24 -13.46 14.22
N ASP B 350 8.77 -12.59 13.40
CA ASP B 350 8.35 -11.25 13.19
C ASP B 350 7.70 -10.95 11.84
N LEU B 351 7.05 -11.99 11.30
CA LEU B 351 6.70 -11.71 9.91
C LEU B 351 5.41 -10.99 10.08
N PHE B 352 5.50 -9.85 9.50
CA PHE B 352 4.33 -9.04 9.25
C PHE B 352 4.13 -8.13 10.46
N GLU B 353 4.84 -8.40 11.55
CA GLU B 353 4.76 -7.59 12.76
C GLU B 353 5.86 -6.56 12.81
N ASN B 354 7.00 -6.89 12.22
CA ASN B 354 8.10 -5.96 12.26
C ASN B 354 7.68 -4.67 11.62
N ARG B 355 6.94 -4.77 10.52
CA ARG B 355 6.40 -3.66 9.74
C ARG B 355 7.41 -2.78 9.01
N LYS B 356 8.51 -2.44 9.65
CA LYS B 356 9.52 -1.59 9.04
C LYS B 356 10.40 -2.37 8.06
N LYS B 357 10.65 -3.64 8.36
CA LYS B 357 11.49 -4.49 7.53
C LYS B 357 10.66 -5.23 6.51
N LYS B 358 10.91 -4.94 5.26
CA LYS B 358 10.17 -5.52 4.18
C LYS B 358 11.15 -5.95 3.11
N ASN B 359 11.28 -7.23 2.89
CA ASN B 359 11.89 -8.33 2.20
C ASN B 359 13.31 -8.51 2.66
N ASN B 360 13.94 -9.56 2.17
CA ASN B 360 15.32 -9.80 2.52
C ASN B 360 16.17 -10.03 1.31
N ILE B 361 15.83 -9.36 0.24
CA ILE B 361 16.57 -9.49 -0.98
C ILE B 361 17.51 -8.34 -1.15
N LYS B 362 18.79 -8.61 -1.27
CA LYS B 362 19.76 -7.55 -1.44
C LYS B 362 20.16 -7.43 -2.88
N LEU B 363 20.34 -6.21 -3.33
CA LEU B 363 20.73 -5.94 -4.69
C LEU B 363 22.14 -5.42 -4.78
N TYR B 364 22.93 -6.06 -5.61
CA TYR B 364 24.32 -5.75 -5.85
C TYR B 364 24.61 -5.44 -7.30
N VAL B 365 25.56 -4.55 -7.51
CA VAL B 365 26.10 -4.29 -8.83
C VAL B 365 27.58 -4.36 -8.77
N ARG B 366 28.22 -5.22 -9.51
CA ARG B 366 29.47 -5.78 -9.92
C ARG B 366 30.21 -6.09 -8.65
N ARG B 367 29.52 -6.65 -7.69
CA ARG B 367 29.33 -7.20 -6.37
C ARG B 367 29.33 -6.21 -5.23
N VAL B 368 29.07 -4.95 -5.49
CA VAL B 368 28.98 -3.95 -4.44
C VAL B 368 27.55 -3.74 -4.02
N PHE B 369 27.30 -3.70 -2.74
CA PHE B 369 25.93 -3.55 -2.31
C PHE B 369 25.30 -2.23 -2.66
N ILE B 370 24.08 -2.27 -3.20
CA ILE B 370 23.38 -1.04 -3.53
C ILE B 370 22.22 -0.79 -2.59
N MET B 371 21.31 -1.73 -2.49
CA MET B 371 20.15 -1.50 -1.64
C MET B 371 19.60 -2.77 -1.06
N ASP B 372 18.79 -2.64 -0.02
CA ASP B 372 18.18 -3.78 0.61
C ASP B 372 16.69 -3.69 0.91
N ASN B 373 16.27 -2.75 1.71
CA ASN B 373 14.89 -2.74 2.17
C ASN B 373 14.02 -2.04 1.13
N CYS B 374 13.90 -2.68 -0.02
CA CYS B 374 13.19 -2.15 -1.14
C CYS B 374 11.90 -2.88 -1.39
N GLU B 375 10.81 -2.18 -1.17
CA GLU B 375 9.49 -2.76 -1.26
C GLU B 375 9.17 -3.21 -2.65
N GLU B 376 9.72 -2.51 -3.60
CA GLU B 376 9.46 -2.79 -4.97
C GLU B 376 9.99 -4.11 -5.51
N LEU B 377 10.95 -4.77 -4.87
CA LEU B 377 11.48 -5.99 -5.48
C LEU B 377 10.63 -7.23 -5.35
N ILE B 378 9.96 -7.39 -4.24
CA ILE B 378 9.15 -8.54 -3.92
C ILE B 378 7.83 -8.19 -3.27
N PRO B 379 6.73 -8.85 -3.63
CA PRO B 379 5.45 -8.66 -3.02
C PRO B 379 5.56 -9.14 -1.61
N GLU B 380 4.82 -8.54 -0.70
CA GLU B 380 4.92 -8.89 0.71
C GLU B 380 4.70 -10.35 1.01
N TYR B 381 3.86 -11.02 0.29
CA TYR B 381 3.64 -12.41 0.63
C TYR B 381 4.90 -13.27 0.51
N LEU B 382 5.93 -12.81 -0.17
CA LEU B 382 7.17 -13.56 -0.30
C LEU B 382 8.29 -12.95 0.52
N ASN B 383 7.93 -12.26 1.58
CA ASN B 383 8.84 -11.59 2.47
C ASN B 383 9.64 -12.49 3.39
N PHE B 384 9.63 -13.77 3.13
CA PHE B 384 10.40 -14.69 3.93
C PHE B 384 11.56 -15.25 3.14
N ILE B 385 11.67 -14.89 1.87
CA ILE B 385 12.75 -15.38 1.04
C ILE B 385 13.99 -14.58 1.27
N ARG B 386 15.10 -15.25 1.49
CA ARG B 386 16.35 -14.55 1.70
C ARG B 386 17.10 -14.60 0.41
N GLY B 387 17.82 -13.56 0.02
CA GLY B 387 18.51 -13.75 -1.24
C GLY B 387 19.29 -12.58 -1.78
N VAL B 388 19.90 -12.85 -2.92
CA VAL B 388 20.77 -11.94 -3.63
C VAL B 388 20.45 -11.77 -5.10
N VAL B 389 20.42 -10.54 -5.55
CA VAL B 389 20.28 -10.22 -6.96
C VAL B 389 21.52 -9.47 -7.36
N ASP B 390 22.19 -9.89 -8.41
CA ASP B 390 23.44 -9.30 -8.86
C ASP B 390 23.50 -9.00 -10.33
N SER B 391 23.64 -7.74 -10.67
CA SER B 391 23.68 -7.36 -12.07
C SER B 391 24.89 -6.61 -12.48
N GLU B 392 25.39 -6.95 -13.63
CA GLU B 392 26.54 -6.29 -14.21
C GLU B 392 26.28 -4.87 -14.68
N ASP B 393 25.03 -4.55 -15.05
CA ASP B 393 24.80 -3.24 -15.61
C ASP B 393 23.44 -2.65 -15.28
N LEU B 394 23.40 -1.71 -14.35
CA LEU B 394 22.19 -1.06 -13.95
C LEU B 394 22.42 0.44 -13.91
N PRO B 395 21.40 1.26 -14.14
CA PRO B 395 21.45 2.69 -14.14
C PRO B 395 21.51 3.31 -12.78
N LEU B 396 22.66 3.22 -12.16
CA LEU B 396 22.86 3.77 -10.84
C LEU B 396 22.96 5.26 -10.78
N ASN B 397 22.53 5.78 -9.65
CA ASN B 397 22.59 7.17 -9.22
C ASN B 397 23.99 7.62 -8.94
N ILE B 398 24.25 8.92 -8.94
CA ILE B 398 25.60 9.40 -8.69
C ILE B 398 26.15 8.92 -7.36
N SER B 399 25.30 8.73 -6.37
CA SER B 399 25.73 8.28 -5.05
C SER B 399 25.97 6.80 -5.01
N ARG B 400 25.49 6.13 -6.04
CA ARG B 400 25.46 4.71 -6.25
C ARG B 400 24.73 4.00 -5.14
N GLU B 401 23.71 4.64 -4.58
CA GLU B 401 22.85 4.05 -3.54
C GLU B 401 21.43 3.77 -3.99
N MET B 402 21.16 3.95 -5.26
CA MET B 402 19.82 3.77 -5.80
C MET B 402 19.84 3.73 -7.29
N LEU B 403 18.71 3.39 -7.89
CA LEU B 403 18.58 3.38 -9.34
C LEU B 403 17.83 4.56 -9.86
N GLN B 404 18.19 4.97 -11.06
CA GLN B 404 17.50 6.06 -11.71
C GLN B 404 16.19 5.61 -12.31
N GLN B 405 16.10 4.36 -12.73
CA GLN B 405 14.91 3.90 -13.40
C GLN B 405 14.14 2.90 -12.59
N SER B 406 13.05 3.33 -11.98
CA SER B 406 12.29 2.44 -11.11
C SER B 406 11.59 1.33 -11.88
N LYS B 407 11.49 1.52 -13.17
CA LYS B 407 10.87 0.59 -14.08
C LYS B 407 11.63 -0.70 -14.13
N ILE B 408 12.88 -0.65 -13.74
CA ILE B 408 13.74 -1.78 -13.70
C ILE B 408 13.29 -2.73 -12.65
N LEU B 409 12.90 -2.20 -11.50
CA LEU B 409 12.55 -3.01 -10.37
C LEU B 409 11.35 -3.80 -10.72
N LYS B 410 10.45 -3.22 -11.47
CA LYS B 410 9.28 -3.96 -11.84
C LYS B 410 9.62 -5.24 -12.57
N VAL B 411 10.61 -5.20 -13.44
CA VAL B 411 10.97 -6.37 -14.21
C VAL B 411 11.63 -7.38 -13.34
N ILE B 412 12.50 -6.93 -12.47
CA ILE B 412 13.19 -7.87 -11.63
C ILE B 412 12.16 -8.60 -10.83
N ARG B 413 11.20 -7.87 -10.30
CA ARG B 413 10.15 -8.46 -9.54
C ARG B 413 9.37 -9.48 -10.32
N LYS B 414 9.01 -9.21 -11.56
CA LYS B 414 8.27 -10.23 -12.27
C LYS B 414 9.03 -11.52 -12.31
N ASN B 415 10.33 -11.44 -12.55
CA ASN B 415 11.10 -12.64 -12.64
C ASN B 415 11.33 -13.32 -11.31
N LEU B 416 11.51 -12.56 -10.24
CA LEU B 416 11.76 -13.21 -8.99
C LEU B 416 10.54 -13.97 -8.54
N VAL B 417 9.37 -13.41 -8.77
CA VAL B 417 8.18 -14.07 -8.34
C VAL B 417 7.97 -15.33 -9.11
N LYS B 418 8.16 -15.26 -10.41
CA LYS B 418 7.98 -16.42 -11.22
C LYS B 418 8.84 -17.57 -10.76
N LYS B 419 10.10 -17.29 -10.46
CA LYS B 419 10.98 -18.36 -10.05
C LYS B 419 10.67 -18.88 -8.67
N CYS B 420 10.17 -18.04 -7.78
CA CYS B 420 9.84 -18.56 -6.48
C CYS B 420 8.74 -19.56 -6.61
N LEU B 421 7.78 -19.28 -7.46
CA LEU B 421 6.69 -20.19 -7.61
C LEU B 421 7.19 -21.49 -8.21
N GLU B 422 8.17 -21.44 -9.11
CA GLU B 422 8.69 -22.69 -9.62
C GLU B 422 9.34 -23.47 -8.51
N LEU B 423 10.02 -22.80 -7.60
CA LEU B 423 10.68 -23.51 -6.53
C LEU B 423 9.71 -24.21 -5.66
N PHE B 424 8.62 -23.55 -5.34
CA PHE B 424 7.65 -24.15 -4.46
C PHE B 424 7.03 -25.33 -5.14
N THR B 425 6.79 -25.21 -6.43
CA THR B 425 6.20 -26.31 -7.14
C THR B 425 7.11 -27.51 -7.12
N GLU B 426 8.40 -27.30 -7.33
CA GLU B 426 9.37 -28.38 -7.30
C GLU B 426 9.48 -28.97 -5.91
N LEU B 427 9.43 -28.11 -4.90
CA LEU B 427 9.56 -28.51 -3.53
C LEU B 427 8.44 -29.42 -3.17
N ALA B 428 7.27 -29.14 -3.70
CA ALA B 428 6.06 -29.88 -3.47
C ALA B 428 6.15 -31.32 -3.90
N GLU B 429 7.09 -31.67 -4.76
CA GLU B 429 7.19 -33.04 -5.18
C GLU B 429 7.82 -33.90 -4.07
N ASP B 430 8.53 -33.27 -3.14
CA ASP B 430 9.15 -33.94 -2.02
C ASP B 430 8.18 -33.84 -0.87
N LYS B 431 7.41 -34.87 -0.65
CA LYS B 431 6.35 -34.71 0.30
C LYS B 431 6.80 -34.35 1.69
N GLU B 432 7.92 -34.88 2.13
CA GLU B 432 8.29 -34.58 3.50
C GLU B 432 8.80 -33.17 3.63
N ASN B 433 9.54 -32.71 2.64
CA ASN B 433 10.01 -31.36 2.78
C ASN B 433 8.89 -30.39 2.57
N TYR B 434 7.92 -30.76 1.77
CA TYR B 434 6.85 -29.84 1.56
C TYR B 434 6.10 -29.69 2.84
N LYS B 435 5.85 -30.79 3.55
CA LYS B 435 5.13 -30.62 4.79
C LYS B 435 5.86 -29.67 5.69
N LYS B 436 7.18 -29.77 5.76
CA LYS B 436 7.87 -28.86 6.64
C LYS B 436 7.69 -27.44 6.20
N PHE B 437 7.73 -27.21 4.92
CA PHE B 437 7.55 -25.88 4.38
C PHE B 437 6.22 -25.30 4.68
N TYR B 438 5.19 -26.06 4.40
CA TYR B 438 3.83 -25.58 4.52
C TYR B 438 3.54 -25.21 5.95
N GLU B 439 4.02 -26.00 6.87
CA GLU B 439 3.77 -25.71 8.27
C GLU B 439 4.33 -24.38 8.72
N GLN B 440 5.30 -23.85 8.01
CA GLN B 440 5.87 -22.59 8.39
C GLN B 440 5.31 -21.46 7.57
N PHE B 441 5.08 -21.72 6.28
CA PHE B 441 4.68 -20.66 5.39
C PHE B 441 3.31 -20.74 4.73
N SER B 442 2.40 -21.55 5.24
CA SER B 442 1.08 -21.63 4.62
C SER B 442 0.34 -20.31 4.66
N LYS B 443 0.65 -19.44 5.61
CA LYS B 443 -0.01 -18.16 5.64
C LYS B 443 0.46 -17.30 4.52
N ASN B 444 1.69 -17.49 4.08
CA ASN B 444 2.18 -16.65 3.04
C ASN B 444 1.55 -17.06 1.74
N ILE B 445 1.27 -18.34 1.59
CA ILE B 445 0.61 -18.75 0.36
C ILE B 445 -0.78 -18.19 0.32
N LYS B 446 -1.49 -18.33 1.41
CA LYS B 446 -2.85 -17.86 1.44
C LYS B 446 -2.93 -16.37 1.24
N LEU B 447 -1.96 -15.64 1.78
CA LEU B 447 -1.96 -14.22 1.58
C LEU B 447 -1.75 -13.93 0.13
N GLY B 448 -0.84 -14.65 -0.49
CA GLY B 448 -0.60 -14.44 -1.91
C GLY B 448 -1.84 -14.68 -2.71
N ILE B 449 -2.65 -15.65 -2.35
CA ILE B 449 -3.87 -15.85 -3.12
C ILE B 449 -4.75 -14.64 -2.98
N HIS B 450 -4.88 -14.13 -1.80
CA HIS B 450 -5.71 -12.96 -1.64
C HIS B 450 -5.22 -11.78 -2.47
N GLU B 451 -3.94 -11.48 -2.41
CA GLU B 451 -3.45 -10.27 -3.09
C GLU B 451 -2.95 -10.37 -4.53
N ASP B 452 -2.35 -11.47 -4.93
CA ASP B 452 -1.77 -11.61 -6.26
C ASP B 452 -2.73 -12.23 -7.23
N SER B 453 -3.39 -11.43 -8.04
CA SER B 453 -4.41 -11.94 -8.94
C SER B 453 -3.83 -12.62 -10.15
N GLN B 454 -2.54 -12.43 -10.39
CA GLN B 454 -1.90 -12.96 -11.55
C GLN B 454 -1.57 -14.41 -11.36
N ASN B 455 -1.17 -14.76 -10.16
CA ASN B 455 -0.74 -16.10 -9.88
C ASN B 455 -1.68 -16.95 -9.07
N ARG B 456 -2.95 -16.55 -8.92
CA ARG B 456 -3.86 -17.36 -8.11
C ARG B 456 -3.96 -18.76 -8.64
N LYS B 457 -3.94 -18.89 -9.94
CA LYS B 457 -4.06 -20.18 -10.53
C LYS B 457 -2.96 -21.13 -10.12
N LYS B 458 -1.76 -20.63 -9.93
CA LYS B 458 -0.67 -21.51 -9.62
C LYS B 458 -0.57 -21.69 -8.12
N LEU B 459 -0.85 -20.64 -7.38
CA LEU B 459 -0.72 -20.70 -5.94
C LEU B 459 -1.69 -21.65 -5.35
N SER B 460 -2.86 -21.76 -5.92
CA SER B 460 -3.86 -22.64 -5.36
C SER B 460 -3.44 -24.08 -5.37
N GLU B 461 -2.48 -24.47 -6.18
CA GLU B 461 -2.11 -25.87 -6.19
C GLU B 461 -1.16 -26.20 -5.08
N LEU B 462 -0.72 -25.19 -4.37
CA LEU B 462 0.17 -25.37 -3.27
C LEU B 462 -0.57 -25.46 -1.97
N LEU B 463 -1.89 -25.33 -2.00
CA LEU B 463 -2.67 -25.38 -0.78
C LEU B 463 -2.88 -26.76 -0.29
N ARG B 464 -2.90 -26.91 1.02
CA ARG B 464 -3.20 -28.18 1.63
C ARG B 464 -4.19 -27.96 2.76
N TYR B 465 -5.17 -28.85 2.87
CA TYR B 465 -6.19 -28.79 3.90
C TYR B 465 -6.51 -30.10 4.57
N TYR B 466 -7.00 -30.05 5.80
CA TYR B 466 -7.52 -31.25 6.41
C TYR B 466 -8.89 -31.45 5.88
N THR B 467 -9.31 -32.69 5.71
CA THR B 467 -10.66 -32.90 5.26
C THR B 467 -11.26 -33.96 6.11
N SER B 468 -12.54 -34.16 5.95
CA SER B 468 -13.30 -35.15 6.66
C SER B 468 -12.88 -36.56 6.33
N ALA B 469 -12.11 -36.73 5.27
CA ALA B 469 -11.66 -38.04 4.90
C ALA B 469 -10.15 -38.18 4.96
N SER B 470 -9.43 -37.22 5.54
CA SER B 470 -7.97 -37.35 5.51
C SER B 470 -7.36 -37.74 6.83
N GLY B 471 -8.15 -37.86 7.86
CA GLY B 471 -7.53 -38.14 9.14
C GLY B 471 -6.66 -36.96 9.47
N ASP B 472 -5.39 -37.20 9.75
CA ASP B 472 -4.53 -36.08 10.11
C ASP B 472 -3.60 -35.62 9.01
N GLU B 473 -3.85 -36.03 7.79
CA GLU B 473 -3.02 -35.55 6.72
C GLU B 473 -3.62 -34.34 6.09
N MET B 474 -2.81 -33.50 5.53
CA MET B 474 -3.37 -32.39 4.79
C MET B 474 -3.25 -32.77 3.36
N VAL B 475 -4.26 -32.51 2.58
CA VAL B 475 -4.23 -32.92 1.20
C VAL B 475 -4.49 -31.79 0.25
N SER B 476 -4.14 -32.00 -0.99
CA SER B 476 -4.31 -30.98 -2.01
C SER B 476 -5.70 -30.97 -2.57
N LEU B 477 -6.00 -29.93 -3.33
CA LEU B 477 -7.29 -29.87 -3.96
C LEU B 477 -7.39 -30.93 -5.03
N LYS B 478 -6.28 -31.25 -5.67
CA LYS B 478 -6.34 -32.30 -6.68
C LYS B 478 -6.67 -33.60 -6.01
N ASP B 479 -6.11 -33.85 -4.84
CA ASP B 479 -6.38 -35.10 -4.16
C ASP B 479 -7.85 -35.20 -3.87
N TYR B 480 -8.45 -34.07 -3.46
CA TYR B 480 -9.87 -34.05 -3.19
C TYR B 480 -10.59 -34.48 -4.44
N CYS B 481 -10.21 -33.87 -5.54
CA CYS B 481 -10.89 -34.10 -6.78
C CYS B 481 -10.85 -35.54 -7.24
N THR B 482 -9.79 -36.25 -6.92
CA THR B 482 -9.67 -37.63 -7.38
C THR B 482 -10.60 -38.55 -6.65
N ARG B 483 -11.20 -38.09 -5.57
CA ARG B 483 -12.09 -38.90 -4.79
C ARG B 483 -13.53 -38.47 -4.95
N MET B 484 -13.79 -37.54 -5.84
CA MET B 484 -15.15 -37.06 -5.98
C MET B 484 -16.00 -38.11 -6.60
N LYS B 485 -17.25 -38.15 -6.17
CA LYS B 485 -18.18 -39.07 -6.77
C LYS B 485 -18.55 -38.56 -8.13
N GLU B 486 -19.02 -39.44 -8.98
CA GLU B 486 -19.39 -39.08 -10.34
C GLU B 486 -20.42 -38.00 -10.42
N ASN B 487 -21.31 -37.96 -9.46
CA ASN B 487 -22.34 -36.97 -9.45
C ASN B 487 -22.01 -35.71 -8.65
N GLN B 488 -20.76 -35.54 -8.23
CA GLN B 488 -20.43 -34.30 -7.56
C GLN B 488 -20.05 -33.26 -8.53
N LYS B 489 -20.63 -32.11 -8.37
CA LYS B 489 -20.32 -30.99 -9.23
C LYS B 489 -19.62 -29.92 -8.44
N HIS B 490 -19.50 -30.17 -7.15
CA HIS B 490 -18.99 -29.18 -6.27
C HIS B 490 -18.01 -29.73 -5.29
N ILE B 491 -17.14 -28.84 -4.85
CA ILE B 491 -16.20 -29.11 -3.81
C ILE B 491 -16.75 -28.49 -2.57
N TYR B 492 -16.98 -29.28 -1.56
CA TYR B 492 -17.63 -28.73 -0.38
C TYR B 492 -16.64 -28.36 0.71
N TYR B 493 -16.90 -27.25 1.39
CA TYR B 493 -16.05 -26.87 2.50
C TYR B 493 -16.79 -26.15 3.59
N ILE B 494 -16.20 -26.16 4.77
CA ILE B 494 -16.72 -25.47 5.91
C ILE B 494 -15.67 -24.64 6.56
N THR B 495 -16.03 -23.48 7.08
CA THR B 495 -15.03 -22.71 7.77
C THR B 495 -15.40 -22.59 9.23
N GLY B 496 -14.40 -22.44 10.09
CA GLY B 496 -14.72 -22.31 11.52
C GLY B 496 -13.51 -22.03 12.37
N GLU B 497 -13.70 -22.05 13.68
CA GLU B 497 -12.62 -21.73 14.59
C GLU B 497 -11.65 -22.87 14.85
N THR B 498 -12.15 -24.10 14.99
CA THR B 498 -11.26 -25.21 15.29
C THR B 498 -11.65 -26.42 14.48
N LYS B 499 -10.74 -27.38 14.42
CA LYS B 499 -10.98 -28.61 13.68
C LYS B 499 -12.17 -29.36 14.21
N ASP B 500 -12.34 -29.36 15.52
CA ASP B 500 -13.42 -30.14 16.09
C ASP B 500 -14.72 -29.42 16.01
N GLN B 501 -14.71 -28.11 16.09
CA GLN B 501 -15.96 -27.42 16.00
C GLN B 501 -16.57 -27.66 14.65
N VAL B 502 -15.75 -27.71 13.62
CA VAL B 502 -16.33 -27.95 12.33
C VAL B 502 -16.62 -29.40 12.09
N ALA B 503 -15.76 -30.29 12.53
CA ALA B 503 -15.96 -31.69 12.24
C ALA B 503 -17.24 -32.23 12.79
N ASN B 504 -17.64 -31.75 13.94
CA ASN B 504 -18.83 -32.27 14.56
C ASN B 504 -20.04 -31.39 14.34
N SER B 505 -19.92 -30.44 13.46
CA SER B 505 -20.99 -29.50 13.20
C SER B 505 -22.20 -30.08 12.57
N ALA B 506 -23.33 -29.52 12.91
CA ALA B 506 -24.61 -29.91 12.37
C ALA B 506 -24.67 -29.74 10.87
N PHE B 507 -23.90 -28.82 10.34
CA PHE B 507 -23.97 -28.49 8.94
C PHE B 507 -23.54 -29.59 8.04
N VAL B 508 -22.84 -30.58 8.55
CA VAL B 508 -22.38 -31.63 7.67
C VAL B 508 -23.07 -32.93 7.92
N GLU B 509 -24.15 -32.95 8.67
CA GLU B 509 -24.74 -34.24 8.98
C GLU B 509 -25.18 -35.03 7.73
N ARG B 510 -25.80 -34.39 6.73
CA ARG B 510 -26.16 -35.16 5.55
C ARG B 510 -24.98 -35.42 4.65
N LEU B 511 -24.06 -34.49 4.57
CA LEU B 511 -22.97 -34.72 3.67
C LEU B 511 -22.19 -35.92 4.14
N ARG B 512 -22.05 -36.04 5.45
CA ARG B 512 -21.34 -37.17 5.97
C ARG B 512 -22.11 -38.43 5.72
N LYS B 513 -23.41 -38.41 5.93
CA LYS B 513 -24.24 -39.57 5.70
C LYS B 513 -24.10 -40.11 4.29
N HIS B 514 -23.95 -39.22 3.33
CA HIS B 514 -23.85 -39.63 1.94
C HIS B 514 -22.44 -39.90 1.46
N GLY B 515 -21.47 -39.78 2.33
CA GLY B 515 -20.10 -40.04 1.95
C GLY B 515 -19.43 -38.95 1.15
N LEU B 516 -19.87 -37.71 1.30
CA LEU B 516 -19.25 -36.64 0.55
C LEU B 516 -18.15 -36.05 1.40
N GLU B 517 -17.03 -35.76 0.79
CA GLU B 517 -15.91 -35.22 1.52
C GLU B 517 -16.00 -33.73 1.73
N VAL B 518 -15.72 -33.29 2.94
CA VAL B 518 -15.74 -31.87 3.22
C VAL B 518 -14.42 -31.34 3.69
N ILE B 519 -14.00 -30.24 3.11
CA ILE B 519 -12.74 -29.60 3.47
C ILE B 519 -12.88 -28.72 4.69
N TYR B 520 -11.99 -28.87 5.65
CA TYR B 520 -12.04 -28.06 6.84
C TYR B 520 -11.08 -26.90 6.77
N MET B 521 -11.60 -25.71 6.83
CA MET B 521 -10.77 -24.52 6.78
C MET B 521 -10.88 -23.82 8.11
N ILE B 522 -9.82 -23.85 8.89
CA ILE B 522 -9.94 -23.33 10.24
C ILE B 522 -9.01 -22.20 10.63
N GLU B 523 -8.45 -21.48 9.69
CA GLU B 523 -7.61 -20.36 10.07
C GLU B 523 -8.35 -19.10 9.68
N PRO B 524 -8.28 -17.99 10.39
CA PRO B 524 -8.96 -16.78 10.02
C PRO B 524 -8.64 -16.32 8.62
N ILE B 525 -7.43 -16.55 8.18
CA ILE B 525 -7.03 -16.12 6.86
C ILE B 525 -7.78 -16.82 5.75
N ASP B 526 -8.34 -17.98 6.06
CA ASP B 526 -9.05 -18.76 5.10
C ASP B 526 -10.25 -18.03 4.60
N GLU B 527 -10.78 -17.11 5.38
CA GLU B 527 -11.93 -16.39 4.93
C GLU B 527 -11.60 -15.46 3.80
N TYR B 528 -10.39 -14.93 3.79
CA TYR B 528 -10.03 -14.00 2.75
C TYR B 528 -9.60 -14.78 1.55
N CYS B 529 -9.01 -15.92 1.79
CA CYS B 529 -8.51 -16.74 0.73
C CYS B 529 -9.59 -17.39 -0.10
N VAL B 530 -10.55 -18.02 0.55
CA VAL B 530 -11.53 -18.76 -0.21
C VAL B 530 -12.37 -17.86 -1.08
N GLN B 531 -12.53 -16.64 -0.63
CA GLN B 531 -13.27 -15.61 -1.30
C GLN B 531 -12.71 -15.34 -2.68
N GLN B 532 -11.43 -15.55 -2.86
CA GLN B 532 -10.83 -15.28 -4.14
C GLN B 532 -10.63 -16.51 -4.95
N LEU B 533 -11.02 -17.66 -4.45
CA LEU B 533 -10.79 -18.84 -5.24
C LEU B 533 -11.94 -19.10 -6.13
N LYS B 534 -13.12 -19.16 -5.56
CA LYS B 534 -14.36 -19.42 -6.31
C LYS B 534 -14.45 -20.80 -7.00
N GLU B 535 -13.50 -21.15 -7.87
CA GLU B 535 -13.48 -22.42 -8.60
C GLU B 535 -12.11 -23.09 -8.63
N PHE B 536 -12.10 -24.40 -8.78
CA PHE B 536 -10.87 -25.12 -8.97
C PHE B 536 -11.03 -26.18 -10.02
N GLU B 537 -10.28 -26.05 -11.11
CA GLU B 537 -10.38 -26.96 -12.22
C GLU B 537 -11.80 -27.13 -12.72
N GLY B 538 -12.55 -26.06 -12.74
CA GLY B 538 -13.91 -26.11 -13.24
C GLY B 538 -14.96 -26.49 -12.21
N LYS B 539 -14.57 -26.89 -11.02
CA LYS B 539 -15.54 -27.26 -10.02
C LYS B 539 -15.75 -26.06 -9.13
N THR B 540 -16.96 -25.73 -8.81
CA THR B 540 -17.12 -24.57 -7.96
C THR B 540 -16.93 -24.97 -6.52
N LEU B 541 -16.66 -23.99 -5.67
CA LEU B 541 -16.55 -24.27 -4.26
C LEU B 541 -17.85 -23.90 -3.61
N VAL B 542 -18.30 -24.74 -2.71
CA VAL B 542 -19.54 -24.50 -2.00
C VAL B 542 -19.40 -24.54 -0.51
N SER B 543 -19.85 -23.49 0.14
CA SER B 543 -19.83 -23.47 1.58
C SER B 543 -21.03 -24.16 2.13
N VAL B 544 -20.82 -25.02 3.08
CA VAL B 544 -21.90 -25.82 3.61
C VAL B 544 -22.64 -25.12 4.69
N THR B 545 -22.28 -23.87 4.96
CA THR B 545 -22.93 -23.08 5.96
C THR B 545 -23.79 -22.03 5.29
N LYS B 546 -23.89 -22.09 3.97
CA LYS B 546 -24.71 -21.13 3.25
C LYS B 546 -26.01 -21.74 2.82
N GLU B 547 -26.95 -20.88 2.54
CA GLU B 547 -28.24 -21.26 2.04
C GLU B 547 -28.10 -21.91 0.69
N GLY B 548 -29.06 -22.76 0.35
CA GLY B 548 -29.04 -23.32 -0.99
C GLY B 548 -28.06 -24.44 -1.17
N LEU B 549 -27.73 -25.14 -0.11
CA LEU B 549 -26.81 -26.23 -0.29
C LEU B 549 -27.48 -27.34 -1.04
N GLU B 550 -26.83 -27.81 -2.08
CA GLU B 550 -27.38 -28.90 -2.82
C GLU B 550 -26.45 -30.06 -2.84
N LEU B 551 -27.06 -31.20 -2.65
CA LEU B 551 -26.42 -32.48 -2.67
C LEU B 551 -26.95 -33.20 -3.87
N PRO B 552 -26.23 -34.15 -4.44
CA PRO B 552 -26.75 -35.03 -5.44
C PRO B 552 -27.91 -35.66 -4.72
N GLU B 553 -29.03 -35.88 -5.39
CA GLU B 553 -30.16 -36.43 -4.66
C GLU B 553 -31.04 -37.30 -5.54
N ASP B 554 -31.74 -38.24 -4.92
CA ASP B 554 -32.67 -39.14 -5.58
C ASP B 554 -34.02 -38.48 -5.84
N GLU B 555 -34.76 -39.02 -6.77
CA GLU B 555 -36.07 -38.48 -7.08
C GLU B 555 -37.04 -38.69 -5.96
N GLU B 556 -36.93 -39.82 -5.30
CA GLU B 556 -37.87 -40.11 -4.26
C GLU B 556 -37.66 -39.18 -3.10
N GLU B 557 -36.40 -38.86 -2.86
CA GLU B 557 -36.11 -38.00 -1.74
C GLU B 557 -36.57 -36.61 -2.04
N LYS B 558 -36.43 -36.16 -3.29
CA LYS B 558 -36.89 -34.83 -3.60
C LYS B 558 -38.37 -34.71 -3.40
N LYS B 559 -39.12 -35.73 -3.79
CA LYS B 559 -40.55 -35.66 -3.62
C LYS B 559 -40.91 -35.59 -2.16
N LYS B 560 -40.23 -36.37 -1.33
CA LYS B 560 -40.51 -36.33 0.09
C LYS B 560 -40.18 -34.99 0.67
N GLN B 561 -39.11 -34.36 0.22
CA GLN B 561 -38.79 -33.06 0.76
C GLN B 561 -39.87 -32.07 0.45
N GLU B 562 -40.47 -32.15 -0.72
CA GLU B 562 -41.51 -31.20 -1.01
C GLU B 562 -42.71 -31.41 -0.12
N GLU B 563 -43.02 -32.66 0.20
CA GLU B 563 -44.14 -32.89 1.08
C GLU B 563 -43.87 -32.31 2.45
N LYS B 564 -42.63 -32.44 2.91
CA LYS B 564 -42.25 -31.92 4.21
C LYS B 564 -42.32 -30.42 4.22
N LYS B 565 -41.88 -29.78 3.14
CA LYS B 565 -41.94 -28.34 3.11
C LYS B 565 -43.36 -27.89 3.27
N THR B 566 -44.26 -28.60 2.62
CA THR B 566 -45.63 -28.23 2.71
C THR B 566 -46.19 -28.39 4.11
N LYS B 567 -45.94 -29.52 4.76
CA LYS B 567 -46.60 -29.66 6.05
C LYS B 567 -46.03 -28.74 7.12
N PHE B 568 -44.79 -28.32 6.97
CA PHE B 568 -44.22 -27.45 7.97
C PHE B 568 -44.32 -26.00 7.65
N GLU B 569 -45.07 -25.66 6.62
CA GLU B 569 -45.21 -24.28 6.23
C GLU B 569 -45.74 -23.44 7.37
N ASN B 570 -46.63 -24.01 8.17
CA ASN B 570 -47.19 -23.25 9.25
C ASN B 570 -46.16 -22.89 10.31
N LEU B 571 -45.16 -23.73 10.55
CA LEU B 571 -44.19 -23.32 11.55
C LEU B 571 -43.30 -22.33 10.96
N CYS B 572 -43.03 -22.45 9.69
CA CYS B 572 -42.12 -21.50 9.17
C CYS B 572 -42.72 -20.12 9.34
N LYS B 573 -44.02 -20.00 9.07
CA LYS B 573 -44.64 -18.72 9.25
C LYS B 573 -44.72 -18.28 10.69
N ILE B 574 -45.10 -19.18 11.59
CA ILE B 574 -45.24 -18.78 12.98
C ILE B 574 -43.91 -18.41 13.59
N MET B 575 -42.89 -19.20 13.32
CA MET B 575 -41.61 -18.92 13.90
C MET B 575 -41.08 -17.62 13.38
N LYS B 576 -41.29 -17.31 12.10
CA LYS B 576 -40.84 -16.03 11.62
C LYS B 576 -41.54 -14.91 12.35
N ASP B 577 -42.83 -15.05 12.61
CA ASP B 577 -43.53 -14.01 13.30
C ASP B 577 -43.02 -13.80 14.71
N ILE B 578 -42.64 -14.89 15.37
CA ILE B 578 -42.10 -14.82 16.71
C ILE B 578 -40.73 -14.18 16.75
N LEU B 579 -39.88 -14.56 15.83
CA LEU B 579 -38.52 -14.07 15.76
C LEU B 579 -38.38 -12.67 15.20
N GLU B 580 -39.32 -12.23 14.40
CA GLU B 580 -39.32 -10.89 13.84
C GLU B 580 -38.11 -10.56 12.98
N LYS B 581 -37.22 -9.74 13.51
CA LYS B 581 -36.04 -9.30 12.77
C LYS B 581 -34.81 -10.08 13.11
N LYS B 582 -34.98 -11.11 13.90
CA LYS B 582 -33.85 -11.91 14.31
C LYS B 582 -33.45 -12.91 13.24
N VAL B 583 -34.30 -13.08 12.25
CA VAL B 583 -34.04 -14.02 11.18
C VAL B 583 -34.63 -13.46 9.90
N GLU B 584 -34.03 -13.73 8.76
CA GLU B 584 -34.58 -13.28 7.49
C GLU B 584 -35.75 -14.11 7.07
N LYS B 585 -35.67 -15.39 7.34
CA LYS B 585 -36.69 -16.35 6.97
C LYS B 585 -36.51 -17.63 7.70
N VAL B 586 -37.55 -18.44 7.72
CA VAL B 586 -37.48 -19.74 8.31
C VAL B 586 -37.87 -20.75 7.26
N VAL B 587 -37.02 -21.73 7.02
CA VAL B 587 -37.27 -22.73 6.00
C VAL B 587 -37.05 -24.14 6.50
N VAL B 588 -37.53 -25.12 5.77
CA VAL B 588 -37.26 -26.51 6.10
C VAL B 588 -35.92 -26.92 5.50
N SER B 589 -35.09 -27.51 6.34
CA SER B 589 -33.74 -27.99 6.07
C SER B 589 -33.62 -29.21 5.21
N ASN B 590 -32.59 -29.25 4.39
CA ASN B 590 -32.27 -30.46 3.66
C ASN B 590 -30.86 -30.91 3.97
N ARG B 591 -30.26 -30.37 5.03
CA ARG B 591 -28.87 -30.72 5.32
C ARG B 591 -28.64 -31.35 6.69
N LEU B 592 -29.67 -31.38 7.52
CA LEU B 592 -29.56 -31.88 8.89
C LEU B 592 -30.09 -33.26 9.04
N VAL B 593 -29.57 -34.00 10.02
CA VAL B 593 -30.08 -35.31 10.32
C VAL B 593 -30.58 -35.40 11.75
N THR B 594 -29.73 -35.08 12.73
CA THR B 594 -30.08 -35.25 14.13
C THR B 594 -30.25 -33.96 14.90
N SER B 595 -29.76 -32.85 14.39
CA SER B 595 -29.94 -31.61 15.13
C SER B 595 -31.27 -31.02 14.70
N PRO B 596 -32.09 -30.46 15.59
CA PRO B 596 -33.37 -29.88 15.26
C PRO B 596 -33.32 -28.64 14.40
N CYS B 597 -32.22 -27.91 14.39
CA CYS B 597 -32.16 -26.70 13.58
C CYS B 597 -30.77 -26.13 13.50
N CYS B 598 -30.57 -25.23 12.55
CA CYS B 598 -29.31 -24.50 12.46
C CYS B 598 -29.47 -23.19 11.76
N ILE B 599 -28.49 -22.31 11.87
CA ILE B 599 -28.56 -21.04 11.17
C ILE B 599 -27.48 -20.92 10.13
N VAL B 600 -27.91 -20.59 8.92
CA VAL B 600 -27.03 -20.47 7.78
C VAL B 600 -27.11 -19.10 7.25
N THR B 601 -26.18 -18.72 6.42
CA THR B 601 -26.23 -17.38 5.89
C THR B 601 -26.60 -17.36 4.45
N SER B 602 -26.85 -16.18 3.98
CA SER B 602 -27.20 -15.92 2.60
C SER B 602 -26.05 -16.24 1.66
N THR B 603 -26.34 -16.37 0.37
CA THR B 603 -25.34 -16.71 -0.62
C THR B 603 -24.22 -15.71 -0.66
N TYR B 604 -24.58 -14.45 -0.63
CA TYR B 604 -23.60 -13.40 -0.60
C TYR B 604 -24.08 -12.55 0.56
N GLY B 605 -23.22 -11.92 1.37
CA GLY B 605 -21.78 -11.91 1.34
C GLY B 605 -21.16 -12.66 2.53
N TRP B 606 -21.24 -12.08 3.72
CA TRP B 606 -20.58 -12.62 4.90
C TRP B 606 -21.21 -13.81 5.52
N THR B 607 -20.35 -14.70 5.98
CA THR B 607 -20.68 -15.88 6.74
C THR B 607 -20.45 -15.57 8.18
N ALA B 608 -20.83 -16.47 9.07
CA ALA B 608 -20.64 -16.22 10.48
C ALA B 608 -19.18 -16.00 10.82
N ASN B 609 -18.27 -16.68 10.15
CA ASN B 609 -16.89 -16.50 10.52
C ASN B 609 -16.37 -15.22 9.98
N MET B 610 -16.79 -14.83 8.81
CA MET B 610 -16.25 -13.58 8.34
C MET B 610 -16.73 -12.49 9.24
N GLU B 611 -17.96 -12.61 9.70
CA GLU B 611 -18.50 -11.59 10.53
C GLU B 611 -17.76 -11.46 11.84
N ARG B 612 -17.46 -12.57 12.50
CA ARG B 612 -16.82 -12.41 13.80
C ARG B 612 -15.41 -11.91 13.62
N ILE B 613 -14.80 -12.22 12.49
CA ILE B 613 -13.47 -11.76 12.26
C ILE B 613 -13.46 -10.29 12.01
N MET B 614 -14.36 -9.79 11.19
CA MET B 614 -14.36 -8.38 10.90
C MET B 614 -14.58 -7.54 12.13
N LYS B 615 -15.39 -8.04 13.04
CA LYS B 615 -15.68 -7.32 14.25
C LYS B 615 -14.51 -7.14 15.18
N ALA B 616 -13.44 -7.90 15.00
CA ALA B 616 -12.31 -7.81 15.89
C ALA B 616 -11.04 -7.31 15.22
N GLN B 617 -11.12 -6.55 14.15
CA GLN B 617 -9.86 -6.15 13.51
C GLN B 617 -9.15 -4.91 14.02
N ALA B 618 -9.67 -4.18 14.97
CA ALA B 618 -9.59 -3.06 15.86
C ALA B 618 -9.52 -1.79 15.10
N LEU B 619 -8.68 -1.75 14.09
CA LEU B 619 -8.56 -0.55 13.29
C LEU B 619 -9.56 -0.61 12.18
N ARG B 620 -10.80 -0.50 12.57
CA ARG B 620 -11.92 -0.61 11.68
C ARG B 620 -12.86 0.55 11.79
N ASP B 621 -13.61 0.79 10.73
CA ASP B 621 -14.56 1.87 10.75
C ASP B 621 -15.83 1.41 11.43
N ASN B 622 -16.10 1.95 12.60
CA ASN B 622 -17.24 1.49 13.36
C ASN B 622 -18.54 1.82 12.66
N SER B 623 -18.53 2.86 11.84
CA SER B 623 -19.74 3.31 11.21
C SER B 623 -20.23 2.36 10.15
N THR B 624 -19.38 1.43 9.71
CA THR B 624 -19.80 0.56 8.65
C THR B 624 -20.34 -0.71 9.23
N MET B 625 -20.21 -0.86 10.53
CA MET B 625 -20.62 -2.12 11.10
C MET B 625 -22.11 -2.06 11.35
N GLY B 626 -22.69 -0.91 11.10
CA GLY B 626 -24.10 -0.73 11.23
C GLY B 626 -24.80 -1.14 9.95
N TYR B 627 -24.04 -1.48 8.90
CA TYR B 627 -24.68 -1.86 7.67
C TYR B 627 -24.33 -3.27 7.35
N MET B 628 -23.14 -3.65 7.75
CA MET B 628 -22.63 -4.90 7.31
C MET B 628 -22.74 -5.96 8.34
N ALA B 629 -23.56 -6.94 8.06
CA ALA B 629 -23.79 -8.01 8.99
C ALA B 629 -24.20 -9.24 8.24
N ALA B 630 -24.02 -10.37 8.85
CA ALA B 630 -24.49 -11.57 8.19
C ALA B 630 -26.00 -11.58 8.20
N LYS B 631 -26.59 -12.06 7.11
CA LYS B 631 -28.01 -12.23 6.99
C LYS B 631 -28.31 -13.67 7.36
N LYS B 632 -29.04 -13.84 8.45
CA LYS B 632 -29.30 -15.14 9.06
C LYS B 632 -30.56 -15.84 8.62
N HIS B 633 -30.47 -17.08 8.19
CA HIS B 633 -31.66 -17.83 7.82
C HIS B 633 -31.76 -19.05 8.74
N LEU B 634 -32.94 -19.33 9.24
CA LEU B 634 -33.08 -20.47 10.14
C LEU B 634 -33.63 -21.67 9.45
N GLU B 635 -32.97 -22.80 9.63
CA GLU B 635 -33.43 -24.01 9.01
C GLU B 635 -33.93 -25.01 10.03
N ILE B 636 -35.03 -25.65 9.71
CA ILE B 636 -35.70 -26.64 10.54
C ILE B 636 -35.56 -28.07 10.11
N ASN B 637 -35.21 -28.97 11.03
CA ASN B 637 -35.13 -30.38 10.71
C ASN B 637 -36.50 -31.00 10.85
N PRO B 638 -37.19 -31.35 9.76
CA PRO B 638 -38.56 -31.78 9.74
C PRO B 638 -38.77 -33.13 10.40
N ASP B 639 -37.71 -33.87 10.59
CA ASP B 639 -37.82 -35.18 11.17
C ASP B 639 -37.40 -35.24 12.61
N HIS B 640 -37.14 -34.10 13.21
CA HIS B 640 -36.74 -34.10 14.59
C HIS B 640 -37.97 -34.17 15.47
N SER B 641 -37.90 -34.89 16.57
CA SER B 641 -39.04 -34.98 17.46
C SER B 641 -39.44 -33.68 18.14
N ILE B 642 -38.50 -32.76 18.35
CA ILE B 642 -38.89 -31.51 18.97
C ILE B 642 -39.69 -30.74 17.99
N ILE B 643 -39.25 -30.72 16.76
CA ILE B 643 -39.94 -29.98 15.75
C ILE B 643 -41.32 -30.53 15.51
N GLU B 644 -41.49 -31.84 15.48
CA GLU B 644 -42.83 -32.32 15.26
C GLU B 644 -43.76 -32.00 16.41
N THR B 645 -43.33 -32.10 17.66
CA THR B 645 -44.31 -31.78 18.67
C THR B 645 -44.58 -30.28 18.65
N LEU B 646 -43.58 -29.50 18.25
CA LEU B 646 -43.74 -28.07 18.14
C LEU B 646 -44.77 -27.75 17.09
N ARG B 647 -44.74 -28.45 15.96
CA ARG B 647 -45.71 -28.19 14.92
C ARG B 647 -47.09 -28.41 15.44
N GLN B 648 -47.28 -29.48 16.18
CA GLN B 648 -48.60 -29.80 16.66
C GLN B 648 -49.09 -28.75 17.64
N LYS B 649 -48.21 -28.29 18.52
CA LYS B 649 -48.65 -27.31 19.48
C LYS B 649 -48.92 -25.98 18.85
N ALA B 650 -48.06 -25.60 17.93
CA ALA B 650 -48.19 -24.31 17.31
C ALA B 650 -49.47 -24.21 16.51
N GLU B 651 -49.86 -25.29 15.84
CA GLU B 651 -51.09 -25.22 15.12
C GLU B 651 -52.26 -25.18 16.07
N ALA B 652 -52.18 -25.92 17.17
CA ALA B 652 -53.29 -25.92 18.10
C ALA B 652 -53.53 -24.53 18.70
N ASP B 653 -52.46 -23.80 19.01
CA ASP B 653 -52.61 -22.46 19.56
C ASP B 653 -51.46 -21.55 19.18
N LYS B 654 -51.71 -20.66 18.25
CA LYS B 654 -50.69 -19.78 17.72
C LYS B 654 -50.10 -18.84 18.75
N ASN B 655 -50.83 -18.60 19.84
CA ASN B 655 -50.35 -17.68 20.85
C ASN B 655 -49.91 -18.35 22.13
N ASP B 656 -49.69 -19.64 22.06
CA ASP B 656 -49.26 -20.35 23.25
C ASP B 656 -47.93 -19.86 23.73
N LYS B 657 -47.87 -19.46 24.98
CA LYS B 657 -46.65 -18.95 25.57
C LYS B 657 -45.57 -20.00 25.51
N SER B 658 -45.95 -21.25 25.70
CA SER B 658 -44.98 -22.33 25.69
C SER B 658 -44.26 -22.37 24.38
N VAL B 659 -45.01 -22.18 23.31
CA VAL B 659 -44.43 -22.20 21.99
C VAL B 659 -43.52 -21.04 21.83
N LYS B 660 -43.96 -19.87 22.23
CA LYS B 660 -43.10 -18.73 22.05
C LYS B 660 -41.78 -18.90 22.75
N ASP B 661 -41.78 -19.44 23.95
CA ASP B 661 -40.54 -19.59 24.66
C ASP B 661 -39.68 -20.66 24.04
N LEU B 662 -40.28 -21.73 23.57
CA LEU B 662 -39.47 -22.75 22.96
C LEU B 662 -38.83 -22.26 21.69
N VAL B 663 -39.55 -21.49 20.90
CA VAL B 663 -38.96 -21.01 19.68
C VAL B 663 -37.78 -20.14 19.96
N ILE B 664 -37.88 -19.27 20.93
CA ILE B 664 -36.73 -18.44 21.20
C ILE B 664 -35.59 -19.28 21.71
N LEU B 665 -35.84 -20.23 22.57
CA LEU B 665 -34.75 -21.02 23.07
C LEU B 665 -34.05 -21.76 21.95
N LEU B 666 -34.80 -22.34 21.03
CA LEU B 666 -34.18 -23.08 19.95
C LEU B 666 -33.35 -22.16 19.10
N TYR B 667 -33.84 -20.95 18.85
CA TYR B 667 -33.11 -20.00 18.08
C TYR B 667 -31.79 -19.68 18.70
N GLU B 668 -31.78 -19.37 19.99
CA GLU B 668 -30.53 -19.01 20.61
C GLU B 668 -29.58 -20.17 20.64
N THR B 669 -30.08 -21.37 20.85
CA THR B 669 -29.20 -22.50 20.92
C THR B 669 -28.55 -22.71 19.57
N ALA B 670 -29.34 -22.62 18.51
CA ALA B 670 -28.83 -22.78 17.18
C ALA B 670 -27.85 -21.71 16.85
N LEU B 671 -28.10 -20.52 17.33
CA LEU B 671 -27.25 -19.43 17.00
C LEU B 671 -25.88 -19.68 17.52
N LEU B 672 -25.77 -20.20 18.73
CA LEU B 672 -24.45 -20.48 19.27
C LEU B 672 -23.76 -21.61 18.55
N SER B 673 -24.49 -22.67 18.23
CA SER B 673 -23.84 -23.81 17.62
C SER B 673 -23.48 -23.55 16.18
N SER B 674 -24.07 -22.53 15.60
CA SER B 674 -23.85 -22.13 14.23
C SER B 674 -22.70 -21.16 14.10
N GLY B 675 -22.08 -20.78 15.20
CA GLY B 675 -20.95 -19.88 15.14
C GLY B 675 -21.23 -18.40 15.29
N PHE B 676 -22.39 -18.01 15.77
CA PHE B 676 -22.61 -16.59 15.92
C PHE B 676 -22.47 -16.16 17.34
N SER B 677 -21.97 -14.97 17.55
CA SER B 677 -21.93 -14.45 18.89
C SER B 677 -23.35 -14.16 19.30
N LEU B 678 -23.66 -14.44 20.53
CA LEU B 678 -24.98 -14.22 21.07
C LEU B 678 -25.11 -12.89 21.74
N GLU B 679 -26.06 -12.09 21.29
CA GLU B 679 -26.25 -10.79 21.89
C GLU B 679 -27.01 -10.97 23.19
N ASP B 680 -26.51 -10.35 24.24
CA ASP B 680 -27.13 -10.44 25.54
C ASP B 680 -27.24 -11.88 26.04
N PRO B 681 -26.10 -12.54 26.24
CA PRO B 681 -26.01 -13.88 26.69
C PRO B 681 -26.58 -14.02 28.07
N GLN B 682 -26.73 -12.92 28.79
CA GLN B 682 -27.26 -13.02 30.10
C GLN B 682 -28.70 -13.44 30.01
N THR B 683 -29.43 -13.00 29.00
CA THR B 683 -30.82 -13.42 28.92
C THR B 683 -30.85 -14.90 28.67
N HIS B 684 -29.98 -15.32 27.80
CA HIS B 684 -29.94 -16.73 27.49
C HIS B 684 -29.66 -17.53 28.73
N ALA B 685 -28.67 -17.10 29.50
CA ALA B 685 -28.31 -17.81 30.69
C ALA B 685 -29.46 -17.88 31.64
N ASN B 686 -30.24 -16.81 31.72
CA ASN B 686 -31.33 -16.82 32.64
C ASN B 686 -32.35 -17.86 32.27
N ARG B 687 -32.53 -18.13 30.98
CA ARG B 687 -33.49 -19.16 30.62
C ARG B 687 -33.01 -20.50 31.11
N ILE B 688 -31.72 -20.70 31.01
CA ILE B 688 -31.16 -21.95 31.45
C ILE B 688 -31.32 -22.09 32.93
N TYR B 689 -31.07 -21.02 33.65
CA TYR B 689 -31.19 -21.09 35.07
C TYR B 689 -32.60 -21.42 35.46
N ARG B 690 -33.58 -20.88 34.76
CA ARG B 690 -34.93 -21.25 35.11
C ARG B 690 -35.17 -22.72 34.88
N MET B 691 -34.63 -23.28 33.81
CA MET B 691 -34.82 -24.70 33.58
C MET B 691 -34.20 -25.51 34.70
N ILE B 692 -33.07 -25.05 35.20
CA ILE B 692 -32.44 -25.76 36.30
C ILE B 692 -33.27 -25.66 37.54
N LYS B 693 -33.77 -24.47 37.86
CA LYS B 693 -34.57 -24.31 39.05
C LYS B 693 -35.76 -25.21 38.99
N LEU B 694 -36.33 -25.36 37.80
CA LEU B 694 -37.47 -26.22 37.70
C LEU B 694 -37.07 -27.64 37.97
N GLY B 695 -35.97 -28.08 37.38
CA GLY B 695 -35.51 -29.45 37.56
C GLY B 695 -35.21 -29.78 39.01
N LEU B 696 -34.75 -28.80 39.75
CA LEU B 696 -34.43 -28.98 41.15
C LEU B 696 -35.60 -28.74 42.08
N GLY B 697 -36.75 -28.34 41.55
CA GLY B 697 -37.90 -28.05 42.39
C GLY B 697 -37.86 -26.75 43.20
N ILE B 698 -37.11 -25.72 42.75
CA ILE B 698 -36.94 -24.43 43.43
C ILE B 698 -38.17 -23.56 43.13
N MET C 1 42.13 2.90 -35.91
CA MET C 1 40.80 3.46 -35.61
C MET C 1 40.31 2.79 -34.32
N GLN C 2 39.26 3.32 -33.69
CA GLN C 2 38.67 2.76 -32.44
C GLN C 2 37.17 2.84 -32.61
N PRO C 3 36.37 2.01 -31.99
CA PRO C 3 34.94 2.14 -32.03
C PRO C 3 34.51 3.31 -31.21
N ALA C 4 33.42 3.94 -31.60
CA ALA C 4 32.82 4.96 -30.80
C ALA C 4 31.99 4.28 -29.76
N SER C 5 31.82 4.88 -28.61
CA SER C 5 30.91 4.25 -27.66
C SER C 5 29.51 4.44 -28.16
N ALA C 6 28.62 3.56 -27.76
CA ALA C 6 27.25 3.70 -28.19
C ALA C 6 26.27 3.09 -27.23
N LYS C 7 25.05 3.58 -27.28
CA LYS C 7 24.00 3.05 -26.46
C LYS C 7 22.84 2.57 -27.29
N TRP C 8 22.06 1.63 -26.83
CA TRP C 8 20.91 1.26 -27.63
C TRP C 8 19.69 0.84 -26.85
N TYR C 9 18.54 0.89 -27.51
CA TYR C 9 17.27 0.47 -26.94
C TYR C 9 16.28 0.17 -28.05
N ASP C 10 15.15 -0.45 -27.76
CA ASP C 10 14.20 -0.58 -28.86
C ASP C 10 12.76 -0.39 -28.48
N ARG C 11 11.92 -0.51 -29.49
CA ARG C 11 10.48 -0.42 -29.44
C ARG C 11 9.88 -1.46 -30.36
N ARG C 12 8.58 -1.62 -30.36
CA ARG C 12 7.97 -2.60 -31.22
C ARG C 12 8.40 -2.54 -32.69
N ASP C 13 8.51 -1.34 -33.25
CA ASP C 13 8.88 -1.23 -34.66
C ASP C 13 10.32 -0.86 -34.98
N TYR C 14 10.99 -0.16 -34.08
CA TYR C 14 12.32 0.35 -34.35
C TYR C 14 13.38 0.03 -33.31
N VAL C 15 14.64 0.04 -33.74
CA VAL C 15 15.79 -0.13 -32.89
C VAL C 15 16.61 1.14 -32.93
N PHE C 16 16.97 1.65 -31.78
CA PHE C 16 17.69 2.90 -31.73
C PHE C 16 19.10 2.75 -31.24
N ILE C 17 20.04 3.34 -31.97
CA ILE C 17 21.44 3.32 -31.57
C ILE C 17 22.02 4.71 -31.53
N GLU C 18 22.60 5.10 -30.42
CA GLU C 18 23.18 6.42 -30.36
C GLU C 18 24.68 6.35 -30.27
N PHE C 19 25.36 6.96 -31.22
CA PHE C 19 26.81 6.97 -31.22
C PHE C 19 27.24 8.23 -30.54
N CYS C 20 27.96 8.09 -29.47
CA CYS C 20 28.25 9.23 -28.64
C CYS C 20 29.49 9.99 -29.00
N VAL C 21 29.47 10.59 -30.17
CA VAL C 21 30.60 11.37 -30.61
C VAL C 21 30.23 12.82 -30.67
N GLU C 22 30.85 13.61 -29.81
CA GLU C 22 30.53 15.02 -29.80
C GLU C 22 31.31 15.69 -30.89
N ASP C 23 30.73 16.70 -31.50
CA ASP C 23 31.41 17.46 -32.52
C ASP C 23 31.97 16.57 -33.61
N SER C 24 31.11 15.74 -34.14
CA SER C 24 31.45 14.84 -35.19
C SER C 24 31.60 15.50 -36.54
N LYS C 25 32.41 14.86 -37.39
CA LYS C 25 32.67 15.25 -38.76
C LYS C 25 32.57 14.06 -39.70
N ASP C 26 32.21 14.32 -40.95
CA ASP C 26 32.28 13.28 -41.96
C ASP C 26 31.57 12.01 -41.53
N VAL C 27 30.36 12.18 -41.05
CA VAL C 27 29.62 11.04 -40.58
C VAL C 27 29.04 10.26 -41.72
N ASN C 28 29.30 8.96 -41.72
CA ASN C 28 28.83 8.05 -42.73
C ASN C 28 28.13 6.85 -42.14
N VAL C 29 26.86 6.71 -42.47
CA VAL C 29 26.13 5.59 -41.91
C VAL C 29 25.60 4.71 -43.01
N ASN C 30 25.99 3.46 -42.98
CA ASN C 30 25.60 2.48 -43.96
C ASN C 30 24.61 1.47 -43.42
N PHE C 31 23.38 1.53 -43.89
CA PHE C 31 22.36 0.64 -43.39
C PHE C 31 22.12 -0.50 -44.37
N GLU C 32 22.41 -1.73 -43.98
CA GLU C 32 22.21 -2.90 -44.83
C GLU C 32 21.25 -3.83 -44.13
N LYS C 33 20.58 -4.69 -44.86
CA LYS C 33 19.61 -5.60 -44.23
C LYS C 33 20.11 -6.30 -42.97
N SER C 34 21.33 -6.81 -42.97
CA SER C 34 21.84 -7.53 -41.81
C SER C 34 22.97 -6.83 -41.08
N LYS C 35 23.32 -5.63 -41.49
CA LYS C 35 24.48 -4.99 -40.89
C LYS C 35 24.44 -3.47 -40.84
N LEU C 36 25.00 -2.92 -39.79
CA LEU C 36 25.11 -1.50 -39.70
C LEU C 36 26.53 -1.04 -39.58
N THR C 37 26.96 -0.15 -40.46
CA THR C 37 28.32 0.34 -40.33
C THR C 37 28.36 1.83 -40.12
N PHE C 38 29.03 2.20 -39.08
CA PHE C 38 29.22 3.58 -38.72
C PHE C 38 30.65 4.00 -38.84
N SER C 39 30.86 5.12 -39.47
CA SER C 39 32.19 5.66 -39.63
C SER C 39 32.16 7.14 -39.40
N CYS C 40 33.07 7.59 -38.56
CA CYS C 40 33.07 8.98 -38.15
C CYS C 40 34.39 9.54 -37.77
N LEU C 41 34.67 10.73 -38.19
CA LEU C 41 35.86 11.38 -37.72
C LEU C 41 35.38 12.30 -36.64
N GLY C 42 36.07 12.46 -35.55
CA GLY C 42 35.48 13.48 -34.70
C GLY C 42 36.12 13.77 -33.38
N GLY C 43 35.53 14.73 -32.72
CA GLY C 43 36.00 15.17 -31.43
C GLY C 43 37.11 16.14 -31.68
N SER C 44 37.72 16.64 -30.61
CA SER C 44 38.76 17.63 -30.74
C SER C 44 40.02 17.13 -31.42
N ASP C 45 40.29 15.83 -31.35
CA ASP C 45 41.48 15.30 -31.97
C ASP C 45 41.24 14.65 -33.32
N ASN C 46 40.04 14.83 -33.89
CA ASN C 46 39.77 14.21 -35.19
C ASN C 46 40.14 12.75 -35.15
N PHE C 47 39.68 12.05 -34.13
CA PHE C 47 40.06 10.67 -34.04
C PHE C 47 39.17 9.91 -34.99
N LYS C 48 39.71 8.91 -35.66
CA LYS C 48 38.89 8.12 -36.55
C LYS C 48 38.18 6.98 -35.85
N HIS C 49 36.86 6.98 -35.97
CA HIS C 49 36.05 5.97 -35.33
C HIS C 49 35.42 5.02 -36.31
N LEU C 50 35.29 3.77 -35.91
CA LEU C 50 34.64 2.77 -36.73
C LEU C 50 33.90 1.72 -35.96
N ASN C 51 32.65 1.53 -36.29
CA ASN C 51 31.82 0.55 -35.62
C ASN C 51 31.08 -0.33 -36.60
N GLU C 52 31.47 -1.59 -36.69
CA GLU C 52 30.80 -2.51 -37.59
C GLU C 52 29.93 -3.44 -36.78
N ILE C 53 28.64 -3.32 -36.94
CA ILE C 53 27.73 -4.10 -36.14
C ILE C 53 27.00 -5.18 -36.94
N ASP C 54 27.29 -6.42 -36.63
CA ASP C 54 26.62 -7.52 -37.30
C ASP C 54 25.36 -7.74 -36.51
N LEU C 55 24.22 -7.43 -37.08
CA LEU C 55 22.96 -7.39 -36.36
C LEU C 55 22.32 -8.71 -36.02
N PHE C 56 21.65 -8.68 -34.88
CA PHE C 56 20.88 -9.77 -34.34
C PHE C 56 19.81 -10.28 -35.26
N HIS C 57 19.08 -9.37 -35.86
CA HIS C 57 17.95 -9.74 -36.68
C HIS C 57 17.83 -8.69 -37.75
N CYS C 58 17.35 -9.08 -38.92
CA CYS C 58 17.28 -8.16 -40.04
C CYS C 58 16.35 -6.97 -39.91
N ILE C 59 16.76 -5.89 -40.61
CA ILE C 59 16.10 -4.61 -40.68
C ILE C 59 15.78 -4.20 -42.10
N ASP C 60 14.92 -3.21 -42.22
CA ASP C 60 14.58 -2.59 -43.49
C ASP C 60 15.44 -1.34 -43.66
N PRO C 61 16.48 -1.34 -44.50
CA PRO C 61 17.43 -0.27 -44.66
C PRO C 61 16.80 0.93 -45.34
N ASN C 62 15.62 0.74 -45.93
CA ASN C 62 15.00 1.81 -46.67
C ASN C 62 14.04 2.59 -45.81
N ASP C 63 13.97 2.23 -44.55
CA ASP C 63 13.15 2.91 -43.58
C ASP C 63 14.03 3.18 -42.37
N SER C 64 15.31 3.33 -42.65
CA SER C 64 16.28 3.59 -41.62
C SER C 64 16.87 4.95 -41.89
N LYS C 65 17.28 5.63 -40.84
CA LYS C 65 17.79 6.98 -41.01
C LYS C 65 18.64 7.41 -39.86
N HIS C 66 19.36 8.49 -40.01
CA HIS C 66 20.07 9.01 -38.87
C HIS C 66 20.05 10.51 -38.83
N LYS C 67 20.23 11.05 -37.64
CA LYS C 67 20.30 12.48 -37.46
C LYS C 67 21.53 12.87 -36.66
N ARG C 68 22.32 13.74 -37.23
CA ARG C 68 23.51 14.21 -36.54
C ARG C 68 23.25 15.50 -35.82
N THR C 69 23.63 15.57 -34.55
CA THR C 69 23.51 16.79 -33.80
C THR C 69 24.90 17.06 -33.28
N ASP C 70 25.10 18.19 -32.62
CA ASP C 70 26.45 18.44 -32.13
C ASP C 70 26.81 17.49 -31.00
N ARG C 71 25.82 17.04 -30.24
CA ARG C 71 26.11 16.16 -29.14
C ARG C 71 26.27 14.69 -29.51
N SER C 72 25.45 14.20 -30.43
CA SER C 72 25.52 12.79 -30.77
C SER C 72 24.90 12.45 -32.11
N ILE C 73 25.14 11.22 -32.57
CA ILE C 73 24.55 10.77 -33.81
C ILE C 73 23.54 9.68 -33.56
N LEU C 74 22.28 9.95 -33.84
CA LEU C 74 21.27 8.95 -33.57
C LEU C 74 20.80 8.22 -34.79
N CYS C 75 20.90 6.92 -34.75
CA CYS C 75 20.46 6.09 -35.83
C CYS C 75 19.20 5.35 -35.45
N CYS C 76 18.24 5.35 -36.35
CA CYS C 76 17.00 4.65 -36.16
C CYS C 76 16.83 3.56 -37.20
N LEU C 77 16.69 2.34 -36.75
CA LEU C 77 16.57 1.23 -37.66
C LEU C 77 15.19 0.66 -37.65
N ARG C 78 14.67 0.31 -38.81
CA ARG C 78 13.36 -0.31 -38.84
C ARG C 78 13.42 -1.82 -38.74
N LYS C 79 12.73 -2.40 -37.78
CA LYS C 79 12.76 -3.83 -37.61
C LYS C 79 12.14 -4.50 -38.80
N GLY C 80 12.78 -5.55 -39.31
CA GLY C 80 12.20 -6.24 -40.45
C GLY C 80 10.86 -6.83 -40.10
N GLU C 81 10.72 -7.31 -38.87
CA GLU C 81 9.49 -7.91 -38.41
C GLU C 81 8.96 -7.20 -37.19
N SER C 82 7.81 -6.57 -37.32
CA SER C 82 7.25 -5.81 -36.21
C SER C 82 6.98 -6.72 -35.04
N GLY C 83 7.35 -6.30 -33.84
CA GLY C 83 7.10 -7.08 -32.65
C GLY C 83 8.25 -8.01 -32.33
N GLN C 84 9.23 -8.10 -33.21
CA GLN C 84 10.35 -8.97 -32.96
C GLN C 84 11.11 -8.56 -31.72
N SER C 85 11.37 -9.52 -30.86
CA SER C 85 12.16 -9.26 -29.68
C SER C 85 13.64 -9.24 -30.01
N TRP C 86 14.33 -8.27 -29.45
CA TRP C 86 15.76 -8.10 -29.63
C TRP C 86 16.49 -8.08 -28.30
N PRO C 87 16.80 -9.23 -27.69
CA PRO C 87 17.42 -9.33 -26.39
C PRO C 87 18.83 -8.77 -26.40
N ARG C 88 19.42 -8.69 -27.56
CA ARG C 88 20.74 -8.17 -27.73
C ARG C 88 20.76 -7.47 -29.05
N LEU C 89 21.71 -6.58 -29.26
CA LEU C 89 21.75 -5.91 -30.53
C LEU C 89 22.37 -6.72 -31.64
N THR C 90 23.43 -7.44 -31.31
CA THR C 90 24.23 -8.18 -32.27
C THR C 90 23.94 -9.64 -32.43
N LYS C 91 24.46 -10.19 -33.51
CA LYS C 91 24.30 -11.60 -33.80
C LYS C 91 25.08 -12.47 -32.85
N GLU C 92 26.26 -12.02 -32.49
CA GLU C 92 27.11 -12.77 -31.59
C GLU C 92 26.81 -12.38 -30.17
N ARG C 93 27.10 -13.27 -29.25
CA ARG C 93 26.87 -12.98 -27.85
C ARG C 93 28.03 -12.41 -27.08
N ALA C 94 29.15 -12.20 -27.71
CA ALA C 94 30.26 -11.65 -26.98
C ALA C 94 29.92 -10.26 -26.53
N LYS C 95 30.29 -9.91 -25.33
CA LYS C 95 30.05 -8.55 -24.92
C LYS C 95 30.97 -7.62 -25.65
N LEU C 96 30.45 -6.50 -26.09
CA LEU C 96 31.28 -5.50 -26.69
C LEU C 96 31.49 -4.45 -25.65
N ASN C 97 32.72 -4.12 -25.38
CA ASN C 97 32.97 -3.21 -24.29
C ASN C 97 32.44 -1.83 -24.54
N TRP C 98 32.33 -1.43 -25.78
CA TRP C 98 31.86 -0.11 -26.10
C TRP C 98 30.34 0.02 -26.20
N LEU C 99 29.60 -1.08 -26.11
CA LEU C 99 28.15 -0.98 -26.31
C LEU C 99 27.32 -1.23 -25.07
N SER C 100 26.37 -0.36 -24.80
CA SER C 100 25.52 -0.58 -23.63
C SER C 100 24.07 -0.19 -23.84
N VAL C 101 23.23 -0.54 -22.89
CA VAL C 101 21.84 -0.21 -22.98
C VAL C 101 21.54 1.19 -22.47
N ASP C 102 20.76 1.91 -23.24
CA ASP C 102 20.43 3.26 -22.88
C ASP C 102 19.31 3.22 -21.91
N PHE C 103 19.62 3.03 -20.65
CA PHE C 103 18.54 2.81 -19.72
C PHE C 103 17.60 3.96 -19.59
N ASN C 104 18.06 5.17 -19.81
CA ASN C 104 17.15 6.28 -19.64
C ASN C 104 16.02 6.29 -20.67
N ASN C 105 16.19 5.60 -21.79
CA ASN C 105 15.16 5.51 -22.81
C ASN C 105 14.66 4.10 -22.97
N TRP C 106 15.03 3.24 -22.04
CA TRP C 106 14.64 1.86 -22.07
C TRP C 106 13.24 1.72 -21.65
N LYS C 107 12.52 0.86 -22.29
CA LYS C 107 11.18 0.61 -21.89
C LYS C 107 10.86 -0.83 -22.04
N ASP C 108 10.11 -1.37 -21.13
CA ASP C 108 9.67 -2.73 -21.29
C ASP C 108 8.43 -2.64 -22.13
N TRP C 109 8.62 -2.45 -23.42
CA TRP C 109 7.50 -2.23 -24.30
C TRP C 109 6.78 -3.51 -24.57
N GLU C 110 7.43 -4.63 -24.43
CA GLU C 110 6.78 -5.88 -24.70
C GLU C 110 6.12 -6.33 -23.42
N ASP C 111 5.19 -5.53 -22.96
CA ASP C 111 4.50 -5.77 -21.74
C ASP C 111 3.13 -5.16 -21.80
N ASP C 112 2.16 -6.01 -21.99
CA ASP C 112 0.77 -5.65 -22.15
C ASP C 112 -0.04 -6.08 -20.94
N SER C 113 0.62 -6.21 -19.79
CA SER C 113 -0.04 -6.65 -18.58
C SER C 113 -1.17 -5.78 -18.15
N ASP C 114 -2.05 -6.39 -17.38
CA ASP C 114 -3.23 -5.71 -16.89
C ASP C 114 -2.93 -4.86 -15.68
N GLU C 115 -2.31 -3.75 -15.97
CA GLU C 115 -1.95 -2.75 -14.99
C GLU C 115 -3.25 -2.05 -14.74
N ASP C 116 -3.29 -1.08 -13.83
CA ASP C 116 -4.57 -0.44 -13.64
C ASP C 116 -5.04 -0.01 -15.01
N MET C 117 -6.26 -0.36 -15.35
CA MET C 117 -6.69 0.00 -16.68
C MET C 117 -6.78 1.48 -16.85
N SER C 118 -7.10 2.19 -15.78
CA SER C 118 -7.14 3.62 -15.88
C SER C 118 -6.58 4.28 -14.60
N ASN C 119 -5.47 5.06 -14.63
CA ASN C 119 -4.60 5.41 -15.77
C ASN C 119 -5.34 5.99 -16.95
N PHE C 120 -6.08 7.07 -16.77
CA PHE C 120 -6.87 7.57 -17.86
C PHE C 120 -6.14 7.77 -19.18
N ASP C 121 -4.91 8.25 -19.17
CA ASP C 121 -4.32 8.49 -20.46
C ASP C 121 -4.01 7.18 -21.18
N ARG C 122 -3.51 6.20 -20.43
CA ARG C 122 -3.21 4.88 -20.95
C ARG C 122 -4.51 4.24 -21.41
N PHE C 123 -5.53 4.46 -20.63
CA PHE C 123 -6.86 3.97 -20.84
C PHE C 123 -7.42 4.49 -22.12
N SER C 124 -7.34 5.79 -22.31
CA SER C 124 -7.89 6.41 -23.47
C SER C 124 -7.22 5.82 -24.68
N GLU C 125 -5.90 5.66 -24.65
CA GLU C 125 -5.24 5.04 -25.77
C GLU C 125 -5.78 3.67 -26.02
N MET C 126 -5.97 2.89 -24.97
CA MET C 126 -6.49 1.56 -25.15
C MET C 126 -7.92 1.52 -25.63
N MET C 127 -8.72 2.52 -25.29
CA MET C 127 -10.09 2.58 -25.77
C MET C 127 -10.11 2.96 -27.22
N ASN C 128 -9.12 3.74 -27.64
CA ASN C 128 -9.05 4.12 -29.03
C ASN C 128 -8.60 2.91 -29.82
N ASN C 129 -7.75 2.07 -29.20
CA ASN C 129 -7.28 0.86 -29.87
C ASN C 129 -8.40 -0.17 -29.95
N MET C 130 -9.19 -0.29 -28.88
CA MET C 130 -10.31 -1.23 -28.88
C MET C 130 -11.41 -0.71 -29.77
N GLY C 131 -11.45 0.60 -29.97
CA GLY C 131 -12.40 1.23 -30.86
C GLY C 131 -12.18 0.81 -32.30
N GLY C 132 -11.00 0.25 -32.61
CA GLY C 132 -10.69 -0.25 -33.93
C GLY C 132 -10.91 -1.79 -34.12
N ASP C 133 -11.47 -2.49 -33.08
CA ASP C 133 -11.72 -3.95 -33.00
C ASP C 133 -12.98 -4.35 -33.84
N ALA D 4 2.54 -5.80 21.56
CA ALA D 4 1.77 -6.30 20.43
C ALA D 4 1.84 -5.26 19.30
N THR D 5 1.45 -5.67 18.08
CA THR D 5 1.42 -4.87 16.86
C THR D 5 0.05 -5.03 16.24
N LEU D 6 -0.28 -4.20 15.27
CA LEU D 6 -1.57 -4.32 14.64
C LEU D 6 -1.54 -4.37 13.11
N PRO D 7 -1.02 -5.44 12.48
CA PRO D 7 -0.95 -5.60 11.04
C PRO D 7 -2.36 -5.75 10.53
N GLN D 8 -2.66 -5.25 9.35
CA GLN D 8 -4.00 -5.34 8.82
C GLN D 8 -4.09 -6.09 7.53
N LEU D 9 -5.26 -6.64 7.27
CA LEU D 9 -5.53 -7.27 6.00
C LEU D 9 -6.95 -6.88 5.68
N THR D 10 -7.17 -6.28 4.52
CA THR D 10 -8.49 -5.79 4.21
C THR D 10 -9.17 -6.56 3.09
N PRO D 11 -10.50 -6.59 3.06
CA PRO D 11 -11.34 -7.16 2.04
C PRO D 11 -11.34 -6.28 0.82
N THR D 12 -11.75 -6.81 -0.31
CA THR D 12 -11.83 -6.02 -1.51
C THR D 12 -13.14 -5.27 -1.58
N LEU D 13 -13.18 -4.23 -2.42
CA LEU D 13 -14.41 -3.52 -2.55
C LEU D 13 -15.49 -4.35 -3.10
N VAL D 14 -15.17 -5.25 -3.98
CA VAL D 14 -16.22 -6.01 -4.55
C VAL D 14 -16.89 -6.81 -3.49
N SER D 15 -16.15 -7.40 -2.57
CA SER D 15 -16.83 -8.21 -1.58
C SER D 15 -17.69 -7.34 -0.69
N LEU D 16 -17.32 -6.08 -0.51
CA LEU D 16 -18.13 -5.26 0.35
C LEU D 16 -19.42 -4.98 -0.38
N LEU D 17 -19.35 -4.85 -1.68
CA LEU D 17 -20.53 -4.59 -2.44
C LEU D 17 -21.44 -5.79 -2.38
N GLU D 18 -20.86 -6.99 -2.38
CA GLU D 18 -21.69 -8.18 -2.30
C GLU D 18 -22.50 -8.16 -1.02
N VAL D 19 -21.90 -7.69 0.06
CA VAL D 19 -22.58 -7.64 1.34
C VAL D 19 -23.70 -6.62 1.39
N ILE D 20 -23.42 -5.45 0.87
CA ILE D 20 -24.33 -4.33 0.86
C ILE D 20 -25.55 -4.54 0.01
N GLU D 21 -25.38 -5.11 -1.16
CA GLU D 21 -26.48 -5.28 -2.08
C GLU D 21 -27.73 -5.81 -1.39
N PRO D 22 -28.90 -5.14 -1.54
CA PRO D 22 -30.16 -5.47 -0.96
C PRO D 22 -30.79 -6.69 -1.56
N GLU D 23 -31.69 -7.25 -0.80
CA GLU D 23 -32.49 -8.39 -1.15
C GLU D 23 -33.56 -8.07 -2.15
N VAL D 24 -34.01 -9.10 -2.82
CA VAL D 24 -35.10 -8.98 -3.77
C VAL D 24 -36.40 -8.80 -3.04
N LEU D 25 -37.18 -7.84 -3.48
CA LEU D 25 -38.44 -7.60 -2.86
C LEU D 25 -39.54 -8.28 -3.61
N TYR D 26 -40.56 -8.68 -2.90
CA TYR D 26 -41.74 -9.23 -3.52
C TYR D 26 -42.65 -8.10 -3.87
N ALA D 27 -43.39 -8.28 -4.94
CA ALA D 27 -44.35 -7.30 -5.36
C ALA D 27 -45.54 -7.24 -4.45
N GLY D 28 -45.92 -8.39 -3.89
CA GLY D 28 -47.12 -8.45 -3.09
C GLY D 28 -48.33 -8.43 -4.02
N TYR D 29 -48.14 -8.91 -5.24
CA TYR D 29 -49.21 -8.90 -6.21
C TYR D 29 -50.16 -10.03 -6.02
N ASP D 30 -51.43 -9.73 -6.03
CA ASP D 30 -52.43 -10.74 -5.93
C ASP D 30 -52.70 -11.32 -7.29
N SER D 31 -52.21 -12.54 -7.52
CA SER D 31 -52.25 -13.22 -8.80
C SER D 31 -53.64 -13.53 -9.30
N SER D 32 -54.65 -13.43 -8.44
CA SER D 32 -56.01 -13.70 -8.87
C SER D 32 -56.59 -12.50 -9.60
N VAL D 33 -55.88 -11.37 -9.53
CA VAL D 33 -56.31 -10.13 -10.17
C VAL D 33 -56.00 -10.18 -11.66
N PRO D 34 -57.00 -10.01 -12.54
CA PRO D 34 -56.87 -10.00 -13.98
C PRO D 34 -55.99 -8.88 -14.46
N ASP D 35 -55.34 -9.08 -15.59
CA ASP D 35 -54.53 -8.04 -16.17
C ASP D 35 -55.33 -6.84 -16.60
N SER D 36 -54.72 -5.70 -16.39
CA SER D 36 -55.16 -4.40 -16.81
C SER D 36 -53.94 -3.57 -16.89
N THR D 37 -53.85 -2.73 -17.88
CA THR D 37 -52.63 -2.02 -18.06
C THR D 37 -52.32 -1.13 -16.90
N TRP D 38 -53.34 -0.51 -16.35
CA TRP D 38 -53.07 0.38 -15.24
C TRP D 38 -52.93 -0.38 -13.94
N ARG D 39 -53.51 -1.58 -13.81
CA ARG D 39 -53.34 -2.29 -12.56
C ARG D 39 -51.92 -2.76 -12.44
N ILE D 40 -51.39 -3.18 -13.57
CA ILE D 40 -50.04 -3.65 -13.62
C ILE D 40 -49.08 -2.53 -13.40
N MET D 41 -49.28 -1.41 -14.09
CA MET D 41 -48.36 -0.33 -13.88
C MET D 41 -48.43 0.19 -12.48
N THR D 42 -49.60 0.24 -11.87
CA THR D 42 -49.64 0.70 -10.51
C THR D 42 -48.88 -0.26 -9.63
N THR D 43 -49.06 -1.55 -9.82
CA THR D 43 -48.37 -2.47 -8.96
C THR D 43 -46.88 -2.23 -9.06
N LEU D 44 -46.42 -2.05 -10.29
CA LEU D 44 -45.02 -1.81 -10.50
C LEU D 44 -44.57 -0.50 -9.91
N ASN D 45 -45.39 0.53 -9.94
CA ASN D 45 -44.94 1.79 -9.39
C ASN D 45 -44.78 1.68 -7.90
N MET D 46 -45.66 0.92 -7.27
CA MET D 46 -45.58 0.80 -5.83
C MET D 46 -44.34 0.02 -5.46
N LEU D 47 -44.02 -0.97 -6.27
CA LEU D 47 -42.84 -1.75 -6.07
C LEU D 47 -41.63 -0.90 -6.29
N GLY D 48 -41.69 -0.09 -7.32
CA GLY D 48 -40.59 0.77 -7.68
C GLY D 48 -40.30 1.68 -6.54
N GLY D 49 -41.33 2.11 -5.84
CA GLY D 49 -41.15 2.96 -4.70
C GLY D 49 -40.32 2.24 -3.68
N ARG D 50 -40.70 1.04 -3.36
CA ARG D 50 -39.96 0.32 -2.35
C ARG D 50 -38.53 0.09 -2.79
N GLN D 51 -38.33 -0.21 -4.06
CA GLN D 51 -37.01 -0.47 -4.54
C GLN D 51 -36.16 0.77 -4.46
N VAL D 52 -36.72 1.91 -4.76
CA VAL D 52 -35.95 3.12 -4.67
C VAL D 52 -35.61 3.42 -3.24
N ILE D 53 -36.51 3.19 -2.32
CA ILE D 53 -36.16 3.48 -0.96
C ILE D 53 -34.96 2.66 -0.60
N ALA D 54 -34.98 1.40 -0.97
CA ALA D 54 -33.86 0.56 -0.69
C ALA D 54 -32.63 1.07 -1.38
N ALA D 55 -32.78 1.59 -2.59
CA ALA D 55 -31.65 2.11 -3.32
C ALA D 55 -30.99 3.21 -2.57
N VAL D 56 -31.76 4.00 -1.86
CA VAL D 56 -31.14 5.08 -1.16
C VAL D 56 -30.30 4.52 -0.05
N LYS D 57 -30.87 3.58 0.68
CA LYS D 57 -30.15 2.97 1.77
C LYS D 57 -28.89 2.34 1.26
N TRP D 58 -28.98 1.70 0.11
CA TRP D 58 -27.86 1.06 -0.52
C TRP D 58 -26.79 2.02 -0.85
N ALA D 59 -27.13 3.12 -1.49
CA ALA D 59 -26.11 4.03 -1.90
C ALA D 59 -25.37 4.59 -0.74
N LYS D 60 -26.06 4.81 0.34
CA LYS D 60 -25.41 5.38 1.49
C LYS D 60 -24.37 4.49 2.09
N ALA D 61 -24.43 3.21 1.80
CA ALA D 61 -23.49 2.29 2.35
C ALA D 61 -22.25 2.14 1.49
N ILE D 62 -22.25 2.68 0.29
CA ILE D 62 -21.15 2.45 -0.63
C ILE D 62 -19.93 3.18 -0.17
N PRO D 63 -18.80 2.53 -0.02
CA PRO D 63 -17.61 3.16 0.45
C PRO D 63 -17.27 4.37 -0.35
N GLY D 64 -17.08 5.46 0.36
CA GLY D 64 -16.71 6.77 -0.14
C GLY D 64 -17.90 7.66 -0.46
N PHE D 65 -19.07 7.09 -0.61
CA PHE D 65 -20.21 7.86 -1.01
C PHE D 65 -20.59 8.82 0.07
N ARG D 66 -20.49 8.36 1.28
CA ARG D 66 -20.89 9.09 2.44
C ARG D 66 -20.10 10.34 2.67
N ASN D 67 -18.97 10.49 2.02
CA ASN D 67 -18.17 11.65 2.28
C ASN D 67 -18.42 12.76 1.30
N LEU D 68 -19.41 12.55 0.44
CA LEU D 68 -19.82 13.54 -0.53
C LEU D 68 -20.72 14.52 0.14
N HIS D 69 -20.76 15.72 -0.38
CA HIS D 69 -21.65 16.68 0.20
C HIS D 69 -23.02 16.06 0.18
N LEU D 70 -23.77 16.21 1.24
CA LEU D 70 -25.06 15.57 1.27
C LEU D 70 -25.96 15.97 0.11
N ASP D 71 -25.88 17.20 -0.33
CA ASP D 71 -26.73 17.62 -1.41
C ASP D 71 -26.37 16.93 -2.68
N ASP D 72 -25.11 16.55 -2.83
CA ASP D 72 -24.67 15.91 -4.03
C ASP D 72 -25.13 14.50 -3.97
N GLN D 73 -25.20 13.94 -2.78
CA GLN D 73 -25.63 12.57 -2.71
C GLN D 73 -27.05 12.48 -3.20
N MET D 74 -27.87 13.44 -2.80
CA MET D 74 -29.25 13.38 -3.21
C MET D 74 -29.39 13.59 -4.68
N THR D 75 -28.58 14.47 -5.22
CA THR D 75 -28.64 14.74 -6.61
C THR D 75 -28.31 13.53 -7.44
N LEU D 76 -27.26 12.83 -7.08
CA LEU D 76 -26.86 11.68 -7.86
C LEU D 76 -27.92 10.62 -7.83
N LEU D 77 -28.53 10.44 -6.68
CA LEU D 77 -29.55 9.44 -6.61
C LEU D 77 -30.72 9.77 -7.47
N GLN D 78 -31.13 11.01 -7.49
CA GLN D 78 -32.26 11.30 -8.32
C GLN D 78 -31.91 11.25 -9.78
N TYR D 79 -30.75 11.69 -10.14
CA TYR D 79 -30.45 11.74 -11.55
C TYR D 79 -30.39 10.37 -12.17
N SER D 80 -29.87 9.40 -11.44
CA SER D 80 -29.70 8.07 -11.97
C SER D 80 -30.68 7.03 -11.48
N TRP D 81 -31.74 7.40 -10.76
CA TRP D 81 -32.49 6.29 -10.21
C TRP D 81 -33.06 5.37 -11.26
N MET D 82 -33.37 5.90 -12.42
CA MET D 82 -33.93 5.04 -13.42
C MET D 82 -32.89 4.09 -13.98
N SER D 83 -31.62 4.50 -14.02
CA SER D 83 -30.62 3.65 -14.60
C SER D 83 -30.42 2.47 -13.72
N LEU D 84 -30.44 2.73 -12.45
CA LEU D 84 -30.21 1.67 -11.53
C LEU D 84 -31.32 0.69 -11.58
N MET D 85 -32.55 1.16 -11.74
CA MET D 85 -33.61 0.21 -11.79
C MET D 85 -33.57 -0.60 -13.06
N ALA D 86 -33.13 -0.03 -14.16
CA ALA D 86 -33.04 -0.80 -15.38
C ALA D 86 -32.04 -1.94 -15.22
N PHE D 87 -30.91 -1.68 -14.58
CA PHE D 87 -30.00 -2.76 -14.30
C PHE D 87 -30.52 -3.80 -13.40
N ALA D 88 -31.22 -3.42 -12.38
CA ALA D 88 -31.71 -4.45 -11.51
C ALA D 88 -32.64 -5.35 -12.30
N LEU D 89 -33.45 -4.78 -13.16
CA LEU D 89 -34.36 -5.60 -13.93
C LEU D 89 -33.61 -6.48 -14.87
N GLY D 90 -32.54 -5.97 -15.45
CA GLY D 90 -31.74 -6.69 -16.42
C GLY D 90 -31.24 -7.96 -15.81
N TRP D 91 -30.83 -7.78 -14.55
CA TRP D 91 -30.03 -8.82 -13.97
C TRP D 91 -30.91 -10.01 -13.74
N ARG D 92 -32.15 -9.65 -13.45
CA ARG D 92 -32.98 -10.63 -12.83
C ARG D 92 -33.50 -11.44 -13.95
N SER D 93 -33.68 -10.79 -15.09
CA SER D 93 -34.22 -11.44 -16.26
C SER D 93 -33.15 -12.31 -16.87
N TYR D 94 -31.96 -11.76 -16.97
CA TYR D 94 -30.81 -12.49 -17.49
C TYR D 94 -30.54 -13.75 -16.74
N ARG D 95 -30.55 -13.66 -15.45
CA ARG D 95 -30.23 -14.78 -14.62
C ARG D 95 -31.25 -15.87 -14.66
N GLN D 96 -32.44 -15.58 -15.14
CA GLN D 96 -33.48 -16.56 -15.20
C GLN D 96 -33.91 -16.73 -16.63
N SER D 97 -33.08 -16.24 -17.54
CA SER D 97 -33.42 -16.21 -18.95
C SER D 97 -33.67 -17.59 -19.56
N SER D 98 -34.81 -17.81 -20.29
CA SER D 98 -35.95 -16.90 -20.55
C SER D 98 -35.69 -15.52 -21.12
N ALA D 99 -35.10 -15.45 -22.29
CA ALA D 99 -34.79 -14.17 -22.91
C ALA D 99 -36.05 -13.34 -23.14
N ASN D 100 -37.18 -14.02 -23.26
CA ASN D 100 -38.46 -13.42 -23.50
C ASN D 100 -39.23 -12.97 -22.27
N LEU D 101 -38.67 -13.07 -21.08
CA LEU D 101 -39.43 -12.60 -19.93
C LEU D 101 -38.74 -11.55 -19.10
N LEU D 102 -39.55 -10.68 -18.53
CA LEU D 102 -39.04 -9.69 -17.59
C LEU D 102 -39.34 -10.08 -16.17
N CYS D 103 -38.30 -10.13 -15.36
CA CYS D 103 -38.47 -10.51 -13.97
C CYS D 103 -38.44 -9.30 -13.10
N PHE D 104 -39.59 -8.75 -12.80
CA PHE D 104 -39.65 -7.52 -12.02
C PHE D 104 -39.49 -7.88 -10.58
N ALA D 105 -40.08 -8.98 -10.26
CA ALA D 105 -40.10 -9.48 -8.93
C ALA D 105 -40.44 -10.92 -9.06
N PRO D 106 -40.22 -11.75 -8.05
CA PRO D 106 -40.73 -13.06 -8.02
C PRO D 106 -42.19 -12.78 -8.13
N ASP D 107 -42.95 -13.68 -8.72
CA ASP D 107 -44.38 -13.51 -8.95
C ASP D 107 -44.62 -12.65 -10.18
N LEU D 108 -44.03 -11.47 -10.22
CA LEU D 108 -44.19 -10.61 -11.39
C LEU D 108 -43.20 -10.90 -12.46
N ILE D 109 -43.44 -12.02 -13.12
CA ILE D 109 -42.61 -12.45 -14.20
C ILE D 109 -43.48 -12.26 -15.42
N ILE D 110 -43.07 -11.42 -16.33
CA ILE D 110 -43.90 -11.08 -17.45
C ILE D 110 -43.44 -11.62 -18.77
N ASN D 111 -44.33 -12.38 -19.41
CA ASN D 111 -44.02 -12.95 -20.73
C ASN D 111 -44.61 -12.07 -21.82
N GLU D 112 -44.39 -12.45 -23.06
CA GLU D 112 -44.83 -11.68 -24.21
C GLU D 112 -46.34 -11.52 -24.30
N GLN D 113 -47.07 -12.52 -23.87
CA GLN D 113 -48.52 -12.51 -23.90
C GLN D 113 -49.14 -11.75 -22.74
N ARG D 114 -48.30 -11.30 -21.82
CA ARG D 114 -48.75 -10.56 -20.65
C ARG D 114 -48.32 -9.13 -20.91
N MET D 115 -47.23 -9.02 -21.66
CA MET D 115 -46.55 -7.79 -22.04
C MET D 115 -47.27 -7.17 -23.22
N THR D 116 -48.53 -6.85 -23.00
CA THR D 116 -49.40 -6.31 -24.03
C THR D 116 -49.74 -4.87 -23.81
N LEU D 117 -49.25 -4.33 -22.71
CA LEU D 117 -49.52 -2.96 -22.39
C LEU D 117 -48.90 -2.25 -23.54
N PRO D 118 -49.45 -1.15 -24.05
CA PRO D 118 -48.89 -0.48 -25.20
C PRO D 118 -47.47 -0.04 -24.94
N CYS D 119 -47.14 0.22 -23.69
CA CYS D 119 -45.79 0.57 -23.36
C CYS D 119 -44.96 -0.68 -23.27
N MET D 120 -45.59 -1.79 -22.94
CA MET D 120 -44.79 -2.98 -22.83
C MET D 120 -44.68 -3.63 -24.17
N TYR D 121 -45.44 -3.12 -25.09
CA TYR D 121 -45.46 -3.60 -26.41
C TYR D 121 -44.51 -2.71 -27.21
N ASP D 122 -43.92 -1.73 -26.54
CA ASP D 122 -43.02 -0.78 -27.12
C ASP D 122 -41.78 -0.63 -26.27
N GLN D 123 -41.89 0.00 -25.11
CA GLN D 123 -40.76 0.33 -24.25
C GLN D 123 -40.06 -0.89 -23.70
N CYS D 124 -40.76 -2.01 -23.59
CA CYS D 124 -40.08 -3.21 -23.16
C CYS D 124 -38.97 -3.59 -24.09
N LYS D 125 -38.96 -3.09 -25.32
CA LYS D 125 -37.88 -3.46 -26.19
C LYS D 125 -36.57 -3.01 -25.60
N HIS D 126 -36.59 -1.92 -24.83
CA HIS D 126 -35.39 -1.42 -24.23
C HIS D 126 -35.08 -2.18 -22.97
N MET D 127 -36.12 -2.56 -22.26
CA MET D 127 -35.86 -3.28 -21.03
C MET D 127 -35.26 -4.64 -21.35
N LEU D 128 -35.77 -5.22 -22.41
CA LEU D 128 -35.31 -6.50 -22.86
C LEU D 128 -33.95 -6.35 -23.44
N TYR D 129 -33.68 -5.23 -24.10
CA TYR D 129 -32.36 -5.01 -24.62
C TYR D 129 -31.33 -5.16 -23.55
N VAL D 130 -31.54 -4.53 -22.40
CA VAL D 130 -30.50 -4.65 -21.40
C VAL D 130 -30.30 -6.10 -21.02
N SER D 131 -31.38 -6.84 -20.84
CA SER D 131 -31.23 -8.24 -20.48
C SER D 131 -30.45 -8.99 -21.54
N SER D 132 -30.77 -8.74 -22.80
CA SER D 132 -30.12 -9.43 -23.89
C SER D 132 -28.66 -9.13 -23.93
N GLU D 133 -28.27 -7.92 -23.64
CA GLU D 133 -26.87 -7.61 -23.68
C GLU D 133 -26.10 -8.27 -22.55
N LEU D 134 -26.71 -8.34 -21.37
CA LEU D 134 -26.03 -8.97 -20.27
C LEU D 134 -25.81 -10.42 -20.62
N HIS D 135 -26.80 -10.98 -21.31
CA HIS D 135 -26.75 -12.34 -21.75
C HIS D 135 -25.68 -12.55 -22.77
N ARG D 136 -25.65 -11.71 -23.77
CA ARG D 136 -24.71 -11.84 -24.85
C ARG D 136 -23.29 -11.84 -24.34
N LEU D 137 -23.03 -10.98 -23.39
CA LEU D 137 -21.69 -10.87 -22.87
C LEU D 137 -21.40 -11.79 -21.71
N GLN D 138 -22.36 -12.58 -21.28
CA GLN D 138 -22.14 -13.48 -20.16
C GLN D 138 -21.55 -12.79 -18.95
N VAL D 139 -22.20 -11.72 -18.53
CA VAL D 139 -21.72 -10.92 -17.41
C VAL D 139 -21.72 -11.64 -16.08
N SER D 140 -20.60 -11.52 -15.35
CA SER D 140 -20.48 -12.17 -14.06
C SER D 140 -21.11 -11.32 -12.98
N TYR D 141 -21.31 -11.90 -11.82
CA TYR D 141 -21.92 -11.13 -10.75
C TYR D 141 -21.01 -10.02 -10.30
N GLU D 142 -19.73 -10.28 -10.22
CA GLU D 142 -18.86 -9.23 -9.77
C GLU D 142 -18.83 -8.09 -10.77
N GLU D 143 -18.86 -8.41 -12.05
CA GLU D 143 -18.87 -7.36 -13.03
C GLU D 143 -20.14 -6.57 -12.88
N TYR D 144 -21.22 -7.25 -12.63
CA TYR D 144 -22.48 -6.61 -12.46
C TYR D 144 -22.46 -5.61 -11.37
N LEU D 145 -21.96 -5.99 -10.22
CA LEU D 145 -21.98 -5.06 -9.13
C LEU D 145 -21.12 -3.86 -9.43
N CYS D 146 -20.00 -4.08 -10.08
CA CYS D 146 -19.16 -2.94 -10.36
C CYS D 146 -19.85 -1.98 -11.30
N MET D 147 -20.49 -2.51 -12.32
CA MET D 147 -21.17 -1.65 -13.24
C MET D 147 -22.32 -0.92 -12.62
N LYS D 148 -23.07 -1.60 -11.79
CA LYS D 148 -24.19 -0.94 -11.16
C LYS D 148 -23.71 0.26 -10.41
N THR D 149 -22.62 0.11 -9.70
CA THR D 149 -22.10 1.21 -8.93
C THR D 149 -21.74 2.34 -9.84
N LEU D 150 -21.12 2.06 -10.95
CA LEU D 150 -20.79 3.14 -11.85
C LEU D 150 -22.00 3.83 -12.41
N LEU D 151 -23.12 3.14 -12.58
CA LEU D 151 -24.27 3.84 -13.12
C LEU D 151 -24.67 4.95 -12.20
N LEU D 152 -24.53 4.75 -10.91
CA LEU D 152 -24.87 5.77 -9.94
C LEU D 152 -24.09 7.05 -10.15
N LEU D 153 -22.91 6.95 -10.70
CA LEU D 153 -22.03 8.07 -10.88
C LEU D 153 -22.03 8.60 -12.31
N SER D 154 -22.92 8.10 -13.16
CA SER D 154 -22.94 8.49 -14.56
C SER D 154 -23.57 9.83 -14.91
N SER D 155 -24.34 10.42 -14.02
CA SER D 155 -25.04 11.64 -14.35
C SER D 155 -24.90 12.70 -13.30
N VAL D 156 -24.41 13.86 -13.71
CA VAL D 156 -24.15 14.95 -12.79
C VAL D 156 -24.79 16.20 -13.33
N PRO D 157 -25.00 17.24 -12.53
CA PRO D 157 -25.47 18.51 -12.99
C PRO D 157 -24.46 19.03 -13.93
N LYS D 158 -24.89 19.72 -14.95
CA LYS D 158 -23.96 20.29 -15.91
C LYS D 158 -23.09 21.35 -15.27
N ASP D 159 -23.55 21.89 -14.15
CA ASP D 159 -22.87 22.94 -13.44
C ASP D 159 -21.91 22.41 -12.40
N GLY D 160 -21.81 21.09 -12.27
CA GLY D 160 -20.91 20.47 -11.32
C GLY D 160 -21.51 20.20 -9.96
N LEU D 161 -20.79 19.44 -9.17
CA LEU D 161 -21.15 19.05 -7.83
C LEU D 161 -20.46 19.90 -6.80
N LYS D 162 -21.04 20.03 -5.63
CA LYS D 162 -20.39 20.79 -4.56
C LYS D 162 -19.08 20.15 -4.15
N SER D 163 -19.03 18.84 -4.18
CA SER D 163 -17.87 18.05 -3.79
C SER D 163 -17.32 17.33 -4.99
N GLN D 164 -17.11 18.09 -6.04
CA GLN D 164 -16.69 17.56 -7.32
C GLN D 164 -15.36 16.86 -7.32
N GLU D 165 -14.39 17.31 -6.56
CA GLU D 165 -13.12 16.63 -6.66
C GLU D 165 -13.21 15.23 -6.11
N LEU D 166 -13.91 15.11 -5.01
CA LEU D 166 -14.08 13.82 -4.40
C LEU D 166 -14.87 12.95 -5.31
N PHE D 167 -15.89 13.50 -5.95
CA PHE D 167 -16.68 12.71 -6.84
C PHE D 167 -15.81 12.03 -7.85
N ASP D 168 -14.91 12.77 -8.45
CA ASP D 168 -14.09 12.15 -9.45
C ASP D 168 -13.15 11.12 -8.87
N GLU D 169 -12.62 11.36 -7.68
CA GLU D 169 -11.75 10.34 -7.10
C GLU D 169 -12.50 9.04 -6.89
N ILE D 170 -13.73 9.15 -6.43
CA ILE D 170 -14.49 7.97 -6.19
C ILE D 170 -14.76 7.26 -7.47
N ARG D 171 -15.13 8.00 -8.49
CA ARG D 171 -15.40 7.38 -9.76
C ARG D 171 -14.21 6.57 -10.20
N MET D 172 -13.01 7.10 -10.04
CA MET D 172 -11.87 6.32 -10.46
C MET D 172 -11.70 5.06 -9.68
N THR D 173 -12.06 5.09 -8.42
CA THR D 173 -11.91 3.90 -7.62
C THR D 173 -12.74 2.80 -8.18
N TYR D 174 -13.97 3.12 -8.51
CA TYR D 174 -14.82 2.06 -8.99
C TYR D 174 -14.44 1.64 -10.38
N ILE D 175 -13.86 2.54 -11.16
CA ILE D 175 -13.43 2.11 -12.47
C ILE D 175 -12.36 1.08 -12.33
N LYS D 176 -11.42 1.28 -11.45
CA LYS D 176 -10.40 0.27 -11.30
C LYS D 176 -10.96 -1.07 -10.88
N GLU D 177 -11.97 -1.05 -10.01
CA GLU D 177 -12.53 -2.29 -9.54
C GLU D 177 -13.16 -3.06 -10.65
N LEU D 178 -13.72 -2.36 -11.63
CA LEU D 178 -14.32 -3.05 -12.74
C LEU D 178 -13.26 -3.84 -13.45
N GLY D 179 -12.11 -3.17 -13.50
CA GLY D 179 -11.15 -3.69 -14.41
C GLY D 179 -10.73 -4.99 -13.74
N LYS D 180 -10.56 -4.95 -12.42
CA LYS D 180 -10.13 -6.15 -11.72
C LYS D 180 -11.06 -7.33 -11.93
N ALA D 181 -12.36 -7.05 -11.95
CA ALA D 181 -13.38 -8.08 -12.14
C ALA D 181 -13.27 -8.70 -13.51
N ILE D 182 -12.75 -7.94 -14.45
CA ILE D 182 -12.60 -8.40 -15.81
C ILE D 182 -11.36 -9.23 -15.93
N VAL D 183 -10.31 -8.74 -15.37
CA VAL D 183 -9.02 -9.35 -15.48
C VAL D 183 -8.99 -10.73 -14.90
N LYS D 184 -9.65 -10.91 -13.78
CA LYS D 184 -9.68 -12.20 -13.14
C LYS D 184 -10.37 -13.29 -13.96
N ARG D 185 -11.03 -12.93 -15.06
CA ARG D 185 -11.67 -13.92 -15.92
C ARG D 185 -10.63 -14.65 -16.75
N GLU D 186 -9.39 -14.16 -16.72
CA GLU D 186 -8.22 -14.66 -17.41
C GLU D 186 -8.32 -14.45 -18.93
N GLY D 187 -7.29 -14.84 -19.68
CA GLY D 187 -7.30 -14.63 -21.11
C GLY D 187 -6.23 -13.62 -21.49
N ASN D 188 -6.15 -13.33 -22.76
CA ASN D 188 -5.14 -12.46 -23.29
C ASN D 188 -5.40 -11.06 -22.83
N SER D 189 -4.34 -10.27 -22.67
CA SER D 189 -4.55 -8.90 -22.25
C SER D 189 -5.42 -8.15 -23.22
N SER D 190 -5.36 -8.49 -24.49
CA SER D 190 -6.16 -7.82 -25.48
C SER D 190 -7.61 -8.18 -25.31
N GLN D 191 -7.88 -9.32 -24.69
CA GLN D 191 -9.22 -9.78 -24.49
C GLN D 191 -9.77 -9.07 -23.29
N ASN D 192 -8.89 -8.73 -22.36
CA ASN D 192 -9.34 -8.03 -21.19
C ASN D 192 -9.68 -6.64 -21.62
N TRP D 193 -8.94 -6.11 -22.57
CA TRP D 193 -9.26 -4.80 -23.05
C TRP D 193 -10.48 -4.83 -23.93
N GLN D 194 -10.71 -5.90 -24.68
CA GLN D 194 -11.93 -5.95 -25.47
C GLN D 194 -13.11 -6.03 -24.55
N ARG D 195 -12.99 -6.81 -23.51
CA ARG D 195 -14.12 -6.98 -22.66
C ARG D 195 -14.43 -5.72 -21.96
N PHE D 196 -13.40 -4.95 -21.62
CA PHE D 196 -13.57 -3.68 -20.95
C PHE D 196 -14.45 -2.83 -21.83
N TYR D 197 -14.04 -2.92 -23.08
CA TYR D 197 -14.49 -1.94 -24.02
C TYR D 197 -15.97 -2.17 -24.15
N GLN D 198 -16.33 -3.43 -24.35
CA GLN D 198 -17.69 -3.85 -24.59
C GLN D 198 -18.62 -3.58 -23.43
N LEU D 199 -18.14 -3.74 -22.21
CA LEU D 199 -18.97 -3.50 -21.05
C LEU D 199 -19.14 -2.04 -20.91
N THR D 200 -18.12 -1.32 -21.26
CA THR D 200 -18.14 0.10 -21.17
C THR D 200 -19.16 0.64 -22.16
N LYS D 201 -19.20 0.06 -23.34
CA LYS D 201 -20.15 0.47 -24.34
C LYS D 201 -21.55 0.21 -23.83
N LEU D 202 -21.72 -0.92 -23.14
CA LEU D 202 -23.03 -1.22 -22.61
C LEU D 202 -23.44 -0.15 -21.62
N LEU D 203 -22.55 0.29 -20.76
CA LEU D 203 -22.97 1.31 -19.83
C LEU D 203 -23.37 2.58 -20.54
N ASP D 204 -22.63 2.97 -21.55
CA ASP D 204 -22.99 4.21 -22.21
C ASP D 204 -24.35 4.10 -22.85
N SER D 205 -24.68 2.93 -23.35
CA SER D 205 -25.95 2.75 -24.04
C SER D 205 -27.14 2.88 -23.12
N MET D 206 -26.92 2.85 -21.82
CA MET D 206 -28.08 2.93 -20.99
C MET D 206 -28.57 4.31 -20.84
N HIS D 207 -27.83 5.28 -21.31
CA HIS D 207 -28.37 6.60 -21.18
C HIS D 207 -29.55 6.69 -22.12
N GLU D 208 -29.45 6.01 -23.25
CA GLU D 208 -30.49 5.99 -24.25
C GLU D 208 -31.69 5.23 -23.75
N VAL D 209 -31.41 4.16 -23.04
CA VAL D 209 -32.49 3.38 -22.51
C VAL D 209 -33.29 4.18 -21.54
N VAL D 210 -32.59 4.85 -20.65
CA VAL D 210 -33.24 5.62 -19.66
C VAL D 210 -33.98 6.76 -20.26
N GLU D 211 -33.39 7.45 -21.20
CA GLU D 211 -34.10 8.54 -21.77
C GLU D 211 -35.44 8.11 -22.29
N ASN D 212 -35.50 6.99 -22.97
CA ASN D 212 -36.78 6.62 -23.50
C ASN D 212 -37.75 6.23 -22.41
N LEU D 213 -37.26 5.56 -21.39
CA LEU D 213 -38.17 5.16 -20.35
C LEU D 213 -38.71 6.33 -19.59
N LEU D 214 -37.87 7.32 -19.34
CA LEU D 214 -38.33 8.48 -18.62
C LEU D 214 -39.34 9.24 -19.40
N ASN D 215 -39.14 9.34 -20.70
CA ASN D 215 -40.12 10.11 -21.42
C ASN D 215 -41.47 9.46 -21.23
N TYR D 216 -41.50 8.13 -21.28
CA TYR D 216 -42.75 7.47 -21.08
C TYR D 216 -43.27 7.72 -19.66
N CYS D 217 -42.39 7.60 -18.68
CA CYS D 217 -42.76 7.79 -17.29
C CYS D 217 -43.39 9.11 -17.03
N PHE D 218 -42.81 10.15 -17.54
CA PHE D 218 -43.32 11.46 -17.32
C PHE D 218 -44.69 11.55 -17.91
N GLN D 219 -44.90 10.97 -19.07
CA GLN D 219 -46.19 11.04 -19.68
C GLN D 219 -47.27 10.36 -18.85
N THR D 220 -46.99 9.20 -18.26
CA THR D 220 -48.06 8.56 -17.47
C THR D 220 -48.22 9.22 -16.14
N PHE D 221 -47.15 9.80 -15.65
CA PHE D 221 -47.18 10.49 -14.39
C PHE D 221 -48.09 11.68 -14.45
N LEU D 222 -47.91 12.46 -15.49
CA LEU D 222 -48.65 13.68 -15.68
C LEU D 222 -50.03 13.46 -16.26
N ASP D 223 -50.21 12.44 -17.08
CA ASP D 223 -51.51 12.29 -17.67
C ASP D 223 -52.41 11.51 -16.75
N LYS D 224 -53.22 12.27 -16.02
CA LYS D 224 -54.08 11.72 -14.98
C LYS D 224 -55.31 11.05 -15.55
N THR D 225 -55.41 11.03 -16.88
CA THR D 225 -56.48 10.35 -17.56
C THR D 225 -56.41 8.87 -17.21
N MET D 226 -55.20 8.34 -17.15
CA MET D 226 -55.02 6.93 -16.87
C MET D 226 -54.96 6.70 -15.38
N SER D 227 -55.53 5.59 -14.90
CA SER D 227 -55.51 5.29 -13.47
C SER D 227 -54.21 4.68 -13.00
N ILE D 228 -53.15 5.44 -13.15
CA ILE D 228 -51.83 4.97 -12.79
C ILE D 228 -51.37 5.71 -11.57
N GLU D 229 -51.23 4.99 -10.47
CA GLU D 229 -50.87 5.66 -9.24
C GLU D 229 -49.41 5.51 -8.93
N PHE D 230 -48.90 6.45 -8.14
CA PHE D 230 -47.51 6.45 -7.74
C PHE D 230 -47.43 6.58 -6.24
N PRO D 231 -46.39 6.05 -5.62
CA PRO D 231 -46.09 6.23 -4.24
C PRO D 231 -45.64 7.66 -4.16
N GLU D 232 -45.76 8.25 -3.00
CA GLU D 232 -45.39 9.64 -2.85
C GLU D 232 -43.95 9.90 -3.12
N MET D 233 -43.09 9.02 -2.64
CA MET D 233 -41.70 9.31 -2.84
C MET D 233 -41.35 9.44 -4.30
N LEU D 234 -41.83 8.52 -5.11
CA LEU D 234 -41.48 8.67 -6.50
C LEU D 234 -42.14 9.87 -7.04
N ALA D 235 -43.37 10.14 -6.65
CA ALA D 235 -44.00 11.28 -7.24
C ALA D 235 -43.18 12.54 -6.98
N GLU D 236 -42.60 12.65 -5.80
CA GLU D 236 -41.80 13.81 -5.46
C GLU D 236 -40.54 13.87 -6.31
N ILE D 237 -39.91 12.74 -6.50
CA ILE D 237 -38.70 12.68 -7.27
C ILE D 237 -38.96 13.03 -8.70
N ILE D 238 -40.04 12.50 -9.23
CA ILE D 238 -40.42 12.71 -10.59
C ILE D 238 -40.69 14.16 -10.79
N THR D 239 -41.43 14.75 -9.88
CA THR D 239 -41.77 16.14 -10.01
C THR D 239 -40.54 17.00 -10.06
N ASN D 240 -39.60 16.72 -9.20
CA ASN D 240 -38.41 17.53 -9.13
C ASN D 240 -37.48 17.33 -10.31
N GLN D 241 -37.46 16.13 -10.87
CA GLN D 241 -36.59 15.89 -12.00
C GLN D 241 -37.14 16.34 -13.32
N ILE D 242 -38.45 16.34 -13.50
CA ILE D 242 -38.94 16.74 -14.80
C ILE D 242 -38.40 18.08 -15.30
N PRO D 243 -38.43 19.18 -14.54
CA PRO D 243 -37.93 20.46 -14.97
C PRO D 243 -36.43 20.53 -15.12
N LYS D 244 -35.68 19.58 -14.58
CA LYS D 244 -34.24 19.71 -14.73
C LYS D 244 -33.87 19.01 -16.00
N TYR D 245 -34.53 17.90 -16.17
CA TYR D 245 -34.36 17.03 -17.28
C TYR D 245 -34.65 17.77 -18.54
N SER D 246 -35.79 18.43 -18.54
CA SER D 246 -36.31 19.13 -19.68
C SER D 246 -35.52 20.36 -20.06
N ASN D 247 -34.66 20.85 -19.19
CA ASN D 247 -33.92 22.05 -19.51
C ASN D 247 -32.52 21.72 -19.94
N GLY D 248 -32.20 20.43 -19.98
CA GLY D 248 -30.85 20.09 -20.35
C GLY D 248 -29.89 20.43 -19.22
N ASN D 249 -30.33 20.38 -17.97
CA ASN D 249 -29.44 20.78 -16.89
C ASN D 249 -28.61 19.63 -16.38
N ILE D 250 -28.79 18.48 -16.98
CA ILE D 250 -28.11 17.29 -16.57
C ILE D 250 -27.10 16.82 -17.61
N LYS D 251 -25.88 16.62 -17.15
CA LYS D 251 -24.79 16.16 -17.99
C LYS D 251 -24.59 14.67 -17.92
N LYS D 252 -24.56 14.05 -19.07
CA LYS D 252 -24.34 12.62 -19.17
C LYS D 252 -22.88 12.34 -19.34
N LEU D 253 -22.33 11.46 -18.54
CA LEU D 253 -20.93 11.16 -18.68
C LEU D 253 -20.78 9.89 -19.47
N LEU D 254 -19.85 9.93 -20.41
CA LEU D 254 -19.60 8.79 -21.25
C LEU D 254 -18.19 8.36 -21.17
N PHE D 255 -17.98 7.10 -21.34
CA PHE D 255 -16.63 6.61 -21.46
C PHE D 255 -16.15 6.76 -22.86
N HIS D 256 -17.05 6.52 -23.80
CA HIS D 256 -16.70 6.60 -25.19
C HIS D 256 -17.31 7.79 -25.85
N GLN D 257 -16.47 8.60 -26.45
CA GLN D 257 -17.01 9.76 -27.12
C GLN D 257 -17.27 9.31 -28.54
N LYS D 258 -18.35 9.82 -29.16
CA LYS D 258 -18.78 9.59 -30.54
C LYS D 258 -20.14 10.30 -30.71
#